data_1GL7
#
_entry.id   1GL7
#
_cell.length_a   152.700
_cell.length_b   152.700
_cell.length_c   252.100
_cell.angle_alpha   90.00
_cell.angle_beta   90.00
_cell.angle_gamma   120.00
#
_symmetry.space_group_name_H-M   'P 31 2 1'
#
loop_
_entity.id
_entity.type
_entity.pdbx_description
1 polymer 'CONJUGAL TRANSFER PROTEIN TRWB'
2 non-polymer 'PHOSPHOAMINOPHOSPHONIC ACID-ADENYLATE ESTER'
3 non-polymer 'CHLORIDE ION'
4 water water
#
_entity_poly.entity_id   1
_entity_poly.type   'polypeptide(L)'
_entity_poly.pdbx_seq_one_letter_code
;LNSVGQGEFGGAPFKRFLRGTRIVSGGKLKRMTREKAKQVTVAGVPMPRDAEPRHLLVNGATGTGKSVLLRELAYTGLLR
GDRMVIVDPNGDMLSKFGRDKDIILNPYDQRTKGWSFFNEIRNDYDWQRYALSVVPRGKTDEAEEWASYGRLLLRETAKK
LALIGTPSMRELFHWTTIATFDDLRGFLEGTLAESLFAGSNEASKALTSARFVLSDKLPEHVTMPDGDFSIRSWLEDPNG
GNLFITWREDMGPALRPLISAWVDVVCTSILSLPEEPKRRLWLFIDELASLEKLASLADALTKGRKAGLRVVAGLQSTSQ
LDDVYGVKEAQTLRASFRSLVVLGGSRTDPKTNEDMSLSLGEHEVERDRYSKNTGKHHSTGRALERVRERVVMPAEIANL
PDLTAYVGFAGNRPIAKVPLEIKQFANRQPAFVEGTI
;
_entity_poly.pdbx_strand_id   A,B,D,E,F,G
#
loop_
_chem_comp.id
_chem_comp.type
_chem_comp.name
_chem_comp.formula
ANP non-polymer 'PHOSPHOAMINOPHOSPHONIC ACID-ADENYLATE ESTER' 'C10 H17 N6 O12 P3'
CL non-polymer 'CHLORIDE ION' 'Cl -1'
#
# COMPACT_ATOMS: atom_id res chain seq x y z
N GLU A 8 6.56 -22.12 -36.46
CA GLU A 8 6.09 -20.87 -37.15
C GLU A 8 5.79 -19.75 -36.16
N PHE A 9 5.86 -18.51 -36.66
CA PHE A 9 5.61 -17.31 -35.87
C PHE A 9 4.19 -16.80 -36.15
N GLY A 10 3.45 -16.49 -35.09
CA GLY A 10 2.08 -16.03 -35.24
C GLY A 10 1.89 -14.75 -36.04
N GLY A 11 2.74 -13.75 -35.78
CA GLY A 11 2.64 -12.49 -36.49
C GLY A 11 3.11 -12.54 -37.93
N ALA A 12 3.31 -11.36 -38.52
CA ALA A 12 3.75 -11.24 -39.91
C ALA A 12 5.16 -11.78 -40.14
N PRO A 13 5.35 -12.60 -41.20
CA PRO A 13 6.67 -13.15 -41.49
C PRO A 13 7.58 -11.96 -41.71
N PHE A 14 8.85 -12.15 -41.41
CA PHE A 14 9.79 -11.05 -41.54
C PHE A 14 10.93 -11.39 -42.45
N LYS A 15 11.74 -10.38 -42.70
CA LYS A 15 12.91 -10.52 -43.55
C LYS A 15 14.18 -10.88 -42.77
N ARG A 16 14.23 -10.52 -41.49
CA ARG A 16 15.43 -10.81 -40.71
C ARG A 16 15.26 -10.67 -39.19
N PHE A 17 15.75 -11.68 -38.48
CA PHE A 17 15.68 -11.70 -37.02
C PHE A 17 16.92 -11.03 -36.46
N LEU A 18 16.71 -10.08 -35.56
CA LEU A 18 17.83 -9.36 -34.96
C LEU A 18 18.24 -9.95 -33.62
N ARG A 19 17.40 -9.77 -32.61
CA ARG A 19 17.73 -10.28 -31.28
C ARG A 19 16.48 -10.66 -30.50
N GLY A 20 16.70 -11.29 -29.36
CA GLY A 20 15.57 -11.68 -28.53
C GLY A 20 15.16 -13.13 -28.62
N THR A 21 13.91 -13.39 -28.25
CA THR A 21 13.38 -14.73 -28.26
C THR A 21 13.10 -15.19 -29.69
N ARG A 22 13.41 -16.44 -29.96
CA ARG A 22 13.15 -17.01 -31.26
C ARG A 22 12.26 -18.23 -31.11
N ILE A 23 11.22 -18.29 -31.92
CA ILE A 23 10.33 -19.43 -31.86
C ILE A 23 10.61 -20.26 -33.09
N VAL A 24 10.50 -21.57 -32.92
CA VAL A 24 10.76 -22.51 -33.99
C VAL A 24 9.63 -23.55 -34.02
N SER A 25 9.57 -24.32 -35.11
CA SER A 25 8.54 -25.35 -35.28
C SER A 25 8.74 -26.49 -34.29
N GLY A 26 7.63 -27.16 -33.94
CA GLY A 26 7.71 -28.28 -33.02
C GLY A 26 8.85 -29.19 -33.41
N GLY A 27 8.76 -29.73 -34.62
CA GLY A 27 9.79 -30.64 -35.12
C GLY A 27 11.18 -30.03 -35.08
N LYS A 28 11.32 -28.83 -35.63
CA LYS A 28 12.61 -28.16 -35.65
C LYS A 28 13.22 -28.22 -34.25
N LEU A 29 12.40 -27.87 -33.26
CA LEU A 29 12.84 -27.89 -31.87
C LEU A 29 13.26 -29.29 -31.48
N LYS A 30 12.33 -30.24 -31.66
CA LYS A 30 12.55 -31.64 -31.33
C LYS A 30 13.91 -32.18 -31.78
N ARG A 31 14.35 -31.75 -32.95
CA ARG A 31 15.64 -32.19 -33.46
C ARG A 31 16.72 -31.50 -32.65
N MET A 32 16.63 -30.18 -32.59
CA MET A 32 17.59 -29.37 -31.87
C MET A 32 17.89 -29.90 -30.48
N THR A 33 16.84 -30.20 -29.71
CA THR A 33 17.01 -30.69 -28.34
C THR A 33 17.39 -32.15 -28.19
N ARG A 34 17.21 -32.94 -29.25
CA ARG A 34 17.56 -34.36 -29.14
C ARG A 34 19.03 -34.55 -28.85
N GLU A 35 19.30 -35.41 -27.86
CA GLU A 35 20.67 -35.70 -27.42
C GLU A 35 21.06 -37.17 -27.52
N LYS A 36 22.34 -37.42 -27.24
CA LYS A 36 22.93 -38.75 -27.29
C LYS A 36 22.23 -39.74 -26.38
N ALA A 37 22.40 -39.50 -25.09
CA ALA A 37 21.85 -40.35 -24.04
C ALA A 37 20.33 -40.40 -23.96
N LYS A 38 19.86 -41.20 -23.01
CA LYS A 38 18.43 -41.36 -22.78
C LYS A 38 17.89 -40.10 -22.14
N GLN A 39 16.90 -39.49 -22.77
CA GLN A 39 16.30 -38.27 -22.23
C GLN A 39 14.82 -38.48 -21.94
N VAL A 40 14.19 -37.48 -21.33
CA VAL A 40 12.76 -37.54 -21.04
C VAL A 40 12.06 -36.58 -21.99
N THR A 41 10.75 -36.69 -22.11
CA THR A 41 10.04 -35.79 -23.00
C THR A 41 9.00 -34.92 -22.32
N VAL A 42 8.86 -33.74 -22.90
CA VAL A 42 7.92 -32.75 -22.44
C VAL A 42 7.06 -32.45 -23.66
N ALA A 43 5.82 -32.94 -23.61
CA ALA A 43 4.90 -32.76 -24.70
C ALA A 43 5.57 -33.29 -25.97
N GLY A 44 6.19 -34.45 -25.85
CA GLY A 44 6.84 -35.07 -26.98
C GLY A 44 8.21 -34.52 -27.31
N VAL A 45 8.60 -33.42 -26.67
CA VAL A 45 9.91 -32.85 -26.94
C VAL A 45 10.95 -33.35 -25.95
N PRO A 46 12.07 -33.85 -26.49
CA PRO A 46 13.16 -34.35 -25.66
C PRO A 46 13.80 -33.22 -24.87
N MET A 47 13.74 -33.34 -23.54
CA MET A 47 14.31 -32.32 -22.69
C MET A 47 15.81 -32.45 -22.53
N PRO A 48 16.54 -31.36 -22.82
CA PRO A 48 18.00 -31.26 -22.72
C PRO A 48 18.41 -31.76 -21.35
N ARG A 49 19.28 -32.77 -21.32
CA ARG A 49 19.73 -33.35 -20.07
C ARG A 49 20.13 -32.30 -19.03
N ASP A 50 20.83 -31.25 -19.46
CA ASP A 50 21.27 -30.21 -18.54
C ASP A 50 20.15 -29.35 -17.94
N ALA A 51 18.98 -29.37 -18.59
CA ALA A 51 17.84 -28.58 -18.14
C ALA A 51 17.00 -29.27 -17.06
N GLU A 52 17.32 -30.53 -16.78
CA GLU A 52 16.57 -31.31 -15.80
C GLU A 52 16.68 -30.86 -14.35
N PRO A 53 17.90 -30.58 -13.89
CA PRO A 53 18.06 -30.14 -12.49
C PRO A 53 17.83 -28.62 -12.36
N ARG A 54 17.35 -28.01 -13.44
CA ARG A 54 17.05 -26.59 -13.47
C ARG A 54 15.55 -26.41 -13.30
N HIS A 55 14.89 -27.55 -13.09
CA HIS A 55 13.47 -27.58 -12.86
C HIS A 55 12.61 -27.10 -14.00
N LEU A 56 11.38 -27.59 -13.94
CA LEU A 56 10.40 -27.29 -14.95
C LEU A 56 9.07 -26.88 -14.35
N LEU A 57 8.59 -25.75 -14.87
CA LEU A 57 7.36 -25.14 -14.44
C LEU A 57 6.27 -25.27 -15.48
N VAL A 58 5.18 -25.90 -15.09
CA VAL A 58 4.08 -26.08 -16.02
C VAL A 58 2.90 -25.21 -15.70
N ASN A 59 2.74 -24.15 -16.48
CA ASN A 59 1.62 -23.24 -16.25
C ASN A 59 0.54 -23.45 -17.28
N GLY A 60 -0.71 -23.50 -16.82
CA GLY A 60 -1.80 -23.69 -17.74
C GLY A 60 -3.12 -23.69 -16.99
N ALA A 61 -4.19 -23.41 -17.72
CA ALA A 61 -5.52 -23.39 -17.14
C ALA A 61 -5.95 -24.79 -16.80
N THR A 62 -7.14 -24.91 -16.24
CA THR A 62 -7.69 -26.19 -15.85
C THR A 62 -8.26 -27.00 -17.04
N GLY A 63 -7.76 -28.23 -17.21
CA GLY A 63 -8.22 -29.11 -18.27
C GLY A 63 -7.44 -28.99 -19.57
N THR A 64 -6.33 -28.26 -19.51
CA THR A 64 -5.49 -28.04 -20.67
C THR A 64 -4.48 -29.13 -20.97
N GLY A 65 -4.32 -30.09 -20.06
CA GLY A 65 -3.37 -31.15 -20.31
C GLY A 65 -2.20 -31.22 -19.34
N LYS A 66 -2.29 -30.48 -18.24
CA LYS A 66 -1.22 -30.50 -17.25
C LYS A 66 -0.90 -31.95 -16.90
N SER A 67 -1.95 -32.73 -16.64
CA SER A 67 -1.80 -34.13 -16.28
C SER A 67 -1.08 -34.89 -17.39
N VAL A 68 -1.74 -34.95 -18.54
CA VAL A 68 -1.21 -35.61 -19.72
C VAL A 68 0.29 -35.44 -19.78
N LEU A 69 0.73 -34.19 -19.67
CA LEU A 69 2.14 -33.85 -19.74
C LEU A 69 2.99 -34.42 -18.61
N LEU A 70 2.62 -34.12 -17.37
CA LEU A 70 3.36 -34.60 -16.20
C LEU A 70 3.39 -36.13 -16.14
N ARG A 71 2.33 -36.72 -16.67
CA ARG A 71 2.20 -38.16 -16.71
C ARG A 71 3.22 -38.68 -17.69
N GLU A 72 3.24 -38.09 -18.88
CA GLU A 72 4.20 -38.48 -19.90
C GLU A 72 5.60 -38.28 -19.32
N LEU A 73 5.83 -37.11 -18.73
CA LEU A 73 7.13 -36.79 -18.18
C LEU A 73 7.57 -37.88 -17.22
N ALA A 74 6.68 -38.25 -16.32
CA ALA A 74 7.00 -39.27 -15.32
C ALA A 74 7.36 -40.60 -15.98
N TYR A 75 6.47 -41.04 -16.87
CA TYR A 75 6.61 -42.31 -17.57
C TYR A 75 7.97 -42.45 -18.25
N THR A 76 8.30 -41.51 -19.12
CA THR A 76 9.56 -41.54 -19.83
C THR A 76 10.74 -41.57 -18.85
N GLY A 77 10.56 -40.93 -17.71
CA GLY A 77 11.63 -40.90 -16.73
C GLY A 77 11.82 -42.25 -16.08
N LEU A 78 10.72 -42.95 -15.86
CA LEU A 78 10.78 -44.27 -15.24
C LEU A 78 11.43 -45.27 -16.17
N LEU A 79 11.17 -45.14 -17.46
CA LEU A 79 11.75 -46.03 -18.46
C LEU A 79 13.26 -45.85 -18.46
N ARG A 80 13.72 -44.71 -17.96
CA ARG A 80 15.16 -44.45 -17.89
C ARG A 80 15.60 -44.86 -16.48
N GLY A 81 14.63 -45.31 -15.70
CA GLY A 81 14.89 -45.76 -14.34
C GLY A 81 15.19 -44.74 -13.27
N ASP A 82 14.75 -43.51 -13.43
CA ASP A 82 15.02 -42.51 -12.39
C ASP A 82 14.04 -42.72 -11.25
N ARG A 83 14.38 -42.23 -10.06
CA ARG A 83 13.47 -42.37 -8.92
C ARG A 83 12.65 -41.08 -8.81
N MET A 84 11.59 -41.13 -8.01
CA MET A 84 10.75 -39.94 -7.86
C MET A 84 9.73 -39.95 -6.74
N VAL A 85 9.35 -38.73 -6.34
CA VAL A 85 8.36 -38.48 -5.32
C VAL A 85 7.23 -37.82 -6.08
N ILE A 86 6.02 -38.22 -5.76
CA ILE A 86 4.90 -37.65 -6.49
C ILE A 86 3.73 -37.22 -5.62
N VAL A 87 3.52 -35.90 -5.54
CA VAL A 87 2.38 -35.41 -4.77
C VAL A 87 1.26 -35.81 -5.71
N ASP A 88 0.81 -37.06 -5.55
CA ASP A 88 -0.22 -37.60 -6.41
C ASP A 88 -1.61 -37.60 -5.79
N PRO A 89 -2.48 -36.73 -6.32
CA PRO A 89 -3.86 -36.57 -5.88
C PRO A 89 -4.72 -37.70 -6.43
N ASN A 90 -5.54 -38.28 -5.57
CA ASN A 90 -6.42 -39.40 -5.95
C ASN A 90 -5.63 -40.57 -6.49
N GLY A 91 -4.39 -40.71 -6.04
CA GLY A 91 -3.55 -41.81 -6.48
C GLY A 91 -3.61 -42.13 -7.96
N ASP A 92 -3.82 -41.12 -8.80
CA ASP A 92 -3.89 -41.36 -10.23
C ASP A 92 -2.55 -41.92 -10.73
N MET A 93 -1.47 -41.16 -10.51
CA MET A 93 -0.14 -41.58 -10.94
C MET A 93 0.19 -42.97 -10.43
N LEU A 94 -0.24 -43.25 -9.20
CA LEU A 94 0.00 -44.55 -8.58
C LEU A 94 -0.60 -45.73 -9.35
N SER A 95 -1.92 -45.72 -9.54
CA SER A 95 -2.63 -46.79 -10.23
C SER A 95 -2.07 -47.09 -11.61
N LYS A 96 -1.35 -46.13 -12.17
CA LYS A 96 -0.79 -46.32 -13.50
C LYS A 96 0.66 -46.74 -13.50
N PHE A 97 1.44 -46.20 -12.58
CA PHE A 97 2.87 -46.49 -12.53
C PHE A 97 3.39 -47.12 -11.25
N GLY A 98 2.51 -47.29 -10.27
CA GLY A 98 2.93 -47.90 -9.03
C GLY A 98 3.42 -49.33 -9.20
N ARG A 99 4.50 -49.65 -8.50
CA ARG A 99 5.04 -50.99 -8.53
C ARG A 99 5.02 -51.51 -7.10
N ASP A 100 5.25 -52.80 -6.94
CA ASP A 100 5.22 -53.43 -5.63
C ASP A 100 6.23 -52.85 -4.65
N LYS A 101 7.45 -52.61 -5.11
CA LYS A 101 8.48 -52.06 -4.25
C LYS A 101 8.33 -50.57 -3.95
N ASP A 102 7.30 -49.93 -4.48
CA ASP A 102 7.12 -48.51 -4.25
C ASP A 102 6.42 -48.17 -2.93
N ILE A 103 6.65 -46.95 -2.45
CA ILE A 103 6.10 -46.43 -1.18
C ILE A 103 4.80 -45.61 -1.29
N ILE A 104 3.98 -45.69 -0.24
CA ILE A 104 2.72 -44.97 -0.18
C ILE A 104 2.55 -44.22 1.13
N LEU A 105 2.21 -42.94 1.01
CA LEU A 105 1.98 -42.10 2.18
C LEU A 105 0.59 -41.55 2.06
N ASN A 106 -0.27 -42.05 2.92
CA ASN A 106 -1.67 -41.66 2.95
C ASN A 106 -2.29 -42.29 4.19
N PRO A 107 -2.48 -41.48 5.24
CA PRO A 107 -3.06 -41.92 6.50
C PRO A 107 -4.30 -42.82 6.38
N TYR A 108 -5.06 -42.65 5.31
CA TYR A 108 -6.28 -43.44 5.13
C TYR A 108 -6.19 -44.60 4.13
N ASP A 109 -4.97 -44.94 3.71
CA ASP A 109 -4.80 -46.04 2.75
C ASP A 109 -4.17 -47.25 3.40
N GLN A 110 -4.80 -48.40 3.20
CA GLN A 110 -4.34 -49.67 3.76
C GLN A 110 -2.84 -49.92 3.50
N ARG A 111 -2.35 -49.48 2.36
CA ARG A 111 -0.96 -49.68 1.99
C ARG A 111 0.05 -48.65 2.49
N THR A 112 -0.44 -47.57 3.10
CA THR A 112 0.46 -46.52 3.58
C THR A 112 1.51 -47.05 4.53
N LYS A 113 2.62 -46.33 4.69
CA LYS A 113 3.67 -46.73 5.60
C LYS A 113 3.39 -46.08 6.96
N GLY A 114 4.09 -46.54 7.99
CA GLY A 114 3.93 -45.97 9.32
C GLY A 114 4.98 -44.90 9.47
N TRP A 115 4.57 -43.68 9.79
CA TRP A 115 5.54 -42.61 9.91
C TRP A 115 5.23 -41.55 10.95
N SER A 116 6.30 -40.93 11.41
CA SER A 116 6.26 -39.84 12.38
C SER A 116 7.47 -38.97 12.03
N PHE A 117 7.40 -37.69 12.34
CA PHE A 117 8.53 -36.83 12.00
C PHE A 117 9.72 -37.23 12.85
N PHE A 118 9.44 -37.93 13.96
CA PHE A 118 10.50 -38.38 14.85
C PHE A 118 11.47 -39.21 14.01
N ASN A 119 10.90 -40.04 13.13
CA ASN A 119 11.65 -40.93 12.23
C ASN A 119 12.69 -40.26 11.34
N GLU A 120 12.84 -38.93 11.42
CA GLU A 120 13.83 -38.24 10.58
C GLU A 120 14.89 -37.50 11.39
N ILE A 121 14.72 -37.47 12.71
CA ILE A 121 15.67 -36.77 13.56
C ILE A 121 16.92 -37.60 13.72
N ARG A 122 18.07 -37.03 13.36
CA ARG A 122 19.29 -37.79 13.50
C ARG A 122 20.41 -37.03 14.20
N ASN A 123 20.25 -35.71 14.28
CA ASN A 123 21.20 -34.88 14.98
C ASN A 123 20.40 -33.84 15.76
N ASP A 124 21.08 -33.00 16.52
CA ASP A 124 20.34 -32.03 17.30
C ASP A 124 19.69 -30.97 16.42
N TYR A 125 20.45 -30.46 15.46
CA TYR A 125 19.91 -29.43 14.56
C TYR A 125 18.66 -29.89 13.80
N ASP A 126 18.49 -31.20 13.67
CA ASP A 126 17.34 -31.77 12.97
C ASP A 126 16.01 -31.39 13.60
N TRP A 127 16.03 -31.08 14.89
CA TRP A 127 14.81 -30.68 15.61
C TRP A 127 14.13 -29.47 14.99
N GLN A 128 14.82 -28.33 14.96
CA GLN A 128 14.25 -27.12 14.36
C GLN A 128 14.02 -27.32 12.85
N ARG A 129 14.96 -28.01 12.22
CA ARG A 129 14.90 -28.29 10.80
C ARG A 129 13.52 -28.78 10.36
N TYR A 130 13.01 -29.79 11.05
CA TYR A 130 11.72 -30.38 10.72
C TYR A 130 10.47 -29.75 11.36
N ALA A 131 10.64 -29.04 12.47
CA ALA A 131 9.49 -28.37 13.09
C ALA A 131 9.03 -27.38 12.01
N LEU A 132 9.99 -26.99 11.16
CA LEU A 132 9.77 -26.08 10.06
C LEU A 132 8.91 -26.73 8.96
N SER A 133 9.07 -28.04 8.77
CA SER A 133 8.30 -28.75 7.76
C SER A 133 6.92 -29.10 8.32
N VAL A 134 6.88 -29.28 9.64
CA VAL A 134 5.65 -29.61 10.35
C VAL A 134 4.76 -28.41 10.43
N VAL A 135 5.40 -27.30 10.78
CA VAL A 135 4.70 -26.04 10.92
C VAL A 135 5.16 -25.06 9.86
N PRO A 136 4.60 -25.16 8.64
CA PRO A 136 4.98 -24.27 7.52
C PRO A 136 5.01 -22.77 7.86
N ARG A 137 5.50 -21.98 6.91
CA ARG A 137 5.61 -20.54 7.07
C ARG A 137 4.26 -19.90 7.20
N GLY A 138 4.18 -18.87 8.03
CA GLY A 138 2.92 -18.17 8.22
C GLY A 138 2.62 -17.27 7.03
N LYS A 139 1.36 -17.28 6.58
CA LYS A 139 0.93 -16.48 5.45
C LYS A 139 1.27 -15.01 5.66
N THR A 140 0.96 -14.48 6.85
CA THR A 140 1.25 -13.08 7.20
C THR A 140 2.41 -13.03 8.17
N ASP A 141 2.94 -11.84 8.36
CA ASP A 141 4.04 -11.65 9.29
C ASP A 141 3.58 -12.13 10.65
N GLU A 142 2.44 -11.61 11.07
CA GLU A 142 1.84 -11.98 12.34
C GLU A 142 1.70 -13.48 12.44
N ALA A 143 1.06 -14.05 11.41
CA ALA A 143 0.84 -15.48 11.32
C ALA A 143 2.12 -16.27 11.55
N GLU A 144 3.20 -15.82 10.92
CA GLU A 144 4.50 -16.46 11.05
C GLU A 144 5.02 -16.38 12.48
N GLU A 145 4.76 -15.24 13.12
CA GLU A 145 5.18 -15.04 14.49
C GLU A 145 4.65 -16.18 15.34
N TRP A 146 3.34 -16.38 15.29
CA TRP A 146 2.67 -17.45 16.02
C TRP A 146 3.28 -18.78 15.65
N ALA A 147 3.51 -18.93 14.35
CA ALA A 147 4.11 -20.13 13.79
C ALA A 147 5.39 -20.38 14.55
N SER A 148 6.20 -19.34 14.65
CA SER A 148 7.48 -19.39 15.34
C SER A 148 7.34 -20.01 16.72
N TYR A 149 6.48 -19.40 17.53
CA TYR A 149 6.23 -19.87 18.90
C TYR A 149 5.82 -21.32 18.87
N GLY A 150 5.00 -21.68 17.90
CA GLY A 150 4.57 -23.06 17.78
C GLY A 150 5.75 -24.02 17.61
N ARG A 151 6.69 -23.68 16.74
CA ARG A 151 7.82 -24.55 16.49
C ARG A 151 8.65 -24.73 17.72
N LEU A 152 8.78 -23.65 18.49
CA LEU A 152 9.54 -23.68 19.74
C LEU A 152 8.94 -24.76 20.63
N LEU A 153 7.66 -24.58 20.93
CA LEU A 153 6.90 -25.48 21.77
C LEU A 153 7.07 -26.89 21.22
N LEU A 154 6.88 -27.02 19.92
CA LEU A 154 7.01 -28.30 19.27
C LEU A 154 8.39 -28.94 19.53
N ARG A 155 9.44 -28.27 19.08
CA ARG A 155 10.78 -28.80 19.22
C ARG A 155 11.23 -29.18 20.63
N GLU A 156 11.06 -28.29 21.59
CA GLU A 156 11.46 -28.59 22.95
C GLU A 156 10.69 -29.77 23.54
N THR A 157 9.37 -29.76 23.37
CA THR A 157 8.53 -30.82 23.89
C THR A 157 8.89 -32.16 23.27
N ALA A 158 8.99 -32.16 21.95
CA ALA A 158 9.31 -33.36 21.21
C ALA A 158 10.68 -33.87 21.61
N LYS A 159 11.59 -32.93 21.86
CA LYS A 159 12.95 -33.30 22.26
C LYS A 159 12.89 -34.05 23.59
N LYS A 160 12.14 -33.51 24.55
CA LYS A 160 11.98 -34.10 25.88
C LYS A 160 11.39 -35.50 25.80
N LEU A 161 10.20 -35.62 25.19
CA LEU A 161 9.53 -36.91 25.04
C LEU A 161 10.51 -37.93 24.49
N ALA A 162 11.36 -37.48 23.58
CA ALA A 162 12.37 -38.33 22.95
C ALA A 162 13.35 -38.77 24.02
N LEU A 163 13.90 -37.78 24.73
CA LEU A 163 14.87 -38.00 25.80
C LEU A 163 14.39 -39.05 26.78
N ILE A 164 13.15 -38.91 27.22
CA ILE A 164 12.56 -39.82 28.18
C ILE A 164 12.03 -41.11 27.56
N GLY A 165 12.55 -41.43 26.37
CA GLY A 165 12.16 -42.65 25.68
C GLY A 165 10.71 -42.86 25.30
N THR A 166 9.93 -41.79 25.18
CA THR A 166 8.52 -41.90 24.79
C THR A 166 8.15 -40.98 23.62
N PRO A 167 8.81 -41.18 22.46
CA PRO A 167 8.52 -40.36 21.28
C PRO A 167 7.12 -40.63 20.74
N SER A 168 6.11 -40.34 21.57
CA SER A 168 4.73 -40.55 21.18
C SER A 168 4.07 -39.29 20.64
N MET A 169 3.49 -39.42 19.46
CA MET A 169 2.80 -38.33 18.80
C MET A 169 1.58 -37.93 19.61
N ARG A 170 0.85 -38.94 20.09
CA ARG A 170 -0.34 -38.68 20.87
C ARG A 170 0.04 -37.97 22.15
N GLU A 171 1.21 -38.33 22.70
CA GLU A 171 1.69 -37.70 23.91
C GLU A 171 1.97 -36.24 23.61
N LEU A 172 2.77 -36.03 22.58
CA LEU A 172 3.14 -34.70 22.12
C LEU A 172 1.89 -33.84 21.92
N PHE A 173 0.90 -34.41 21.23
CA PHE A 173 -0.34 -33.67 20.99
C PHE A 173 -1.03 -33.34 22.29
N HIS A 174 -1.14 -34.33 23.16
CA HIS A 174 -1.78 -34.13 24.46
C HIS A 174 -1.17 -32.91 25.09
N TRP A 175 0.12 -33.03 25.39
CA TRP A 175 0.88 -31.98 26.02
C TRP A 175 0.62 -30.62 25.40
N THR A 176 0.93 -30.49 24.11
CA THR A 176 0.77 -29.22 23.39
C THR A 176 -0.63 -28.64 23.16
N THR A 177 -1.70 -29.41 23.32
CA THR A 177 -3.03 -28.84 23.09
C THR A 177 -4.08 -29.27 24.11
N ILE A 178 -3.75 -30.27 24.91
CA ILE A 178 -4.67 -30.82 25.90
C ILE A 178 -4.29 -30.52 27.35
N ALA A 179 -3.05 -30.81 27.71
CA ALA A 179 -2.58 -30.57 29.07
C ALA A 179 -2.89 -29.14 29.50
N THR A 180 -3.10 -28.94 30.81
CA THR A 180 -3.40 -27.60 31.32
C THR A 180 -2.16 -26.71 31.21
N PHE A 181 -2.39 -25.41 31.18
CA PHE A 181 -1.31 -24.45 31.06
C PHE A 181 -0.18 -24.79 32.04
N ASP A 182 -0.55 -24.87 33.31
CA ASP A 182 0.39 -25.15 34.37
C ASP A 182 1.12 -26.49 34.18
N ASP A 183 0.36 -27.53 33.88
CA ASP A 183 0.93 -28.85 33.66
C ASP A 183 2.00 -28.79 32.58
N LEU A 184 1.63 -28.20 31.44
CA LEU A 184 2.55 -28.07 30.32
C LEU A 184 3.78 -27.32 30.83
N ARG A 185 3.52 -26.16 31.44
CA ARG A 185 4.58 -25.33 31.98
C ARG A 185 5.56 -26.21 32.76
N GLY A 186 5.02 -27.03 33.66
CA GLY A 186 5.85 -27.91 34.44
C GLY A 186 6.71 -28.79 33.55
N PHE A 187 6.05 -29.57 32.70
CA PHE A 187 6.73 -30.49 31.80
C PHE A 187 7.92 -29.81 31.12
N LEU A 188 7.74 -28.55 30.73
CA LEU A 188 8.78 -27.79 30.06
C LEU A 188 10.00 -27.45 30.90
N GLU A 189 9.84 -27.55 32.21
CA GLU A 189 10.95 -27.28 33.09
C GLU A 189 12.10 -28.18 32.66
N GLY A 190 13.30 -27.62 32.66
CA GLY A 190 14.46 -28.39 32.25
C GLY A 190 14.74 -28.18 30.77
N THR A 191 13.70 -27.88 30.00
CA THR A 191 13.85 -27.65 28.56
C THR A 191 14.13 -26.18 28.31
N LEU A 192 14.81 -25.89 27.19
CA LEU A 192 15.16 -24.53 26.80
C LEU A 192 13.98 -23.55 26.88
N ALA A 193 12.79 -24.09 26.62
CA ALA A 193 11.57 -23.31 26.63
C ALA A 193 11.01 -23.07 28.03
N GLU A 194 11.59 -23.72 29.03
CA GLU A 194 11.10 -23.55 30.39
C GLU A 194 10.84 -22.07 30.73
N SER A 195 11.86 -21.22 30.60
CA SER A 195 11.67 -19.81 30.92
C SER A 195 10.92 -18.99 29.85
N LEU A 196 11.40 -19.06 28.61
CA LEU A 196 10.80 -18.31 27.50
C LEU A 196 9.26 -18.12 27.52
N PHE A 197 8.53 -19.18 27.83
CA PHE A 197 7.08 -19.09 27.85
C PHE A 197 6.47 -18.67 29.18
N ALA A 198 7.21 -17.91 29.98
CA ALA A 198 6.69 -17.48 31.27
C ALA A 198 7.34 -16.20 31.78
N GLY A 199 6.65 -15.49 32.68
CA GLY A 199 7.20 -14.28 33.23
C GLY A 199 6.44 -13.01 32.95
N SER A 200 5.51 -13.04 32.00
CA SER A 200 4.71 -11.86 31.68
C SER A 200 3.49 -12.29 30.88
N ASN A 201 2.60 -11.34 30.64
CA ASN A 201 1.39 -11.64 29.89
C ASN A 201 1.79 -11.97 28.45
N GLU A 202 2.79 -11.26 27.94
CA GLU A 202 3.28 -11.48 26.59
C GLU A 202 3.76 -12.92 26.44
N ALA A 203 4.52 -13.40 27.43
CA ALA A 203 5.00 -14.78 27.40
C ALA A 203 3.80 -15.71 27.32
N SER A 204 2.79 -15.48 28.15
CA SER A 204 1.58 -16.33 28.14
C SER A 204 0.87 -16.30 26.80
N LYS A 205 0.71 -15.11 26.23
CA LYS A 205 0.08 -14.97 24.93
C LYS A 205 0.84 -15.81 23.92
N ALA A 206 2.14 -15.58 23.83
CA ALA A 206 3.02 -16.31 22.93
C ALA A 206 2.70 -17.80 23.02
N LEU A 207 2.55 -18.29 24.26
CA LEU A 207 2.25 -19.69 24.52
C LEU A 207 0.90 -20.10 23.92
N THR A 208 -0.15 -19.34 24.24
CA THR A 208 -1.48 -19.65 23.72
C THR A 208 -1.44 -19.70 22.19
N SER A 209 -0.62 -18.84 21.60
CA SER A 209 -0.47 -18.83 20.16
C SER A 209 0.08 -20.18 19.69
N ALA A 210 1.23 -20.58 20.24
CA ALA A 210 1.85 -21.84 19.89
C ALA A 210 0.81 -22.96 19.97
N ARG A 211 0.05 -22.97 21.06
CA ARG A 211 -1.02 -23.96 21.28
C ARG A 211 -1.89 -24.13 20.05
N PHE A 212 -2.59 -23.05 19.73
CA PHE A 212 -3.48 -23.04 18.58
C PHE A 212 -2.79 -23.57 17.35
N VAL A 213 -1.61 -23.02 17.06
CA VAL A 213 -0.85 -23.44 15.89
C VAL A 213 -0.82 -24.96 15.80
N LEU A 214 -0.13 -25.55 16.76
CA LEU A 214 0.00 -26.99 16.83
C LEU A 214 -1.35 -27.68 16.78
N SER A 215 -2.36 -27.08 17.41
CA SER A 215 -3.69 -27.68 17.43
C SER A 215 -4.24 -27.78 16.01
N ASP A 216 -3.70 -26.93 15.14
CA ASP A 216 -4.14 -26.92 13.77
C ASP A 216 -3.34 -27.85 12.90
N LYS A 217 -2.03 -27.85 13.08
CA LYS A 217 -1.15 -28.68 12.28
C LYS A 217 -1.15 -30.18 12.60
N LEU A 218 -0.93 -30.48 13.88
CA LEU A 218 -0.82 -31.84 14.37
C LEU A 218 -1.93 -32.90 14.24
N PRO A 219 -3.21 -32.52 14.37
CA PRO A 219 -4.27 -33.52 14.26
C PRO A 219 -4.00 -34.70 13.33
N GLU A 220 -3.67 -34.39 12.08
CA GLU A 220 -3.39 -35.43 11.10
C GLU A 220 -2.19 -36.30 11.41
N HIS A 221 -1.11 -35.66 11.85
CA HIS A 221 0.13 -36.35 12.20
C HIS A 221 -0.12 -37.39 13.30
N VAL A 222 -1.08 -37.11 14.17
CA VAL A 222 -1.43 -38.02 15.26
C VAL A 222 -2.17 -39.23 14.72
N THR A 223 -3.37 -38.98 14.20
CA THR A 223 -4.21 -40.02 13.64
C THR A 223 -3.54 -40.76 12.48
N MET A 224 -2.27 -40.44 12.23
CA MET A 224 -1.53 -41.09 11.16
C MET A 224 -0.99 -42.42 11.66
N PRO A 225 -1.11 -43.48 10.84
CA PRO A 225 -0.63 -44.84 11.17
C PRO A 225 0.85 -44.77 11.48
N ASP A 226 1.27 -45.32 12.63
CA ASP A 226 2.69 -45.23 12.91
C ASP A 226 3.50 -46.43 12.48
N GLY A 227 4.77 -46.15 12.23
CA GLY A 227 5.72 -47.14 11.79
C GLY A 227 7.07 -46.47 11.91
N ASP A 228 8.10 -47.08 11.35
CA ASP A 228 9.44 -46.55 11.45
C ASP A 228 9.94 -45.96 10.14
N PHE A 229 9.06 -45.91 9.13
CA PHE A 229 9.46 -45.39 7.83
C PHE A 229 10.17 -44.05 7.95
N SER A 230 11.27 -43.91 7.21
CA SER A 230 12.03 -42.67 7.22
C SER A 230 12.29 -42.19 5.80
N ILE A 231 11.66 -41.09 5.44
CA ILE A 231 11.83 -40.50 4.11
C ILE A 231 13.32 -40.33 3.87
N ARG A 232 14.06 -39.99 4.93
CA ARG A 232 15.50 -39.81 4.82
C ARG A 232 16.18 -41.09 4.35
N SER A 233 15.99 -42.15 5.14
CA SER A 233 16.58 -43.44 4.84
C SER A 233 16.15 -43.91 3.47
N TRP A 234 14.86 -43.72 3.18
CA TRP A 234 14.29 -44.13 1.90
C TRP A 234 15.10 -43.52 0.77
N LEU A 235 15.42 -42.23 0.93
CA LEU A 235 16.19 -41.51 -0.07
C LEU A 235 17.56 -42.13 -0.25
N GLU A 236 18.18 -42.48 0.88
CA GLU A 236 19.50 -43.07 0.88
C GLU A 236 19.57 -44.48 0.29
N ASP A 237 18.49 -45.23 0.39
CA ASP A 237 18.44 -46.58 -0.14
C ASP A 237 18.18 -46.54 -1.65
N PRO A 238 19.19 -46.93 -2.46
CA PRO A 238 19.08 -46.94 -3.92
C PRO A 238 17.95 -47.83 -4.45
N ASN A 239 17.80 -49.00 -3.85
CA ASN A 239 16.74 -49.93 -4.26
C ASN A 239 15.44 -49.51 -3.59
N GLY A 240 15.45 -48.30 -3.02
CA GLY A 240 14.28 -47.78 -2.33
C GLY A 240 12.97 -47.76 -3.13
N GLY A 241 13.06 -47.47 -4.43
CA GLY A 241 11.87 -47.43 -5.24
C GLY A 241 11.32 -46.02 -5.35
N ASN A 242 10.00 -45.90 -5.41
CA ASN A 242 9.38 -44.58 -5.53
C ASN A 242 8.45 -44.27 -4.37
N LEU A 243 8.10 -42.99 -4.26
CA LEU A 243 7.24 -42.55 -3.19
C LEU A 243 6.06 -41.78 -3.77
N PHE A 244 4.87 -42.26 -3.45
CA PHE A 244 3.65 -41.61 -3.91
C PHE A 244 2.91 -41.04 -2.73
N ILE A 245 2.73 -39.72 -2.70
CA ILE A 245 1.98 -39.10 -1.61
C ILE A 245 0.60 -38.93 -2.20
N THR A 246 -0.35 -39.70 -1.69
CA THR A 246 -1.72 -39.67 -2.21
C THR A 246 -2.77 -39.30 -1.19
N TRP A 247 -3.96 -38.96 -1.68
CA TRP A 247 -5.08 -38.60 -0.82
C TRP A 247 -6.38 -38.42 -1.62
N ARG A 248 -7.50 -38.47 -0.91
CA ARG A 248 -8.82 -38.30 -1.52
C ARG A 248 -9.17 -36.81 -1.54
N GLU A 249 -9.48 -36.31 -2.73
CA GLU A 249 -9.80 -34.90 -2.92
C GLU A 249 -10.75 -34.25 -1.93
N ASP A 250 -11.76 -34.97 -1.47
CA ASP A 250 -12.71 -34.37 -0.52
C ASP A 250 -12.05 -34.12 0.84
N MET A 251 -10.79 -34.55 0.98
CA MET A 251 -10.04 -34.36 2.21
C MET A 251 -8.77 -33.53 2.04
N GLY A 252 -8.56 -33.04 0.81
CA GLY A 252 -7.38 -32.24 0.51
C GLY A 252 -7.04 -31.15 1.51
N PRO A 253 -8.05 -30.34 1.91
CA PRO A 253 -7.80 -29.27 2.88
C PRO A 253 -7.32 -29.83 4.21
N ALA A 254 -7.93 -30.94 4.63
CA ALA A 254 -7.56 -31.59 5.88
C ALA A 254 -6.10 -32.05 5.88
N LEU A 255 -5.62 -32.51 4.74
CA LEU A 255 -4.26 -33.03 4.64
C LEU A 255 -3.19 -32.03 4.20
N ARG A 256 -3.63 -30.89 3.73
CA ARG A 256 -2.71 -29.87 3.24
C ARG A 256 -1.47 -29.65 4.13
N PRO A 257 -1.67 -29.57 5.44
CA PRO A 257 -0.52 -29.37 6.35
C PRO A 257 0.39 -30.60 6.41
N LEU A 258 -0.24 -31.78 6.41
CA LEU A 258 0.51 -33.01 6.47
C LEU A 258 1.38 -33.15 5.23
N ILE A 259 0.72 -33.17 4.08
CA ILE A 259 1.40 -33.30 2.80
C ILE A 259 2.49 -32.25 2.63
N SER A 260 2.14 -31.00 2.89
CA SER A 260 3.10 -29.92 2.75
C SER A 260 4.30 -30.27 3.62
N ALA A 261 4.01 -30.88 4.76
CA ALA A 261 5.07 -31.30 5.66
C ALA A 261 5.97 -32.26 4.89
N TRP A 262 5.38 -33.37 4.42
CA TRP A 262 6.08 -34.37 3.64
C TRP A 262 6.91 -33.74 2.53
N VAL A 263 6.23 -33.08 1.60
CA VAL A 263 6.92 -32.43 0.50
C VAL A 263 8.10 -31.62 0.97
N ASP A 264 7.89 -30.89 2.05
CA ASP A 264 8.97 -30.06 2.57
C ASP A 264 10.12 -30.91 3.07
N VAL A 265 9.80 -31.94 3.83
CA VAL A 265 10.82 -32.84 4.36
C VAL A 265 11.79 -33.18 3.26
N VAL A 266 11.25 -33.74 2.19
CA VAL A 266 12.05 -34.13 1.04
C VAL A 266 12.95 -32.96 0.68
N CYS A 267 12.36 -31.78 0.54
CA CYS A 267 13.10 -30.56 0.19
C CYS A 267 14.38 -30.30 0.98
N THR A 268 14.30 -30.47 2.28
CA THR A 268 15.47 -30.23 3.11
C THR A 268 16.38 -31.43 3.12
N SER A 269 15.78 -32.59 3.35
CA SER A 269 16.49 -33.85 3.44
C SER A 269 17.48 -34.14 2.31
N ILE A 270 17.08 -33.86 1.07
CA ILE A 270 17.97 -34.09 -0.07
C ILE A 270 19.29 -33.34 0.08
N LEU A 271 19.29 -32.31 0.93
CA LEU A 271 20.47 -31.51 1.17
C LEU A 271 21.51 -32.27 1.98
N SER A 272 21.08 -33.35 2.60
CA SER A 272 21.98 -34.14 3.43
C SER A 272 22.52 -35.41 2.77
N LEU A 273 21.93 -35.81 1.65
CA LEU A 273 22.36 -37.01 0.96
C LEU A 273 23.83 -36.99 0.53
N PRO A 274 24.53 -38.14 0.66
CA PRO A 274 25.94 -38.25 0.28
C PRO A 274 26.10 -38.01 -1.21
N GLU A 275 27.12 -37.24 -1.59
CA GLU A 275 27.33 -36.94 -3.00
C GLU A 275 27.41 -38.19 -3.84
N GLU A 276 26.52 -38.25 -4.83
CA GLU A 276 26.46 -39.37 -5.76
C GLU A 276 26.06 -38.83 -7.11
N PRO A 277 27.06 -38.49 -7.95
CA PRO A 277 26.85 -37.96 -9.29
C PRO A 277 25.87 -38.77 -10.15
N LYS A 278 25.59 -40.00 -9.73
CA LYS A 278 24.68 -40.86 -10.48
C LYS A 278 23.21 -40.78 -10.04
N ARG A 279 22.93 -40.01 -8.99
CA ARG A 279 21.57 -39.87 -8.48
C ARG A 279 20.69 -38.93 -9.30
N ARG A 280 19.45 -39.35 -9.55
CA ARG A 280 18.50 -38.54 -10.30
C ARG A 280 17.12 -38.62 -9.64
N LEU A 281 16.75 -37.57 -8.91
CA LEU A 281 15.45 -37.54 -8.23
C LEU A 281 14.48 -36.50 -8.80
N TRP A 282 13.22 -36.92 -8.94
CA TRP A 282 12.17 -36.07 -9.46
C TRP A 282 11.15 -35.68 -8.39
N LEU A 283 10.84 -34.39 -8.33
CA LEU A 283 9.84 -33.93 -7.38
C LEU A 283 8.65 -33.40 -8.17
N PHE A 284 7.55 -34.13 -8.10
CA PHE A 284 6.35 -33.73 -8.80
C PHE A 284 5.35 -33.16 -7.81
N ILE A 285 5.17 -31.85 -7.93
CA ILE A 285 4.24 -31.09 -7.11
C ILE A 285 3.22 -30.62 -8.13
N ASP A 286 2.19 -31.44 -8.37
CA ASP A 286 1.18 -31.10 -9.36
C ASP A 286 0.70 -29.65 -9.28
N GLU A 287 0.40 -29.18 -8.09
CA GLU A 287 -0.05 -27.81 -7.93
C GLU A 287 0.66 -27.16 -6.78
N LEU A 288 1.77 -26.51 -7.12
CA LEU A 288 2.60 -25.85 -6.15
C LEU A 288 1.81 -24.97 -5.17
N ALA A 289 0.92 -24.17 -5.74
CA ALA A 289 0.12 -23.25 -4.96
C ALA A 289 -0.83 -23.93 -3.96
N SER A 290 -1.06 -25.23 -4.14
CA SER A 290 -1.97 -25.96 -3.25
C SER A 290 -1.34 -26.37 -1.94
N LEU A 291 -0.02 -26.34 -1.85
CA LEU A 291 0.63 -26.72 -0.61
C LEU A 291 0.78 -25.47 0.24
N GLU A 292 1.29 -25.62 1.45
CA GLU A 292 1.49 -24.49 2.34
C GLU A 292 2.68 -23.70 1.84
N LYS A 293 3.09 -22.69 2.60
CA LYS A 293 4.24 -21.90 2.22
C LYS A 293 5.41 -22.77 2.70
N LEU A 294 5.88 -23.65 1.82
CA LEU A 294 6.97 -24.58 2.15
C LEU A 294 8.23 -23.87 2.57
N ALA A 295 8.78 -24.33 3.69
CA ALA A 295 9.98 -23.74 4.27
C ALA A 295 11.31 -24.00 3.56
N SER A 296 11.47 -25.16 2.92
CA SER A 296 12.74 -25.50 2.29
C SER A 296 12.80 -25.50 0.78
N LEU A 297 11.63 -25.56 0.16
CA LEU A 297 11.50 -25.60 -1.29
C LEU A 297 12.48 -24.68 -1.98
N ALA A 298 12.60 -23.46 -1.44
CA ALA A 298 13.49 -22.43 -1.95
C ALA A 298 14.90 -22.93 -2.26
N ASP A 299 15.62 -23.26 -1.20
CA ASP A 299 16.97 -23.76 -1.34
C ASP A 299 16.99 -25.05 -2.13
N ALA A 300 15.98 -25.89 -1.95
CA ALA A 300 15.88 -27.16 -2.67
C ALA A 300 16.04 -26.89 -4.17
N LEU A 301 15.38 -25.83 -4.64
CA LEU A 301 15.41 -25.45 -6.05
C LEU A 301 16.72 -24.78 -6.45
N THR A 302 17.53 -24.45 -5.46
CA THR A 302 18.79 -23.76 -5.67
C THR A 302 20.10 -24.50 -5.34
N LYS A 303 19.98 -25.51 -4.48
CA LYS A 303 21.14 -26.27 -4.03
C LYS A 303 21.05 -27.77 -4.27
N GLY A 304 19.92 -28.23 -4.81
CA GLY A 304 19.74 -29.66 -5.06
C GLY A 304 20.30 -30.20 -6.36
N ARG A 305 21.13 -29.39 -7.03
CA ARG A 305 21.72 -29.80 -8.28
C ARG A 305 22.68 -30.95 -8.00
N LYS A 306 23.42 -30.83 -6.89
CA LYS A 306 24.37 -31.86 -6.50
C LYS A 306 23.65 -33.14 -6.14
N ALA A 307 22.56 -33.00 -5.40
CA ALA A 307 21.79 -34.17 -5.01
C ALA A 307 21.08 -34.73 -6.25
N GLY A 308 21.08 -33.95 -7.34
CA GLY A 308 20.43 -34.37 -8.57
C GLY A 308 18.92 -34.23 -8.51
N LEU A 309 18.45 -33.16 -7.85
CA LEU A 309 17.02 -32.95 -7.73
C LEU A 309 16.45 -32.29 -8.99
N ARG A 310 15.27 -32.77 -9.37
CA ARG A 310 14.54 -32.27 -10.54
C ARG A 310 13.11 -32.00 -10.08
N VAL A 311 12.74 -30.72 -10.05
CA VAL A 311 11.41 -30.34 -9.60
C VAL A 311 10.49 -29.88 -10.72
N VAL A 312 9.30 -30.48 -10.72
CA VAL A 312 8.27 -30.14 -11.69
C VAL A 312 7.03 -29.75 -10.91
N ALA A 313 6.66 -28.49 -11.07
CA ALA A 313 5.52 -27.92 -10.37
C ALA A 313 4.53 -27.35 -11.36
N GLY A 314 3.25 -27.35 -10.99
CA GLY A 314 2.22 -26.82 -11.87
C GLY A 314 1.55 -25.64 -11.20
N LEU A 315 1.06 -24.71 -12.02
CA LEU A 315 0.37 -23.52 -11.52
C LEU A 315 -0.69 -23.08 -12.51
N GLN A 316 -1.65 -22.29 -12.01
CA GLN A 316 -2.70 -21.77 -12.87
C GLN A 316 -2.54 -20.23 -12.97
N SER A 317 -3.09 -19.49 -11.99
CA SER A 317 -2.99 -18.02 -11.98
C SER A 317 -1.82 -17.54 -11.12
N THR A 318 -1.10 -16.53 -11.59
CA THR A 318 0.03 -16.03 -10.85
C THR A 318 -0.40 -15.53 -9.48
N SER A 319 -1.68 -15.17 -9.35
CA SER A 319 -2.23 -14.66 -8.10
C SER A 319 -2.34 -15.69 -6.98
N GLN A 320 -2.41 -16.97 -7.35
CA GLN A 320 -2.52 -18.02 -6.33
C GLN A 320 -1.22 -18.09 -5.54
N LEU A 321 -0.15 -18.44 -6.23
CA LEU A 321 1.15 -18.57 -5.59
C LEU A 321 1.47 -17.30 -4.86
N ASP A 322 1.11 -16.16 -5.46
CA ASP A 322 1.37 -14.88 -4.84
C ASP A 322 0.73 -14.81 -3.46
N ASP A 323 -0.57 -15.08 -3.39
CA ASP A 323 -1.28 -15.03 -2.12
C ASP A 323 -0.67 -15.96 -1.07
N VAL A 324 -0.08 -17.07 -1.51
CA VAL A 324 0.53 -18.04 -0.58
C VAL A 324 1.93 -17.67 -0.06
N TYR A 325 2.86 -17.42 -0.99
CA TYR A 325 4.21 -17.09 -0.58
C TYR A 325 4.43 -15.58 -0.47
N GLY A 326 3.48 -14.80 -0.95
CA GLY A 326 3.66 -13.37 -0.92
C GLY A 326 4.30 -13.01 -2.25
N VAL A 327 3.88 -11.89 -2.82
CA VAL A 327 4.40 -11.42 -4.09
C VAL A 327 5.91 -11.56 -4.28
N LYS A 328 6.69 -10.95 -3.39
CA LYS A 328 8.14 -10.96 -3.44
C LYS A 328 8.70 -12.37 -3.47
N GLU A 329 8.29 -13.15 -2.48
CA GLU A 329 8.73 -14.53 -2.31
C GLU A 329 8.34 -15.37 -3.51
N ALA A 330 7.10 -15.20 -3.97
CA ALA A 330 6.60 -15.94 -5.11
C ALA A 330 7.50 -15.70 -6.31
N GLN A 331 7.83 -14.44 -6.58
CA GLN A 331 8.68 -14.08 -7.71
C GLN A 331 9.93 -14.94 -7.68
N THR A 332 10.61 -14.88 -6.55
CA THR A 332 11.83 -15.65 -6.37
C THR A 332 11.57 -17.11 -6.70
N LEU A 333 10.52 -17.64 -6.07
CA LEU A 333 10.11 -19.04 -6.26
C LEU A 333 9.97 -19.44 -7.73
N ARG A 334 9.15 -18.70 -8.46
CA ARG A 334 8.94 -18.99 -9.88
C ARG A 334 10.24 -18.88 -10.65
N ALA A 335 11.02 -17.86 -10.29
CA ALA A 335 12.30 -17.56 -10.92
C ALA A 335 13.24 -18.76 -10.94
N SER A 336 13.18 -19.57 -9.87
CA SER A 336 14.01 -20.76 -9.70
C SER A 336 13.83 -21.86 -10.74
N PHE A 337 12.68 -21.87 -11.42
CA PHE A 337 12.44 -22.85 -12.47
C PHE A 337 12.96 -22.23 -13.75
N ARG A 338 14.00 -22.84 -14.31
CA ARG A 338 14.62 -22.34 -15.54
C ARG A 338 13.81 -22.70 -16.78
N SER A 339 13.20 -23.87 -16.76
CA SER A 339 12.43 -24.31 -17.90
C SER A 339 10.93 -24.08 -17.69
N LEU A 340 10.27 -23.56 -18.73
CA LEU A 340 8.85 -23.23 -18.69
C LEU A 340 7.94 -23.82 -19.79
N VAL A 341 6.71 -24.15 -19.40
CA VAL A 341 5.71 -24.69 -20.32
C VAL A 341 4.44 -23.88 -20.16
N VAL A 342 3.99 -23.29 -21.25
CA VAL A 342 2.78 -22.48 -21.25
C VAL A 342 1.63 -23.24 -21.92
N LEU A 343 0.65 -23.63 -21.12
CA LEU A 343 -0.50 -24.42 -21.58
C LEU A 343 -1.80 -23.70 -21.99
N GLY A 344 -1.81 -22.37 -21.87
CA GLY A 344 -3.00 -21.63 -22.27
C GLY A 344 -4.06 -21.56 -21.18
N GLY A 345 -4.53 -20.35 -20.91
CA GLY A 345 -5.53 -20.13 -19.89
C GLY A 345 -6.78 -19.43 -20.35
N SER A 346 -7.61 -19.06 -19.39
CA SER A 346 -8.87 -18.40 -19.65
C SER A 346 -8.71 -16.97 -20.09
N ARG A 347 -9.70 -16.46 -20.83
CA ARG A 347 -9.65 -15.08 -21.28
C ARG A 347 -10.03 -14.21 -20.09
N THR A 348 -10.64 -14.83 -19.08
CA THR A 348 -11.05 -14.10 -17.90
C THR A 348 -9.86 -13.77 -17.00
N ASP A 349 -8.66 -14.24 -17.36
CA ASP A 349 -7.47 -13.93 -16.55
C ASP A 349 -6.41 -13.23 -17.39
N PRO A 350 -6.70 -12.02 -17.88
CA PRO A 350 -5.73 -11.28 -18.71
C PRO A 350 -4.43 -10.92 -18.00
N LYS A 351 -4.45 -10.91 -16.67
CA LYS A 351 -3.25 -10.59 -15.91
C LYS A 351 -2.21 -11.68 -16.07
N THR A 352 -2.62 -12.91 -15.79
CA THR A 352 -1.71 -14.03 -15.92
C THR A 352 -1.29 -14.21 -17.36
N ASN A 353 -2.21 -14.01 -18.30
CA ASN A 353 -1.88 -14.17 -19.73
C ASN A 353 -0.78 -13.19 -20.12
N GLU A 354 -0.83 -11.99 -19.57
CA GLU A 354 0.19 -10.99 -19.86
C GLU A 354 1.50 -11.49 -19.33
N ASP A 355 1.48 -11.95 -18.08
CA ASP A 355 2.68 -12.48 -17.44
C ASP A 355 3.32 -13.57 -18.29
N MET A 356 2.51 -14.49 -18.80
CA MET A 356 3.06 -15.57 -19.60
C MET A 356 3.61 -15.07 -20.93
N SER A 357 2.87 -14.15 -21.58
CA SER A 357 3.30 -13.56 -22.86
C SER A 357 4.66 -12.86 -22.70
N LEU A 358 4.80 -12.18 -21.57
CA LEU A 358 6.00 -11.47 -21.20
C LEU A 358 7.13 -12.46 -20.92
N SER A 359 6.84 -13.50 -20.14
CA SER A 359 7.83 -14.51 -19.82
C SER A 359 8.33 -15.18 -21.09
N LEU A 360 7.42 -15.36 -22.04
CA LEU A 360 7.80 -15.97 -23.32
C LEU A 360 8.81 -15.05 -23.99
N GLY A 361 8.54 -13.74 -23.92
CA GLY A 361 9.48 -12.78 -24.48
C GLY A 361 9.18 -12.08 -25.78
N GLU A 362 9.95 -11.04 -26.03
CA GLU A 362 9.84 -10.25 -27.25
C GLU A 362 11.04 -10.58 -28.14
N HIS A 363 10.99 -10.09 -29.38
CA HIS A 363 12.07 -10.31 -30.32
C HIS A 363 12.22 -9.03 -31.12
N GLU A 364 13.41 -8.81 -31.67
CA GLU A 364 13.60 -7.62 -32.50
C GLU A 364 13.76 -8.13 -33.90
N VAL A 365 12.91 -7.62 -34.77
CA VAL A 365 12.90 -8.08 -36.14
C VAL A 365 12.94 -7.00 -37.20
N GLU A 366 13.41 -7.39 -38.38
CA GLU A 366 13.50 -6.53 -39.54
C GLU A 366 12.52 -7.11 -40.54
N ARG A 367 11.52 -6.32 -40.94
CA ARG A 367 10.51 -6.82 -41.85
C ARG A 367 10.48 -6.06 -43.17
N ASP A 368 9.62 -6.53 -44.08
CA ASP A 368 9.48 -5.97 -45.43
C ASP A 368 8.65 -4.68 -45.51
N GLU A 385 12.31 -2.15 -42.01
CA GLU A 385 11.97 -1.48 -40.72
C GLU A 385 12.17 -2.42 -39.51
N ARG A 386 12.44 -1.85 -38.33
CA ARG A 386 12.63 -2.65 -37.11
C ARG A 386 11.39 -2.66 -36.27
N VAL A 387 11.12 -3.83 -35.68
CA VAL A 387 9.96 -3.95 -34.83
C VAL A 387 10.33 -4.82 -33.65
N ARG A 388 9.91 -4.39 -32.47
CA ARG A 388 10.15 -5.15 -31.26
C ARG A 388 8.73 -5.62 -30.97
N GLU A 389 8.55 -6.92 -30.74
CA GLU A 389 7.21 -7.42 -30.48
C GLU A 389 7.24 -8.71 -29.69
N ARG A 390 6.13 -9.00 -29.01
CA ARG A 390 6.02 -10.24 -28.24
C ARG A 390 5.98 -11.40 -29.23
N VAL A 391 6.78 -12.42 -28.99
CA VAL A 391 6.76 -13.58 -29.87
C VAL A 391 5.36 -14.20 -29.72
N VAL A 392 4.88 -14.27 -28.48
CA VAL A 392 3.55 -14.82 -28.18
C VAL A 392 2.71 -13.74 -27.51
N MET A 393 1.57 -13.43 -28.13
CA MET A 393 0.65 -12.43 -27.61
C MET A 393 -0.14 -13.02 -26.46
N PRO A 394 -0.60 -12.19 -25.53
CA PRO A 394 -1.37 -12.75 -24.42
C PRO A 394 -2.61 -13.42 -24.99
N ALA A 395 -3.20 -12.77 -26.00
CA ALA A 395 -4.40 -13.28 -26.64
C ALA A 395 -4.19 -14.69 -27.19
N GLU A 396 -3.05 -14.89 -27.81
CA GLU A 396 -2.72 -16.20 -28.38
C GLU A 396 -2.75 -17.31 -27.31
N ILE A 397 -2.42 -16.94 -26.07
CA ILE A 397 -2.41 -17.89 -24.96
C ILE A 397 -3.82 -18.21 -24.52
N ALA A 398 -4.67 -17.19 -24.50
CA ALA A 398 -6.03 -17.37 -24.07
C ALA A 398 -6.81 -18.18 -25.10
N ASN A 399 -6.45 -18.03 -26.37
CA ASN A 399 -7.16 -18.76 -27.41
C ASN A 399 -6.55 -20.11 -27.75
N LEU A 400 -5.60 -20.57 -26.95
CA LEU A 400 -4.99 -21.87 -27.20
C LEU A 400 -5.99 -22.99 -27.02
N PRO A 401 -5.97 -23.99 -27.91
CA PRO A 401 -6.91 -25.11 -27.78
C PRO A 401 -6.25 -26.01 -26.73
N ASP A 402 -6.99 -26.96 -26.15
CA ASP A 402 -6.36 -27.82 -25.15
C ASP A 402 -5.30 -28.68 -25.79
N LEU A 403 -4.49 -29.31 -24.95
CA LEU A 403 -3.44 -30.19 -25.43
C LEU A 403 -2.54 -29.52 -26.46
N THR A 404 -2.30 -28.23 -26.22
CA THR A 404 -1.45 -27.45 -27.09
C THR A 404 -0.68 -26.55 -26.15
N ALA A 405 0.65 -26.53 -26.30
CA ALA A 405 1.49 -25.73 -25.42
C ALA A 405 2.79 -25.24 -26.01
N TYR A 406 3.30 -24.15 -25.43
CA TYR A 406 4.57 -23.61 -25.87
C TYR A 406 5.62 -24.12 -24.92
N VAL A 407 6.74 -24.56 -25.47
CA VAL A 407 7.80 -25.10 -24.64
C VAL A 407 9.10 -24.30 -24.77
N GLY A 408 9.49 -23.69 -23.66
CA GLY A 408 10.69 -22.88 -23.65
C GLY A 408 11.60 -23.45 -22.59
N PHE A 409 12.45 -24.36 -23.03
CA PHE A 409 13.40 -25.00 -22.14
C PHE A 409 14.41 -23.97 -21.66
N ALA A 410 14.98 -24.26 -20.49
CA ALA A 410 15.99 -23.40 -19.89
C ALA A 410 17.15 -23.08 -20.87
N GLY A 411 17.86 -21.98 -20.61
CA GLY A 411 18.99 -21.60 -21.43
C GLY A 411 18.72 -20.94 -22.78
N ASN A 412 19.74 -20.95 -23.63
CA ASN A 412 19.63 -20.35 -24.96
C ASN A 412 19.01 -21.29 -25.98
N ARG A 413 17.68 -21.28 -26.07
CA ARG A 413 17.00 -22.14 -27.03
C ARG A 413 15.74 -21.45 -27.51
N PRO A 414 15.32 -21.76 -28.75
CA PRO A 414 14.09 -21.12 -29.22
C PRO A 414 12.93 -21.83 -28.54
N ILE A 415 11.74 -21.29 -28.73
CA ILE A 415 10.57 -21.89 -28.13
C ILE A 415 9.76 -22.48 -29.27
N ALA A 416 8.79 -23.34 -28.95
CA ALA A 416 7.99 -23.93 -30.00
C ALA A 416 6.60 -24.26 -29.51
N LYS A 417 5.63 -24.13 -30.40
CA LYS A 417 4.25 -24.45 -30.05
C LYS A 417 4.12 -25.92 -30.41
N VAL A 418 3.84 -26.74 -29.40
CA VAL A 418 3.73 -28.18 -29.63
C VAL A 418 2.45 -28.77 -29.08
N PRO A 419 1.91 -29.82 -29.76
CA PRO A 419 0.69 -30.49 -29.32
C PRO A 419 1.00 -31.59 -28.32
N LEU A 420 0.07 -31.80 -27.40
CA LEU A 420 0.20 -32.82 -26.37
C LEU A 420 -0.67 -34.00 -26.74
N GLU A 421 -0.07 -35.18 -26.83
CA GLU A 421 -0.83 -36.36 -27.20
C GLU A 421 -1.26 -37.16 -25.99
N ILE A 422 -2.50 -37.68 -26.03
CA ILE A 422 -3.01 -38.46 -24.91
C ILE A 422 -2.71 -39.95 -25.03
N LYS A 423 -1.51 -40.34 -24.59
CA LYS A 423 -1.13 -41.75 -24.64
C LYS A 423 -1.92 -42.45 -23.52
N GLN A 424 -2.29 -43.71 -23.73
CA GLN A 424 -3.06 -44.44 -22.73
C GLN A 424 -2.22 -45.32 -21.83
N PHE A 425 -2.56 -45.32 -20.55
CA PHE A 425 -1.83 -46.13 -19.58
C PHE A 425 -2.75 -47.08 -18.83
N ALA A 426 -2.39 -48.35 -18.82
CA ALA A 426 -3.17 -49.37 -18.14
C ALA A 426 -2.97 -49.27 -16.63
N ASN A 427 -4.04 -49.51 -15.87
CA ASN A 427 -4.00 -49.45 -14.41
C ASN A 427 -3.35 -50.68 -13.82
N ARG A 428 -2.11 -50.55 -13.37
CA ARG A 428 -1.44 -51.70 -12.79
C ARG A 428 -1.41 -51.66 -11.26
N GLN A 429 -2.53 -51.20 -10.68
CA GLN A 429 -2.71 -51.10 -9.23
C GLN A 429 -3.91 -50.21 -8.91
N PRO A 430 -4.66 -50.56 -7.84
CA PRO A 430 -5.83 -49.77 -7.43
C PRO A 430 -5.37 -48.44 -6.85
N ALA A 431 -6.04 -47.36 -7.23
CA ALA A 431 -5.66 -46.04 -6.75
C ALA A 431 -5.82 -45.86 -5.25
N PHE A 432 -6.88 -46.42 -4.67
CA PHE A 432 -7.11 -46.30 -3.23
C PHE A 432 -7.51 -47.61 -2.57
N VAL A 433 -7.31 -47.69 -1.25
CA VAL A 433 -7.61 -48.85 -0.42
C VAL A 433 -8.04 -48.47 1.01
N GLU A 434 -9.29 -48.78 1.35
CA GLU A 434 -9.89 -48.47 2.66
C GLU A 434 -9.17 -49.19 3.81
N VAL B 4 -13.17 -6.55 -45.33
CA VAL B 4 -12.86 -7.72 -44.45
C VAL B 4 -12.94 -7.42 -42.96
N GLY B 5 -14.14 -7.49 -42.41
CA GLY B 5 -14.33 -7.23 -41.00
C GLY B 5 -15.48 -6.26 -40.80
N GLN B 6 -16.64 -6.63 -41.29
CA GLN B 6 -17.83 -5.79 -41.19
C GLN B 6 -18.94 -6.62 -40.60
N GLY B 7 -19.90 -5.95 -39.98
CA GLY B 7 -21.02 -6.66 -39.38
C GLY B 7 -20.49 -7.58 -38.29
N GLU B 8 -19.17 -7.63 -38.18
CA GLU B 8 -18.49 -8.45 -37.19
C GLU B 8 -17.59 -7.54 -36.38
N PHE B 9 -16.44 -7.20 -36.92
CA PHE B 9 -15.51 -6.32 -36.24
C PHE B 9 -16.06 -4.89 -36.26
N GLY B 10 -15.90 -4.16 -35.16
CA GLY B 10 -16.40 -2.79 -35.08
C GLY B 10 -15.48 -1.74 -35.67
N GLY B 11 -14.18 -2.00 -35.60
CA GLY B 11 -13.20 -1.07 -36.13
C GLY B 11 -13.20 -1.09 -37.64
N ALA B 12 -12.13 -0.55 -38.23
CA ALA B 12 -12.01 -0.49 -39.69
C ALA B 12 -11.70 -1.86 -40.31
N PRO B 13 -12.44 -2.24 -41.37
CA PRO B 13 -12.20 -3.53 -42.02
C PRO B 13 -10.73 -3.61 -42.38
N PHE B 14 -10.19 -4.82 -42.45
CA PHE B 14 -8.78 -4.97 -42.78
C PHE B 14 -8.56 -5.94 -43.92
N LYS B 15 -7.29 -6.13 -44.22
CA LYS B 15 -6.91 -6.99 -45.32
C LYS B 15 -6.59 -8.43 -44.91
N ARG B 16 -5.98 -8.59 -43.74
CA ARG B 16 -5.58 -9.92 -43.33
C ARG B 16 -5.39 -10.04 -41.83
N PHE B 17 -5.93 -11.10 -41.26
CA PHE B 17 -5.81 -11.36 -39.83
C PHE B 17 -4.51 -12.11 -39.57
N LEU B 18 -3.71 -11.61 -38.62
CA LEU B 18 -2.46 -12.27 -38.31
C LEU B 18 -2.60 -13.19 -37.11
N ARG B 19 -2.90 -12.62 -35.94
CA ARG B 19 -3.05 -13.42 -34.72
C ARG B 19 -3.94 -12.75 -33.68
N GLY B 20 -4.32 -13.51 -32.64
CA GLY B 20 -5.14 -12.95 -31.58
C GLY B 20 -6.59 -13.38 -31.56
N THR B 21 -7.39 -12.58 -30.88
CA THR B 21 -8.81 -12.85 -30.76
C THR B 21 -9.50 -12.60 -32.08
N ARG B 22 -10.44 -13.49 -32.41
CA ARG B 22 -11.19 -13.37 -33.65
C ARG B 22 -12.64 -13.13 -33.29
N ILE B 23 -13.24 -12.11 -33.90
CA ILE B 23 -14.63 -11.83 -33.65
C ILE B 23 -15.39 -12.25 -34.89
N VAL B 24 -16.53 -12.89 -34.70
CA VAL B 24 -17.32 -13.37 -35.82
C VAL B 24 -18.78 -12.99 -35.62
N SER B 25 -19.58 -13.08 -36.67
CA SER B 25 -21.00 -12.72 -36.59
C SER B 25 -21.74 -13.69 -35.70
N GLY B 26 -22.90 -13.27 -35.18
CA GLY B 26 -23.67 -14.17 -34.35
C GLY B 26 -23.90 -15.51 -35.05
N GLY B 27 -24.56 -15.46 -36.19
CA GLY B 27 -24.85 -16.66 -36.95
C GLY B 27 -23.63 -17.55 -37.16
N LYS B 28 -22.61 -17.00 -37.80
CA LYS B 28 -21.38 -17.74 -38.06
C LYS B 28 -20.97 -18.57 -36.85
N LEU B 29 -21.09 -17.93 -35.68
CA LEU B 29 -20.73 -18.55 -34.42
C LEU B 29 -21.71 -19.66 -34.07
N LYS B 30 -23.00 -19.39 -34.22
CA LYS B 30 -24.01 -20.38 -33.89
C LYS B 30 -23.88 -21.68 -34.67
N ARG B 31 -23.26 -21.65 -35.85
CA ARG B 31 -23.08 -22.88 -36.60
C ARG B 31 -21.87 -23.54 -36.00
N MET B 32 -20.77 -22.79 -36.02
CA MET B 32 -19.50 -23.26 -35.51
C MET B 32 -19.62 -24.08 -34.24
N THR B 33 -20.31 -23.51 -33.25
CA THR B 33 -20.50 -24.17 -31.95
C THR B 33 -21.51 -25.31 -31.94
N ARG B 34 -22.41 -25.36 -32.92
CA ARG B 34 -23.39 -26.44 -32.92
C ARG B 34 -22.73 -27.79 -33.02
N GLU B 35 -23.11 -28.69 -32.13
CA GLU B 35 -22.54 -30.03 -32.11
C GLU B 35 -23.59 -31.12 -32.21
N LYS B 36 -23.12 -32.36 -32.26
CA LYS B 36 -23.98 -33.53 -32.38
C LYS B 36 -25.02 -33.64 -31.26
N ALA B 37 -24.54 -33.89 -30.05
CA ALA B 37 -25.42 -34.04 -28.89
C ALA B 37 -26.32 -32.85 -28.57
N LYS B 38 -27.21 -33.05 -27.61
CA LYS B 38 -28.12 -32.01 -27.15
C LYS B 38 -27.26 -31.07 -26.33
N GLN B 39 -27.34 -29.78 -26.64
CA GLN B 39 -26.55 -28.80 -25.88
C GLN B 39 -27.49 -27.78 -25.23
N VAL B 40 -26.89 -26.83 -24.51
CA VAL B 40 -27.65 -25.78 -23.86
C VAL B 40 -27.34 -24.48 -24.60
N THR B 41 -28.13 -23.45 -24.38
CA THR B 41 -27.85 -22.20 -25.08
C THR B 41 -27.56 -21.00 -24.22
N VAL B 42 -26.63 -20.20 -24.72
CA VAL B 42 -26.20 -18.99 -24.08
C VAL B 42 -26.53 -17.89 -25.08
N ALA B 43 -27.55 -17.11 -24.77
CA ALA B 43 -27.93 -16.02 -25.67
C ALA B 43 -28.26 -16.56 -27.06
N GLY B 44 -28.80 -17.77 -27.11
CA GLY B 44 -29.15 -18.35 -28.39
C GLY B 44 -28.01 -19.11 -29.04
N VAL B 45 -26.81 -19.00 -28.49
CA VAL B 45 -25.69 -19.70 -29.07
C VAL B 45 -25.49 -21.04 -28.38
N PRO B 46 -25.38 -22.12 -29.18
CA PRO B 46 -25.19 -23.48 -28.66
C PRO B 46 -23.85 -23.61 -27.93
N MET B 47 -23.93 -23.90 -26.64
CA MET B 47 -22.72 -24.01 -25.85
C MET B 47 -21.96 -25.32 -26.06
N PRO B 48 -20.67 -25.20 -26.39
CA PRO B 48 -19.78 -26.33 -26.63
C PRO B 48 -19.87 -27.25 -25.42
N ARG B 49 -20.32 -28.48 -25.66
CA ARG B 49 -20.47 -29.44 -24.57
C ARG B 49 -19.26 -29.43 -23.64
N ASP B 50 -18.06 -29.35 -24.21
CA ASP B 50 -16.84 -29.33 -23.40
C ASP B 50 -16.61 -28.05 -22.58
N ALA B 51 -17.36 -27.01 -22.90
CA ALA B 51 -17.23 -25.74 -22.20
C ALA B 51 -18.06 -25.68 -20.93
N GLU B 52 -19.03 -26.59 -20.83
CA GLU B 52 -19.95 -26.65 -19.71
C GLU B 52 -19.33 -26.82 -18.33
N PRO B 53 -18.40 -27.75 -18.19
CA PRO B 53 -17.81 -27.92 -16.87
C PRO B 53 -16.62 -26.97 -16.70
N ARG B 54 -16.52 -25.99 -17.60
CA ARG B 54 -15.46 -25.01 -17.54
C ARG B 54 -16.02 -23.75 -16.93
N HIS B 55 -17.30 -23.84 -16.57
CA HIS B 55 -18.02 -22.76 -15.93
C HIS B 55 -18.11 -21.54 -16.77
N LEU B 56 -19.21 -20.83 -16.55
CA LEU B 56 -19.48 -19.64 -17.28
C LEU B 56 -19.63 -18.45 -16.37
N LEU B 57 -19.05 -17.34 -16.80
CA LEU B 57 -19.12 -16.13 -16.05
C LEU B 57 -19.86 -15.07 -16.85
N VAL B 58 -20.96 -14.59 -16.31
CA VAL B 58 -21.75 -13.59 -17.00
C VAL B 58 -21.67 -12.25 -16.30
N ASN B 59 -20.95 -11.35 -16.94
CA ASN B 59 -20.75 -10.02 -16.40
C ASN B 59 -21.55 -9.03 -17.21
N GLY B 60 -22.12 -8.05 -16.50
CA GLY B 60 -22.90 -7.03 -17.17
C GLY B 60 -23.57 -6.14 -16.14
N ALA B 61 -23.93 -4.92 -16.54
CA ALA B 61 -24.57 -3.98 -15.64
C ALA B 61 -25.97 -4.44 -15.24
N THR B 62 -26.64 -3.63 -14.44
CA THR B 62 -27.98 -3.98 -13.99
C THR B 62 -29.06 -3.69 -15.03
N GLY B 63 -29.91 -4.67 -15.29
CA GLY B 63 -30.99 -4.52 -16.25
C GLY B 63 -30.63 -4.86 -17.68
N THR B 64 -29.39 -5.31 -17.90
CA THR B 64 -28.93 -5.65 -19.24
C THR B 64 -29.41 -6.98 -19.75
N GLY B 65 -29.92 -7.84 -18.86
CA GLY B 65 -30.42 -9.12 -19.31
C GLY B 65 -29.82 -10.36 -18.67
N LYS B 66 -29.06 -10.19 -17.60
CA LYS B 66 -28.46 -11.34 -16.96
C LYS B 66 -29.53 -12.38 -16.70
N SER B 67 -30.70 -11.93 -16.24
CA SER B 67 -31.82 -12.81 -15.94
C SER B 67 -32.18 -13.62 -17.17
N VAL B 68 -32.68 -12.90 -18.16
CA VAL B 68 -33.08 -13.47 -19.44
C VAL B 68 -32.15 -14.62 -19.79
N LEU B 69 -30.86 -14.34 -19.74
CA LEU B 69 -29.83 -15.29 -20.09
C LEU B 69 -29.78 -16.53 -19.21
N LEU B 70 -29.55 -16.34 -17.92
CA LEU B 70 -29.45 -17.49 -17.02
C LEU B 70 -30.75 -18.27 -17.03
N ARG B 71 -31.85 -17.58 -17.32
CA ARG B 71 -33.14 -18.24 -17.37
C ARG B 71 -33.17 -19.17 -18.57
N GLU B 72 -32.75 -18.64 -19.71
CA GLU B 72 -32.69 -19.39 -20.96
C GLU B 72 -31.75 -20.57 -20.78
N LEU B 73 -30.60 -20.28 -20.21
CA LEU B 73 -29.60 -21.27 -19.97
C LEU B 73 -30.19 -22.40 -19.15
N ALA B 74 -30.93 -22.06 -18.11
CA ALA B 74 -31.56 -23.04 -17.22
C ALA B 74 -32.61 -23.90 -17.90
N TYR B 75 -33.50 -23.25 -18.64
CA TYR B 75 -34.57 -23.95 -19.35
C TYR B 75 -34.03 -25.04 -20.26
N THR B 76 -33.16 -24.67 -21.20
CA THR B 76 -32.58 -25.62 -22.15
C THR B 76 -31.86 -26.77 -21.47
N GLY B 77 -31.23 -26.47 -20.34
CA GLY B 77 -30.52 -27.49 -19.59
C GLY B 77 -31.51 -28.45 -18.98
N LEU B 78 -32.72 -27.96 -18.76
CA LEU B 78 -33.76 -28.77 -18.18
C LEU B 78 -34.35 -29.69 -19.25
N LEU B 79 -34.62 -29.10 -20.41
CA LEU B 79 -35.16 -29.84 -21.54
C LEU B 79 -34.23 -30.99 -21.84
N ARG B 80 -32.99 -30.86 -21.40
CA ARG B 80 -31.99 -31.88 -21.64
C ARG B 80 -31.96 -32.85 -20.47
N GLY B 81 -32.68 -32.50 -19.42
CA GLY B 81 -32.75 -33.35 -18.25
C GLY B 81 -31.57 -33.21 -17.30
N ASP B 82 -31.01 -32.02 -17.19
CA ASP B 82 -29.90 -31.85 -16.28
C ASP B 82 -30.45 -31.40 -14.94
N ARG B 83 -29.73 -31.71 -13.86
CA ARG B 83 -30.14 -31.30 -12.51
C ARG B 83 -29.43 -30.00 -12.18
N MET B 84 -29.94 -29.27 -11.18
CA MET B 84 -29.29 -28.02 -10.83
C MET B 84 -29.70 -27.41 -9.51
N VAL B 85 -28.87 -26.50 -9.06
CA VAL B 85 -29.08 -25.78 -7.83
C VAL B 85 -29.15 -24.33 -8.27
N ILE B 86 -30.14 -23.62 -7.77
CA ILE B 86 -30.26 -22.22 -8.15
C ILE B 86 -30.40 -21.24 -7.02
N VAL B 87 -29.39 -20.39 -6.89
CA VAL B 87 -29.39 -19.31 -5.91
C VAL B 87 -30.50 -18.49 -6.56
N ASP B 88 -31.74 -18.69 -6.11
CA ASP B 88 -32.88 -18.02 -6.72
C ASP B 88 -33.54 -16.94 -5.88
N PRO B 89 -33.19 -15.68 -6.15
CA PRO B 89 -33.74 -14.54 -5.42
C PRO B 89 -35.21 -14.35 -5.76
N ASN B 90 -36.04 -14.22 -4.73
CA ASN B 90 -37.48 -14.02 -4.89
C ASN B 90 -38.17 -15.14 -5.67
N GLY B 91 -37.61 -16.34 -5.52
CA GLY B 91 -38.17 -17.52 -6.18
C GLY B 91 -38.67 -17.35 -7.60
N ASP B 92 -38.01 -16.50 -8.38
CA ASP B 92 -38.44 -16.31 -9.75
C ASP B 92 -38.25 -17.60 -10.54
N MET B 93 -37.02 -18.09 -10.59
CA MET B 93 -36.74 -19.31 -11.32
C MET B 93 -37.71 -20.39 -10.90
N LEU B 94 -38.00 -20.43 -9.61
CA LEU B 94 -38.93 -21.41 -9.06
C LEU B 94 -40.30 -21.39 -9.72
N SER B 95 -40.98 -20.25 -9.62
CA SER B 95 -42.32 -20.09 -10.17
C SER B 95 -42.44 -20.46 -11.63
N LYS B 96 -41.34 -20.39 -12.35
CA LYS B 96 -41.38 -20.71 -13.77
C LYS B 96 -41.04 -22.16 -14.04
N PHE B 97 -40.00 -22.67 -13.38
CA PHE B 97 -39.55 -24.03 -13.63
C PHE B 97 -39.76 -25.01 -12.50
N GLY B 98 -40.14 -24.52 -11.33
CA GLY B 98 -40.34 -25.41 -10.20
C GLY B 98 -41.27 -26.58 -10.47
N ARG B 99 -40.83 -27.77 -10.08
CA ARG B 99 -41.65 -28.95 -10.26
C ARG B 99 -42.03 -29.51 -8.91
N ASP B 100 -42.91 -30.51 -8.94
CA ASP B 100 -43.39 -31.14 -7.71
C ASP B 100 -42.31 -31.85 -6.91
N LYS B 101 -41.48 -32.59 -7.61
CA LYS B 101 -40.43 -33.34 -6.95
C LYS B 101 -39.22 -32.50 -6.54
N ASP B 102 -39.23 -31.22 -6.88
CA ASP B 102 -38.09 -30.37 -6.55
C ASP B 102 -38.07 -29.92 -5.10
N ILE B 103 -36.90 -29.48 -4.64
CA ILE B 103 -36.68 -29.01 -3.25
C ILE B 103 -36.61 -27.50 -3.09
N ILE B 104 -37.02 -27.04 -1.92
CA ILE B 104 -36.99 -25.61 -1.59
C ILE B 104 -36.29 -25.35 -0.25
N LEU B 105 -35.39 -24.37 -0.25
CA LEU B 105 -34.70 -23.96 0.96
C LEU B 105 -35.01 -22.49 1.18
N ASN B 106 -35.80 -22.23 2.20
CA ASN B 106 -36.19 -20.88 2.55
C ASN B 106 -36.84 -20.99 3.91
N PRO B 107 -36.08 -20.67 4.97
CA PRO B 107 -36.63 -20.77 6.33
C PRO B 107 -38.02 -20.18 6.52
N TYR B 108 -38.42 -19.25 5.66
CA TYR B 108 -39.73 -18.62 5.81
C TYR B 108 -40.77 -19.01 4.77
N ASP B 109 -40.51 -20.09 4.04
CA ASP B 109 -41.47 -20.52 3.03
C ASP B 109 -42.13 -21.82 3.46
N GLN B 110 -43.45 -21.82 3.43
CA GLN B 110 -44.23 -22.99 3.83
C GLN B 110 -43.72 -24.34 3.29
N ARG B 111 -43.15 -24.32 2.09
CA ARG B 111 -42.66 -25.52 1.44
C ARG B 111 -41.22 -25.93 1.72
N THR B 112 -40.49 -25.11 2.45
CA THR B 112 -39.09 -25.42 2.75
C THR B 112 -38.92 -26.76 3.42
N LYS B 113 -37.70 -27.29 3.31
CA LYS B 113 -37.34 -28.55 3.92
C LYS B 113 -36.74 -28.25 5.30
N GLY B 114 -36.73 -29.26 6.17
CA GLY B 114 -36.15 -29.07 7.49
C GLY B 114 -34.67 -29.40 7.39
N TRP B 115 -33.82 -28.51 7.84
CA TRP B 115 -32.38 -28.76 7.74
C TRP B 115 -31.53 -28.21 8.86
N SER B 116 -30.43 -28.90 9.07
CA SER B 116 -29.44 -28.55 10.07
C SER B 116 -28.12 -29.01 9.44
N PHE B 117 -27.04 -28.30 9.69
CA PHE B 117 -25.79 -28.73 9.10
C PHE B 117 -25.40 -30.08 9.67
N PHE B 118 -25.99 -30.44 10.80
CA PHE B 118 -25.73 -31.73 11.41
C PHE B 118 -26.05 -32.80 10.34
N ASN B 119 -27.15 -32.57 9.62
CA ASN B 119 -27.65 -33.47 8.57
C ASN B 119 -26.64 -33.77 7.47
N GLU B 120 -25.42 -33.26 7.58
CA GLU B 120 -24.41 -33.50 6.54
C GLU B 120 -23.14 -34.16 7.08
N ILE B 121 -23.06 -34.30 8.41
CA ILE B 121 -21.90 -34.93 9.03
C ILE B 121 -21.99 -36.44 8.82
N ARG B 122 -20.94 -37.03 8.25
CA ARG B 122 -20.92 -38.47 8.01
C ARG B 122 -19.62 -39.13 8.48
N ASN B 123 -18.57 -38.32 8.62
CA ASN B 123 -17.26 -38.77 9.06
C ASN B 123 -16.77 -37.70 10.02
N ASP B 124 -15.63 -37.91 10.67
CA ASP B 124 -15.16 -36.90 11.59
C ASP B 124 -14.64 -35.66 10.88
N TYR B 125 -13.90 -35.86 9.81
CA TYR B 125 -13.34 -34.73 9.09
C TYR B 125 -14.44 -33.80 8.61
N ASP B 126 -15.65 -34.33 8.50
CA ASP B 126 -16.77 -33.53 8.05
C ASP B 126 -17.12 -32.40 9.01
N TRP B 127 -16.65 -32.49 10.25
CA TRP B 127 -16.96 -31.44 11.22
C TRP B 127 -16.31 -30.12 10.79
N GLN B 128 -14.99 -30.10 10.68
CA GLN B 128 -14.34 -28.88 10.27
C GLN B 128 -14.88 -28.49 8.91
N ARG B 129 -14.97 -29.51 8.07
CA ARG B 129 -15.45 -29.39 6.70
C ARG B 129 -16.61 -28.42 6.55
N TYR B 130 -17.64 -28.60 7.35
CA TYR B 130 -18.81 -27.75 7.27
C TYR B 130 -18.80 -26.52 8.18
N ALA B 131 -17.90 -26.52 9.16
CA ALA B 131 -17.79 -25.37 10.03
C ALA B 131 -17.38 -24.24 9.06
N LEU B 132 -16.78 -24.64 7.94
CA LEU B 132 -16.35 -23.71 6.90
C LEU B 132 -17.49 -23.15 6.09
N SER B 133 -18.50 -23.99 5.89
CA SER B 133 -19.65 -23.57 5.13
C SER B 133 -20.51 -22.65 5.97
N VAL B 134 -20.59 -22.97 7.26
CA VAL B 134 -21.39 -22.19 8.18
C VAL B 134 -20.73 -20.87 8.48
N VAL B 135 -19.43 -20.94 8.76
CA VAL B 135 -18.63 -19.76 9.09
C VAL B 135 -17.70 -19.48 7.92
N PRO B 136 -18.18 -18.70 6.94
CA PRO B 136 -17.38 -18.35 5.76
C PRO B 136 -16.08 -17.62 6.14
N ARG B 137 -15.27 -17.33 5.11
CA ARG B 137 -13.98 -16.66 5.29
C ARG B 137 -14.05 -15.20 5.68
N GLY B 138 -13.18 -14.80 6.60
CA GLY B 138 -13.15 -13.42 7.06
C GLY B 138 -12.65 -12.47 6.00
N LYS B 139 -13.36 -11.34 5.85
CA LYS B 139 -12.98 -10.35 4.85
C LYS B 139 -11.53 -9.90 4.97
N THR B 140 -11.08 -9.78 6.21
CA THR B 140 -9.70 -9.35 6.48
C THR B 140 -8.98 -10.47 7.21
N ASP B 141 -7.67 -10.32 7.38
CA ASP B 141 -6.88 -11.34 8.07
C ASP B 141 -7.39 -11.45 9.49
N GLU B 142 -7.48 -10.28 10.13
CA GLU B 142 -7.95 -10.20 11.51
C GLU B 142 -9.32 -10.84 11.65
N ALA B 143 -10.22 -10.47 10.76
CA ALA B 143 -11.57 -11.00 10.77
C ALA B 143 -11.54 -12.51 10.66
N GLU B 144 -10.69 -13.02 9.78
CA GLU B 144 -10.58 -14.45 9.60
C GLU B 144 -10.09 -15.12 10.88
N GLU B 145 -9.08 -14.54 11.50
CA GLU B 145 -8.55 -15.08 12.74
C GLU B 145 -9.73 -15.37 13.66
N TRP B 146 -10.58 -14.39 13.89
CA TRP B 146 -11.75 -14.58 14.75
C TRP B 146 -12.61 -15.71 14.19
N ALA B 147 -12.80 -15.65 12.88
CA ALA B 147 -13.59 -16.63 12.17
C ALA B 147 -13.16 -18.05 12.54
N SER B 148 -11.85 -18.28 12.53
CA SER B 148 -11.30 -19.59 12.84
C SER B 148 -11.67 -20.02 14.25
N TYR B 149 -11.45 -19.14 15.22
CA TYR B 149 -11.78 -19.42 16.61
C TYR B 149 -13.23 -19.86 16.65
N GLY B 150 -14.05 -19.16 15.89
CA GLY B 150 -15.47 -19.48 15.83
C GLY B 150 -15.70 -20.91 15.39
N ARG B 151 -14.97 -21.34 14.36
CA ARG B 151 -15.13 -22.70 13.85
C ARG B 151 -14.66 -23.74 14.87
N LEU B 152 -13.65 -23.39 15.66
CA LEU B 152 -13.18 -24.32 16.70
C LEU B 152 -14.33 -24.56 17.67
N LEU B 153 -14.80 -23.46 18.24
CA LEU B 153 -15.90 -23.51 19.18
C LEU B 153 -17.07 -24.27 18.59
N LEU B 154 -17.48 -23.88 17.39
CA LEU B 154 -18.59 -24.53 16.72
C LEU B 154 -18.41 -26.05 16.61
N ARG B 155 -17.33 -26.48 15.97
CA ARG B 155 -17.11 -27.90 15.75
C ARG B 155 -16.99 -28.77 17.02
N GLU B 156 -16.31 -28.28 18.05
CA GLU B 156 -16.17 -29.06 19.27
C GLU B 156 -17.49 -29.16 20.02
N THR B 157 -18.21 -28.05 20.07
CA THR B 157 -19.49 -27.99 20.75
C THR B 157 -20.49 -28.91 20.08
N ALA B 158 -20.72 -28.67 18.79
CA ALA B 158 -21.67 -29.48 18.05
C ALA B 158 -21.25 -30.94 18.09
N LYS B 159 -19.95 -31.18 18.02
CA LYS B 159 -19.44 -32.54 18.04
C LYS B 159 -19.95 -33.25 19.29
N LYS B 160 -19.81 -32.60 20.43
CA LYS B 160 -20.26 -33.15 21.71
C LYS B 160 -21.78 -33.31 21.79
N LEU B 161 -22.50 -32.24 21.50
CA LEU B 161 -23.95 -32.28 21.53
C LEU B 161 -24.43 -33.49 20.77
N ALA B 162 -23.79 -33.74 19.64
CA ALA B 162 -24.13 -34.88 18.81
C ALA B 162 -23.86 -36.16 19.60
N LEU B 163 -22.64 -36.27 20.13
CA LEU B 163 -22.21 -37.44 20.90
C LEU B 163 -23.19 -37.82 22.01
N ILE B 164 -23.61 -36.83 22.77
CA ILE B 164 -24.53 -37.05 23.86
C ILE B 164 -25.97 -37.11 23.37
N GLY B 165 -26.13 -37.43 22.10
CA GLY B 165 -27.45 -37.57 21.49
C GLY B 165 -28.41 -36.40 21.43
N THR B 166 -27.89 -35.19 21.52
CA THR B 166 -28.75 -34.01 21.47
C THR B 166 -28.26 -33.00 20.44
N PRO B 167 -28.19 -33.41 19.17
CA PRO B 167 -27.74 -32.50 18.11
C PRO B 167 -28.76 -31.37 17.85
N SER B 168 -28.95 -30.51 18.86
CA SER B 168 -29.88 -29.39 18.79
C SER B 168 -29.22 -28.05 18.44
N MET B 169 -29.76 -27.40 17.42
CA MET B 169 -29.26 -26.10 17.00
C MET B 169 -29.53 -25.09 18.09
N ARG B 170 -30.66 -25.23 18.74
CA ARG B 170 -31.01 -24.32 19.81
C ARG B 170 -29.99 -24.49 20.91
N GLU B 171 -29.71 -25.75 21.23
CA GLU B 171 -28.73 -26.06 22.26
C GLU B 171 -27.39 -25.50 21.86
N LEU B 172 -26.97 -25.82 20.64
CA LEU B 172 -25.70 -25.35 20.13
C LEU B 172 -25.60 -23.82 20.23
N PHE B 173 -26.68 -23.14 19.86
CA PHE B 173 -26.73 -21.68 19.91
C PHE B 173 -26.57 -21.18 21.34
N HIS B 174 -27.41 -21.72 22.21
CA HIS B 174 -27.39 -21.36 23.63
C HIS B 174 -25.98 -21.37 24.17
N TRP B 175 -25.36 -22.54 24.16
CA TRP B 175 -24.01 -22.71 24.67
C TRP B 175 -23.02 -21.73 24.08
N THR B 176 -22.98 -21.68 22.77
CA THR B 176 -22.04 -20.81 22.08
C THR B 176 -22.26 -19.31 22.14
N THR B 177 -23.43 -18.84 22.58
CA THR B 177 -23.65 -17.40 22.62
C THR B 177 -24.45 -16.91 23.82
N ILE B 178 -24.93 -17.84 24.64
CA ILE B 178 -25.75 -17.47 25.79
C ILE B 178 -25.18 -17.94 27.12
N ALA B 179 -24.86 -19.22 27.23
CA ALA B 179 -24.31 -19.74 28.48
C ALA B 179 -23.23 -18.78 28.95
N THR B 180 -22.93 -18.77 30.24
CA THR B 180 -21.89 -17.89 30.75
C THR B 180 -20.57 -18.48 30.30
N PHE B 181 -19.53 -17.67 30.40
CA PHE B 181 -18.19 -18.09 30.02
C PHE B 181 -17.84 -19.42 30.69
N ASP B 182 -17.92 -19.43 32.02
CA ASP B 182 -17.59 -20.58 32.82
C ASP B 182 -18.40 -21.82 32.46
N ASP B 183 -19.72 -21.67 32.37
CA ASP B 183 -20.56 -22.81 32.03
C ASP B 183 -20.08 -23.41 30.72
N LEU B 184 -19.92 -22.56 29.72
CA LEU B 184 -19.45 -23.01 28.42
C LEU B 184 -18.14 -23.77 28.65
N ARG B 185 -17.18 -23.08 29.26
CA ARG B 185 -15.89 -23.66 29.58
C ARG B 185 -16.06 -25.06 30.16
N GLY B 186 -16.96 -25.18 31.12
CA GLY B 186 -17.23 -26.45 31.73
C GLY B 186 -17.64 -27.42 30.65
N PHE B 187 -18.73 -27.07 29.97
CA PHE B 187 -19.27 -27.91 28.90
C PHE B 187 -18.12 -28.39 28.01
N LEU B 188 -17.21 -27.48 27.72
CA LEU B 188 -16.08 -27.76 26.86
C LEU B 188 -15.08 -28.79 27.39
N GLU B 189 -15.06 -28.99 28.70
CA GLU B 189 -14.16 -29.97 29.27
C GLU B 189 -14.38 -31.31 28.55
N GLY B 190 -13.28 -32.01 28.26
CA GLY B 190 -13.40 -33.27 27.57
C GLY B 190 -13.19 -33.16 26.07
N THR B 191 -13.51 -32.00 25.50
CA THR B 191 -13.33 -31.81 24.05
C THR B 191 -11.99 -31.16 23.79
N LEU B 192 -11.54 -31.29 22.55
CA LEU B 192 -10.27 -30.71 22.15
C LEU B 192 -10.09 -29.25 22.58
N ALA B 193 -11.20 -28.52 22.55
CA ALA B 193 -11.21 -27.10 22.89
C ALA B 193 -11.04 -26.81 24.38
N GLU B 194 -11.25 -27.83 25.20
CA GLU B 194 -11.16 -27.68 26.65
C GLU B 194 -10.03 -26.75 27.06
N SER B 195 -8.82 -27.11 26.69
CA SER B 195 -7.66 -26.30 27.06
C SER B 195 -7.48 -25.06 26.20
N LEU B 196 -7.46 -25.27 24.89
CA LEU B 196 -7.25 -24.18 23.93
C LEU B 196 -7.85 -22.83 24.32
N PHE B 197 -9.08 -22.83 24.81
CA PHE B 197 -9.75 -21.58 25.18
C PHE B 197 -9.57 -21.11 26.63
N ALA B 198 -8.46 -21.46 27.27
CA ALA B 198 -8.23 -21.07 28.64
C ALA B 198 -6.73 -21.01 28.96
N GLY B 199 -6.37 -20.25 29.99
CA GLY B 199 -4.96 -20.15 30.36
C GLY B 199 -4.29 -18.79 30.30
N SER B 200 -4.85 -17.87 29.52
CA SER B 200 -4.27 -16.53 29.42
C SER B 200 -5.36 -15.58 29.01
N ASN B 201 -5.04 -14.29 28.99
CA ASN B 201 -6.02 -13.32 28.57
C ASN B 201 -6.26 -13.58 27.08
N GLU B 202 -5.18 -13.87 26.36
CA GLU B 202 -5.28 -14.15 24.93
C GLU B 202 -6.29 -15.22 24.67
N ALA B 203 -6.19 -16.31 25.42
CA ALA B 203 -7.10 -17.43 25.28
C ALA B 203 -8.55 -16.95 25.46
N SER B 204 -8.80 -16.19 26.51
CA SER B 204 -10.15 -15.67 26.79
C SER B 204 -10.63 -14.82 25.63
N LYS B 205 -9.73 -13.93 25.19
CA LYS B 205 -10.02 -13.03 24.09
C LYS B 205 -10.49 -13.84 22.89
N ALA B 206 -9.72 -14.88 22.58
CA ALA B 206 -10.04 -15.75 21.46
C ALA B 206 -11.44 -16.32 21.62
N LEU B 207 -11.78 -16.76 22.82
CA LEU B 207 -13.10 -17.31 23.03
C LEU B 207 -14.15 -16.24 22.75
N THR B 208 -13.92 -15.05 23.29
CA THR B 208 -14.83 -13.93 23.10
C THR B 208 -15.13 -13.75 21.60
N SER B 209 -14.06 -13.70 20.82
CA SER B 209 -14.22 -13.51 19.38
C SER B 209 -15.08 -14.61 18.78
N ALA B 210 -14.79 -15.86 19.13
CA ALA B 210 -15.56 -16.98 18.60
C ALA B 210 -17.04 -16.80 18.86
N ARG B 211 -17.37 -16.34 20.07
CA ARG B 211 -18.75 -16.13 20.45
C ARG B 211 -19.43 -15.15 19.53
N PHE B 212 -18.78 -14.00 19.35
CA PHE B 212 -19.31 -12.95 18.49
C PHE B 212 -19.61 -13.45 17.09
N VAL B 213 -18.64 -14.11 16.48
CA VAL B 213 -18.86 -14.62 15.14
C VAL B 213 -20.10 -15.50 15.10
N LEU B 214 -20.11 -16.55 15.90
CA LEU B 214 -21.23 -17.47 15.91
C LEU B 214 -22.56 -16.77 16.17
N SER B 215 -22.56 -15.77 17.04
CA SER B 215 -23.78 -15.06 17.31
C SER B 215 -24.22 -14.35 16.03
N ASP B 216 -23.25 -14.03 15.18
CA ASP B 216 -23.52 -13.34 13.92
C ASP B 216 -24.05 -14.27 12.83
N LYS B 217 -23.48 -15.47 12.74
CA LYS B 217 -23.88 -16.40 11.70
C LYS B 217 -25.06 -17.30 12.01
N LEU B 218 -24.98 -17.98 13.15
CA LEU B 218 -25.99 -18.94 13.62
C LEU B 218 -27.46 -18.53 13.67
N PRO B 219 -27.77 -17.31 14.12
CA PRO B 219 -29.16 -16.86 14.19
C PRO B 219 -30.14 -17.53 13.24
N GLU B 220 -29.90 -17.36 11.95
CA GLU B 220 -30.77 -17.94 10.94
C GLU B 220 -30.82 -19.46 10.98
N HIS B 221 -29.64 -20.06 11.15
CA HIS B 221 -29.49 -21.50 11.21
C HIS B 221 -30.38 -22.12 12.27
N VAL B 222 -30.58 -21.37 13.35
CA VAL B 222 -31.42 -21.77 14.48
C VAL B 222 -32.91 -21.69 14.12
N THR B 223 -33.35 -20.47 13.84
CA THR B 223 -34.74 -20.19 13.47
C THR B 223 -35.16 -20.93 12.21
N MET B 224 -34.28 -21.79 11.72
CA MET B 224 -34.55 -22.56 10.52
C MET B 224 -35.42 -23.76 10.87
N PRO B 225 -36.47 -24.01 10.07
CA PRO B 225 -37.38 -25.15 10.30
C PRO B 225 -36.55 -26.44 10.37
N ASP B 226 -36.85 -27.31 11.32
CA ASP B 226 -36.09 -28.55 11.46
C ASP B 226 -36.57 -29.73 10.64
N GLY B 227 -35.60 -30.50 10.17
CA GLY B 227 -35.88 -31.68 9.35
C GLY B 227 -34.66 -32.58 9.25
N ASP B 228 -34.76 -33.59 8.39
CA ASP B 228 -33.67 -34.54 8.20
C ASP B 228 -33.08 -34.44 6.81
N PHE B 229 -33.55 -33.44 6.06
CA PHE B 229 -33.07 -33.26 4.71
C PHE B 229 -31.55 -33.07 4.65
N SER B 230 -30.90 -33.81 3.74
CA SER B 230 -29.46 -33.74 3.56
C SER B 230 -29.09 -33.38 2.14
N ILE B 231 -28.43 -32.24 2.00
CA ILE B 231 -27.99 -31.75 0.70
C ILE B 231 -27.13 -32.83 0.10
N ARG B 232 -26.28 -33.45 0.91
CA ARG B 232 -25.41 -34.51 0.42
C ARG B 232 -26.24 -35.64 -0.18
N SER B 233 -27.07 -36.26 0.64
CA SER B 233 -27.92 -37.35 0.19
C SER B 233 -28.67 -36.97 -1.07
N TRP B 234 -29.25 -35.77 -1.08
CA TRP B 234 -30.00 -35.27 -2.22
C TRP B 234 -29.18 -35.36 -3.49
N LEU B 235 -27.92 -34.94 -3.39
CA LEU B 235 -27.02 -34.97 -4.53
C LEU B 235 -26.87 -36.39 -5.04
N GLU B 236 -26.75 -37.33 -4.11
CA GLU B 236 -26.57 -38.74 -4.45
C GLU B 236 -27.81 -39.41 -5.05
N ASP B 237 -29.00 -38.90 -4.72
CA ASP B 237 -30.23 -39.47 -5.27
C ASP B 237 -30.48 -38.96 -6.68
N PRO B 238 -30.49 -39.86 -7.68
CA PRO B 238 -30.71 -39.52 -9.09
C PRO B 238 -32.04 -38.79 -9.30
N ASN B 239 -33.11 -39.44 -8.86
CA ASN B 239 -34.46 -38.88 -9.00
C ASN B 239 -34.68 -37.78 -7.98
N GLY B 240 -33.60 -37.28 -7.41
CA GLY B 240 -33.70 -36.22 -6.42
C GLY B 240 -34.47 -34.99 -6.87
N GLY B 241 -34.27 -34.58 -8.12
CA GLY B 241 -34.95 -33.40 -8.61
C GLY B 241 -34.02 -32.20 -8.57
N ASN B 242 -34.59 -31.01 -8.47
CA ASN B 242 -33.77 -29.80 -8.43
C ASN B 242 -33.87 -29.10 -7.10
N LEU B 243 -32.96 -28.16 -6.87
CA LEU B 243 -32.93 -27.42 -5.62
C LEU B 243 -32.98 -25.92 -5.83
N PHE B 244 -33.96 -25.28 -5.20
CA PHE B 244 -34.09 -23.84 -5.29
C PHE B 244 -33.85 -23.21 -3.92
N ILE B 245 -32.81 -22.39 -3.84
CA ILE B 245 -32.52 -21.68 -2.60
C ILE B 245 -33.12 -20.31 -2.86
N THR B 246 -34.27 -20.05 -2.26
CA THR B 246 -34.96 -18.79 -2.47
C THR B 246 -35.04 -17.95 -1.21
N TRP B 247 -35.44 -16.69 -1.38
CA TRP B 247 -35.58 -15.77 -0.26
C TRP B 247 -36.21 -14.49 -0.77
N ARG B 248 -36.67 -13.66 0.17
CA ARG B 248 -37.28 -12.40 -0.19
C ARG B 248 -36.21 -11.31 -0.11
N GLU B 249 -36.11 -10.48 -1.15
CA GLU B 249 -35.10 -9.44 -1.22
C GLU B 249 -34.87 -8.53 -0.02
N ASP B 250 -35.92 -8.17 0.70
CA ASP B 250 -35.72 -7.30 1.84
C ASP B 250 -35.03 -8.01 3.01
N MET B 251 -34.82 -9.31 2.88
CA MET B 251 -34.15 -10.08 3.93
C MET B 251 -32.80 -10.63 3.46
N GLY B 252 -32.44 -10.33 2.22
CA GLY B 252 -31.19 -10.81 1.66
C GLY B 252 -30.00 -10.74 2.58
N PRO B 253 -29.76 -9.55 3.18
CA PRO B 253 -28.63 -9.35 4.09
C PRO B 253 -28.67 -10.26 5.32
N ALA B 254 -29.89 -10.60 5.73
CA ALA B 254 -30.06 -11.47 6.89
C ALA B 254 -29.73 -12.93 6.59
N LEU B 255 -30.02 -13.35 5.37
CA LEU B 255 -29.80 -14.74 4.97
C LEU B 255 -28.46 -14.98 4.32
N ARG B 256 -27.82 -13.89 3.91
CA ARG B 256 -26.53 -13.96 3.28
C ARG B 256 -25.67 -15.09 3.85
N PRO B 257 -25.48 -15.11 5.17
CA PRO B 257 -24.68 -16.15 5.81
C PRO B 257 -25.26 -17.57 5.66
N LEU B 258 -26.57 -17.70 5.81
CA LEU B 258 -27.16 -19.01 5.68
C LEU B 258 -26.98 -19.51 4.25
N ILE B 259 -27.48 -18.75 3.29
CA ILE B 259 -27.37 -19.12 1.89
C ILE B 259 -25.91 -19.40 1.52
N SER B 260 -25.02 -18.52 1.95
CA SER B 260 -23.62 -18.73 1.65
C SER B 260 -23.20 -20.11 2.16
N ALA B 261 -23.79 -20.52 3.27
CA ALA B 261 -23.48 -21.81 3.83
C ALA B 261 -23.97 -22.87 2.86
N TRP B 262 -25.25 -22.85 2.56
CA TRP B 262 -25.80 -23.82 1.63
C TRP B 262 -24.96 -23.95 0.37
N VAL B 263 -24.81 -22.84 -0.35
CA VAL B 263 -24.02 -22.83 -1.56
C VAL B 263 -22.67 -23.46 -1.33
N ASP B 264 -22.03 -23.08 -0.24
CA ASP B 264 -20.73 -23.65 0.06
C ASP B 264 -20.85 -25.13 0.32
N VAL B 265 -21.86 -25.53 1.10
CA VAL B 265 -22.09 -26.94 1.40
C VAL B 265 -21.95 -27.75 0.13
N VAL B 266 -22.77 -27.37 -0.84
CA VAL B 266 -22.79 -27.98 -2.15
C VAL B 266 -21.39 -28.03 -2.75
N CYS B 267 -20.72 -26.88 -2.79
CA CYS B 267 -19.37 -26.85 -3.33
C CYS B 267 -18.41 -27.87 -2.75
N THR B 268 -18.61 -28.26 -1.49
CA THR B 268 -17.71 -29.25 -0.90
C THR B 268 -18.29 -30.60 -1.08
N SER B 269 -19.59 -30.71 -0.87
CA SER B 269 -20.31 -31.98 -1.00
C SER B 269 -20.06 -32.71 -2.32
N ILE B 270 -20.25 -32.02 -3.44
CA ILE B 270 -20.06 -32.62 -4.75
C ILE B 270 -18.73 -33.36 -4.88
N LEU B 271 -17.75 -32.92 -4.12
CA LEU B 271 -16.42 -33.51 -4.15
C LEU B 271 -16.35 -34.93 -3.57
N SER B 272 -17.38 -35.33 -2.85
CA SER B 272 -17.41 -36.69 -2.26
C SER B 272 -18.30 -37.63 -3.06
N LEU B 273 -19.06 -37.06 -3.99
CA LEU B 273 -19.96 -37.84 -4.82
C LEU B 273 -19.28 -39.00 -5.52
N PRO B 274 -20.00 -40.13 -5.63
CA PRO B 274 -19.46 -41.32 -6.30
C PRO B 274 -19.26 -41.10 -7.80
N GLU B 275 -18.15 -41.60 -8.28
CA GLU B 275 -17.78 -41.54 -9.68
C GLU B 275 -18.96 -41.79 -10.62
N GLU B 276 -19.42 -40.76 -11.33
CA GLU B 276 -20.54 -40.93 -12.24
C GLU B 276 -20.41 -40.09 -13.50
N PRO B 277 -19.87 -40.68 -14.58
CA PRO B 277 -19.66 -40.05 -15.88
C PRO B 277 -20.90 -39.44 -16.52
N LYS B 278 -22.06 -39.92 -16.10
CA LYS B 278 -23.33 -39.45 -16.66
C LYS B 278 -23.92 -38.27 -15.89
N ARG B 279 -23.33 -37.93 -14.75
CA ARG B 279 -23.87 -36.84 -13.94
C ARG B 279 -23.62 -35.46 -14.54
N ARG B 280 -24.64 -34.60 -14.47
CA ARG B 280 -24.54 -33.23 -14.97
C ARG B 280 -25.23 -32.29 -13.98
N LEU B 281 -24.45 -31.55 -13.19
CA LEU B 281 -25.02 -30.63 -12.22
C LEU B 281 -24.66 -29.16 -12.43
N TRP B 282 -25.68 -28.30 -12.38
CA TRP B 282 -25.47 -26.88 -12.56
C TRP B 282 -25.59 -26.07 -11.28
N LEU B 283 -24.69 -25.12 -11.11
CA LEU B 283 -24.75 -24.28 -9.94
C LEU B 283 -24.97 -22.88 -10.43
N PHE B 284 -26.17 -22.38 -10.18
CA PHE B 284 -26.51 -21.04 -10.61
C PHE B 284 -26.41 -20.09 -9.45
N ILE B 285 -25.38 -19.27 -9.45
CA ILE B 285 -25.23 -18.30 -8.39
C ILE B 285 -25.42 -16.99 -9.12
N ASP B 286 -26.66 -16.50 -9.13
CA ASP B 286 -26.98 -15.25 -9.83
C ASP B 286 -25.94 -14.15 -9.62
N GLU B 287 -25.59 -13.87 -8.36
CA GLU B 287 -24.62 -12.83 -8.09
C GLU B 287 -23.58 -13.28 -7.12
N LEU B 288 -22.47 -13.73 -7.67
CA LEU B 288 -21.37 -14.23 -6.88
C LEU B 288 -20.96 -13.30 -5.74
N ALA B 289 -20.84 -12.02 -6.07
CA ALA B 289 -20.42 -10.99 -5.13
C ALA B 289 -21.33 -10.74 -3.94
N SER B 290 -22.59 -11.14 -4.05
CA SER B 290 -23.50 -10.90 -2.96
C SER B 290 -23.46 -11.95 -1.88
N LEU B 291 -22.75 -13.04 -2.14
CA LEU B 291 -22.63 -14.08 -1.14
C LEU B 291 -21.41 -13.73 -0.34
N GLU B 292 -21.11 -14.54 0.68
CA GLU B 292 -19.93 -14.27 1.47
C GLU B 292 -18.72 -14.82 0.77
N LYS B 293 -17.57 -14.71 1.42
CA LYS B 293 -16.34 -15.23 0.84
C LYS B 293 -16.37 -16.73 1.07
N LEU B 294 -17.03 -17.45 0.16
CA LEU B 294 -17.17 -18.90 0.25
C LEU B 294 -15.85 -19.62 0.44
N ALA B 295 -15.87 -20.71 1.20
CA ALA B 295 -14.65 -21.46 1.47
C ALA B 295 -14.36 -22.60 0.49
N SER B 296 -15.38 -23.13 -0.18
CA SER B 296 -15.13 -24.25 -1.09
C SER B 296 -15.20 -23.92 -2.58
N LEU B 297 -15.94 -22.89 -2.92
CA LEU B 297 -16.12 -22.48 -4.31
C LEU B 297 -14.87 -22.72 -5.16
N ALA B 298 -13.75 -22.21 -4.68
CA ALA B 298 -12.47 -22.34 -5.37
C ALA B 298 -12.21 -23.72 -5.94
N ASP B 299 -12.04 -24.68 -5.04
CA ASP B 299 -11.77 -26.06 -5.43
C ASP B 299 -12.90 -26.61 -6.29
N ALA B 300 -14.14 -26.28 -5.93
CA ALA B 300 -15.27 -26.77 -6.70
C ALA B 300 -15.14 -26.39 -8.18
N LEU B 301 -14.66 -25.18 -8.45
CA LEU B 301 -14.49 -24.69 -9.83
C LEU B 301 -13.26 -25.30 -10.46
N THR B 302 -12.58 -26.12 -9.70
CA THR B 302 -11.36 -26.72 -10.17
C THR B 302 -11.28 -28.24 -10.14
N LYS B 303 -12.06 -28.86 -9.27
CA LYS B 303 -12.03 -30.32 -9.16
C LYS B 303 -13.40 -30.98 -9.36
N GLY B 304 -14.37 -30.21 -9.83
CA GLY B 304 -15.71 -30.75 -10.03
C GLY B 304 -16.06 -31.18 -11.43
N ARG B 305 -15.07 -31.26 -12.31
CA ARG B 305 -15.31 -31.67 -13.68
C ARG B 305 -15.69 -33.15 -13.63
N LYS B 306 -15.04 -33.87 -12.73
CA LYS B 306 -15.27 -35.29 -12.55
C LYS B 306 -16.70 -35.55 -12.03
N ALA B 307 -17.18 -34.66 -11.16
CA ALA B 307 -18.53 -34.82 -10.62
C ALA B 307 -19.54 -34.30 -11.64
N GLY B 308 -19.06 -33.49 -12.58
CA GLY B 308 -19.95 -32.94 -13.59
C GLY B 308 -20.57 -31.62 -13.15
N LEU B 309 -19.81 -30.84 -12.40
CA LEU B 309 -20.27 -29.55 -11.90
C LEU B 309 -20.09 -28.47 -12.94
N ARG B 310 -21.13 -27.70 -13.15
CA ARG B 310 -21.14 -26.58 -14.09
C ARG B 310 -21.61 -25.33 -13.37
N VAL B 311 -20.69 -24.41 -13.10
CA VAL B 311 -21.07 -23.19 -12.41
C VAL B 311 -21.35 -22.01 -13.32
N VAL B 312 -22.41 -21.29 -12.99
CA VAL B 312 -22.82 -20.12 -13.73
C VAL B 312 -23.03 -19.02 -12.71
N ALA B 313 -22.17 -18.00 -12.78
CA ALA B 313 -22.25 -16.89 -11.87
C ALA B 313 -22.26 -15.56 -12.62
N GLY B 314 -22.79 -14.55 -11.95
CA GLY B 314 -22.86 -13.24 -12.56
C GLY B 314 -22.18 -12.21 -11.69
N LEU B 315 -21.77 -11.12 -12.35
CA LEU B 315 -21.12 -9.98 -11.71
C LEU B 315 -21.45 -8.68 -12.40
N GLN B 316 -21.20 -7.57 -11.71
CA GLN B 316 -21.44 -6.26 -12.27
C GLN B 316 -20.09 -5.55 -12.41
N SER B 317 -19.56 -5.03 -11.30
CA SER B 317 -18.26 -4.32 -11.27
C SER B 317 -17.19 -5.25 -10.69
N THR B 318 -15.97 -5.16 -11.20
CA THR B 318 -14.92 -6.05 -10.70
C THR B 318 -14.59 -5.72 -9.26
N SER B 319 -14.80 -4.46 -8.90
CA SER B 319 -14.52 -3.98 -7.54
C SER B 319 -15.33 -4.73 -6.50
N GLN B 320 -16.49 -5.24 -6.88
CA GLN B 320 -17.35 -5.98 -5.96
C GLN B 320 -16.64 -7.22 -5.43
N LEU B 321 -16.47 -8.21 -6.30
CA LEU B 321 -15.82 -9.45 -5.91
C LEU B 321 -14.47 -9.21 -5.26
N ASP B 322 -13.79 -8.17 -5.69
CA ASP B 322 -12.49 -7.84 -5.12
C ASP B 322 -12.64 -7.56 -3.65
N ASP B 323 -13.48 -6.59 -3.33
CA ASP B 323 -13.69 -6.22 -1.95
C ASP B 323 -14.08 -7.41 -1.08
N VAL B 324 -14.85 -8.33 -1.66
CA VAL B 324 -15.29 -9.53 -0.93
C VAL B 324 -14.18 -10.55 -0.72
N TYR B 325 -13.65 -11.07 -1.83
CA TYR B 325 -12.59 -12.07 -1.79
C TYR B 325 -11.17 -11.54 -1.66
N GLY B 326 -10.95 -10.26 -1.85
CA GLY B 326 -9.60 -9.73 -1.77
C GLY B 326 -9.14 -9.72 -3.21
N VAL B 327 -8.27 -8.78 -3.56
CA VAL B 327 -7.78 -8.65 -4.93
C VAL B 327 -7.19 -9.92 -5.55
N LYS B 328 -6.14 -10.46 -4.92
CA LYS B 328 -5.49 -11.67 -5.40
C LYS B 328 -6.46 -12.82 -5.53
N GLU B 329 -7.21 -13.06 -4.47
CA GLU B 329 -8.16 -14.16 -4.44
C GLU B 329 -9.29 -14.01 -5.45
N ALA B 330 -9.66 -12.77 -5.72
CA ALA B 330 -10.72 -12.48 -6.69
C ALA B 330 -10.17 -12.87 -8.07
N GLN B 331 -8.99 -12.39 -8.41
CA GLN B 331 -8.40 -12.73 -9.70
C GLN B 331 -8.49 -14.22 -9.98
N THR B 332 -7.90 -15.00 -9.09
CA THR B 332 -7.89 -16.45 -9.19
C THR B 332 -9.27 -16.99 -9.45
N LEU B 333 -10.22 -16.58 -8.61
CA LEU B 333 -11.59 -17.03 -8.73
C LEU B 333 -12.18 -16.79 -10.14
N ARG B 334 -12.12 -15.56 -10.61
CA ARG B 334 -12.67 -15.25 -11.94
C ARG B 334 -12.00 -16.12 -13.00
N ALA B 335 -10.67 -16.16 -12.93
CA ALA B 335 -9.85 -16.92 -13.85
C ALA B 335 -10.33 -18.40 -13.98
N SER B 336 -11.03 -18.89 -12.96
CA SER B 336 -11.53 -20.26 -12.97
C SER B 336 -12.72 -20.47 -13.90
N PHE B 337 -13.36 -19.38 -14.33
CA PHE B 337 -14.46 -19.49 -15.27
C PHE B 337 -13.83 -19.38 -16.65
N ARG B 338 -13.87 -20.45 -17.42
CA ARG B 338 -13.24 -20.43 -18.73
C ARG B 338 -14.07 -19.73 -19.78
N SER B 339 -15.39 -19.72 -19.61
CA SER B 339 -16.24 -19.06 -20.60
C SER B 339 -16.88 -17.81 -19.99
N LEU B 340 -16.89 -16.72 -20.78
CA LEU B 340 -17.43 -15.43 -20.36
C LEU B 340 -18.45 -14.77 -21.30
N VAL B 341 -19.37 -14.02 -20.71
CA VAL B 341 -20.39 -13.29 -21.44
C VAL B 341 -20.34 -11.84 -20.99
N VAL B 342 -20.21 -10.92 -21.92
CA VAL B 342 -20.18 -9.51 -21.57
C VAL B 342 -21.44 -8.80 -21.99
N LEU B 343 -22.22 -8.39 -20.99
CA LEU B 343 -23.49 -7.74 -21.23
C LEU B 343 -23.53 -6.22 -21.41
N GLY B 344 -22.41 -5.55 -21.20
CA GLY B 344 -22.41 -4.10 -21.37
C GLY B 344 -22.77 -3.38 -20.11
N GLY B 345 -21.93 -2.44 -19.70
CA GLY B 345 -22.15 -1.70 -18.47
C GLY B 345 -22.38 -0.21 -18.58
N SER B 346 -22.19 0.48 -17.45
CA SER B 346 -22.38 1.92 -17.35
C SER B 346 -21.11 2.68 -17.69
N ARG B 347 -21.27 3.90 -18.18
CA ARG B 347 -20.11 4.70 -18.53
C ARG B 347 -19.39 5.20 -17.30
N THR B 348 -20.11 5.23 -16.19
CA THR B 348 -19.55 5.72 -14.94
C THR B 348 -18.51 4.78 -14.36
N ASP B 349 -18.38 3.59 -14.95
CA ASP B 349 -17.38 2.64 -14.46
C ASP B 349 -16.39 2.26 -15.52
N PRO B 350 -15.57 3.23 -15.95
CA PRO B 350 -14.57 2.97 -16.99
C PRO B 350 -13.58 1.88 -16.68
N LYS B 351 -13.25 1.70 -15.40
CA LYS B 351 -12.27 0.69 -15.04
C LYS B 351 -12.75 -0.72 -15.38
N THR B 352 -14.00 -1.03 -15.05
CA THR B 352 -14.49 -2.36 -15.35
C THR B 352 -14.65 -2.54 -16.87
N ASN B 353 -15.04 -1.48 -17.58
CA ASN B 353 -15.18 -1.59 -19.03
C ASN B 353 -13.83 -1.91 -19.65
N GLU B 354 -12.77 -1.38 -19.05
CA GLU B 354 -11.43 -1.65 -19.54
C GLU B 354 -11.11 -3.13 -19.30
N ASP B 355 -11.39 -3.61 -18.09
CA ASP B 355 -11.15 -5.01 -17.72
C ASP B 355 -11.83 -5.96 -18.71
N MET B 356 -13.09 -5.69 -19.04
CA MET B 356 -13.80 -6.52 -19.98
C MET B 356 -13.22 -6.38 -21.38
N SER B 357 -12.97 -5.14 -21.79
CA SER B 357 -12.40 -4.88 -23.11
C SER B 357 -11.14 -5.71 -23.30
N LEU B 358 -10.33 -5.76 -22.25
CA LEU B 358 -9.07 -6.47 -22.27
C LEU B 358 -9.28 -7.97 -22.12
N SER B 359 -10.30 -8.38 -21.38
CA SER B 359 -10.58 -9.79 -21.20
C SER B 359 -11.01 -10.33 -22.55
N LEU B 360 -11.69 -9.48 -23.31
CA LEU B 360 -12.15 -9.85 -24.64
C LEU B 360 -10.95 -10.04 -25.57
N GLY B 361 -9.88 -9.30 -25.30
CA GLY B 361 -8.67 -9.45 -26.09
C GLY B 361 -8.41 -8.52 -27.26
N GLU B 362 -7.17 -8.57 -27.74
CA GLU B 362 -6.69 -7.79 -28.89
C GLU B 362 -6.46 -8.76 -30.05
N HIS B 363 -6.20 -8.20 -31.22
CA HIS B 363 -5.90 -8.98 -32.41
C HIS B 363 -4.84 -8.22 -33.18
N GLU B 364 -4.06 -8.93 -34.00
CA GLU B 364 -3.06 -8.26 -34.79
C GLU B 364 -3.50 -8.40 -36.22
N VAL B 365 -3.66 -7.26 -36.87
CA VAL B 365 -4.15 -7.25 -38.22
C VAL B 365 -3.27 -6.52 -39.19
N GLU B 366 -3.44 -6.87 -40.46
CA GLU B 366 -2.69 -6.27 -41.55
C GLU B 366 -3.76 -5.51 -42.33
N ARG B 367 -3.58 -4.20 -42.42
CA ARG B 367 -4.56 -3.37 -43.09
C ARG B 367 -3.92 -2.56 -44.20
N ASP B 368 -4.77 -2.07 -45.10
CA ASP B 368 -4.30 -1.26 -46.21
C ASP B 368 -3.95 0.15 -45.76
N ARG B 369 -3.62 1.01 -46.73
CA ARG B 369 -3.22 2.38 -46.42
C ARG B 369 -4.24 3.43 -46.90
N LEU B 384 0.29 -1.20 -46.71
CA LEU B 384 0.26 -2.25 -45.65
C LEU B 384 0.77 -1.73 -44.32
N GLU B 385 0.17 -2.20 -43.23
CA GLU B 385 0.56 -1.81 -41.88
C GLU B 385 -0.01 -2.77 -40.84
N ARG B 386 0.82 -3.20 -39.90
CA ARG B 386 0.35 -4.09 -38.84
C ARG B 386 -0.25 -3.20 -37.80
N VAL B 387 -1.25 -3.70 -37.12
CA VAL B 387 -1.87 -2.94 -36.08
C VAL B 387 -2.34 -3.93 -35.06
N ARG B 388 -2.08 -3.62 -33.80
CA ARG B 388 -2.50 -4.48 -32.70
C ARG B 388 -3.59 -3.66 -32.02
N GLU B 389 -4.77 -4.23 -31.84
CA GLU B 389 -5.86 -3.48 -31.22
C GLU B 389 -6.94 -4.29 -30.53
N ARG B 390 -7.68 -3.62 -29.65
CA ARG B 390 -8.76 -4.29 -28.94
C ARG B 390 -9.83 -4.64 -29.93
N VAL B 391 -10.30 -5.89 -29.83
CA VAL B 391 -11.37 -6.38 -30.68
C VAL B 391 -12.63 -5.58 -30.30
N VAL B 392 -12.83 -5.40 -29.00
CA VAL B 392 -13.96 -4.62 -28.53
C VAL B 392 -13.40 -3.53 -27.61
N MET B 393 -13.71 -2.28 -27.95
CA MET B 393 -13.26 -1.14 -27.18
C MET B 393 -14.05 -1.05 -25.90
N PRO B 394 -13.50 -0.40 -24.88
CA PRO B 394 -14.25 -0.29 -23.63
C PRO B 394 -15.51 0.51 -23.95
N ALA B 395 -15.34 1.50 -24.83
CA ALA B 395 -16.42 2.37 -25.26
C ALA B 395 -17.60 1.56 -25.79
N GLU B 396 -17.30 0.60 -26.66
CA GLU B 396 -18.33 -0.24 -27.25
C GLU B 396 -19.16 -0.94 -26.17
N ILE B 397 -18.48 -1.41 -25.14
CA ILE B 397 -19.16 -2.09 -24.04
C ILE B 397 -20.07 -1.17 -23.26
N ALA B 398 -19.60 0.04 -23.00
CA ALA B 398 -20.41 1.01 -22.27
C ALA B 398 -21.62 1.42 -23.10
N ASN B 399 -21.45 1.47 -24.41
CA ASN B 399 -22.52 1.87 -25.32
C ASN B 399 -23.44 0.75 -25.79
N LEU B 400 -23.25 -0.45 -25.27
CA LEU B 400 -24.11 -1.56 -25.65
C LEU B 400 -25.55 -1.31 -25.26
N PRO B 401 -26.48 -1.67 -26.15
CA PRO B 401 -27.91 -1.48 -25.84
C PRO B 401 -28.28 -2.74 -25.05
N ASP B 402 -29.42 -2.73 -24.37
CA ASP B 402 -29.81 -3.90 -23.58
C ASP B 402 -29.97 -5.16 -24.41
N LEU B 403 -30.00 -6.30 -23.73
CA LEU B 403 -30.20 -7.57 -24.38
C LEU B 403 -29.27 -7.78 -25.56
N THR B 404 -28.03 -7.36 -25.39
CA THR B 404 -27.02 -7.53 -26.43
C THR B 404 -25.77 -7.88 -25.66
N ALA B 405 -25.05 -8.86 -26.13
CA ALA B 405 -23.85 -9.27 -25.43
C ALA B 405 -22.81 -9.93 -26.31
N TYR B 406 -21.59 -9.95 -25.81
CA TYR B 406 -20.51 -10.59 -26.52
C TYR B 406 -20.33 -11.94 -25.87
N VAL B 407 -20.15 -12.97 -26.68
CA VAL B 407 -19.97 -14.29 -26.13
C VAL B 407 -18.67 -14.88 -26.60
N GLY B 408 -17.82 -15.18 -25.63
CA GLY B 408 -16.52 -15.76 -25.93
C GLY B 408 -16.42 -17.05 -25.15
N PHE B 409 -16.78 -18.15 -25.81
CA PHE B 409 -16.73 -19.44 -25.17
C PHE B 409 -15.30 -19.84 -24.83
N ALA B 410 -15.16 -20.69 -23.82
CA ALA B 410 -13.84 -21.16 -23.41
C ALA B 410 -13.07 -21.73 -24.60
N GLY B 411 -11.75 -21.80 -24.46
CA GLY B 411 -10.89 -22.35 -25.50
C GLY B 411 -10.64 -21.51 -26.74
N ASN B 412 -10.26 -22.19 -27.82
CA ASN B 412 -9.99 -21.54 -29.11
C ASN B 412 -11.24 -21.36 -29.96
N ARG B 413 -11.99 -20.29 -29.68
CA ARG B 413 -13.22 -20.01 -30.42
C ARG B 413 -13.30 -18.51 -30.61
N PRO B 414 -13.94 -18.06 -31.70
CA PRO B 414 -14.02 -16.61 -31.89
C PRO B 414 -15.09 -16.12 -30.92
N ILE B 415 -15.30 -14.81 -30.90
CA ILE B 415 -16.31 -14.24 -30.04
C ILE B 415 -17.30 -13.59 -30.98
N ALA B 416 -18.48 -13.29 -30.48
CA ALA B 416 -19.48 -12.63 -31.30
C ALA B 416 -20.41 -11.79 -30.45
N LYS B 417 -21.03 -10.82 -31.10
CA LYS B 417 -21.99 -9.95 -30.47
C LYS B 417 -23.33 -10.53 -30.87
N VAL B 418 -24.11 -10.91 -29.88
CA VAL B 418 -25.39 -11.53 -30.11
C VAL B 418 -26.51 -10.82 -29.40
N PRO B 419 -27.73 -10.91 -29.93
CA PRO B 419 -28.88 -10.27 -29.30
C PRO B 419 -29.52 -11.28 -28.36
N LEU B 420 -29.98 -10.78 -27.22
CA LEU B 420 -30.62 -11.59 -26.21
C LEU B 420 -32.12 -11.49 -26.41
N GLU B 421 -32.81 -12.60 -26.62
CA GLU B 421 -34.26 -12.51 -26.81
C GLU B 421 -35.03 -12.90 -25.55
N ILE B 422 -36.12 -12.18 -25.28
CA ILE B 422 -36.94 -12.42 -24.11
C ILE B 422 -38.01 -13.49 -24.31
N LYS B 423 -37.67 -14.77 -24.17
CA LYS B 423 -38.70 -15.79 -24.32
C LYS B 423 -39.59 -15.68 -23.10
N GLN B 424 -40.88 -15.95 -23.25
CA GLN B 424 -41.80 -15.86 -22.12
C GLN B 424 -42.07 -17.22 -21.49
N PHE B 425 -42.13 -17.26 -20.17
CA PHE B 425 -42.39 -18.51 -19.45
C PHE B 425 -43.58 -18.37 -18.51
N ALA B 426 -44.52 -19.30 -18.60
CA ALA B 426 -45.69 -19.26 -17.75
C ALA B 426 -45.34 -19.71 -16.35
N ASN B 427 -46.03 -19.16 -15.36
CA ASN B 427 -45.76 -19.51 -13.98
C ASN B 427 -46.40 -20.81 -13.60
N ARG B 428 -45.57 -21.83 -13.38
CA ARG B 428 -46.05 -23.15 -13.00
C ARG B 428 -45.94 -23.42 -11.49
N GLN B 429 -45.93 -22.34 -10.70
CA GLN B 429 -45.83 -22.44 -9.24
C GLN B 429 -45.72 -21.07 -8.62
N PRO B 430 -46.20 -20.90 -7.38
CA PRO B 430 -46.12 -19.60 -6.72
C PRO B 430 -44.68 -19.40 -6.28
N ALA B 431 -44.19 -18.18 -6.43
CA ALA B 431 -42.81 -17.91 -6.04
C ALA B 431 -42.61 -18.05 -4.54
N PHE B 432 -43.60 -17.61 -3.76
CA PHE B 432 -43.48 -17.70 -2.32
C PHE B 432 -44.77 -18.17 -1.67
N VAL B 433 -44.65 -18.89 -0.55
CA VAL B 433 -45.81 -19.41 0.18
C VAL B 433 -45.64 -19.31 1.69
N GLU B 434 -46.59 -18.62 2.32
CA GLU B 434 -46.64 -18.39 3.76
C GLU B 434 -46.55 -16.89 4.01
N GLY C 5 -17.42 15.96 -39.81
CA GLY C 5 -18.29 15.99 -38.60
C GLY C 5 -17.88 16.98 -37.53
N GLN C 6 -18.20 18.26 -37.75
CA GLN C 6 -17.87 19.32 -36.80
C GLN C 6 -19.11 19.76 -36.03
N GLY C 7 -19.07 20.97 -35.46
CA GLY C 7 -20.19 21.53 -34.72
C GLY C 7 -20.72 20.75 -33.51
N GLU C 8 -20.11 19.61 -33.22
CA GLU C 8 -20.52 18.78 -32.07
C GLU C 8 -19.29 18.19 -31.39
N PHE C 9 -18.27 17.85 -32.17
CA PHE C 9 -17.03 17.28 -31.66
C PHE C 9 -15.97 18.36 -31.62
N GLY C 10 -15.28 18.47 -30.48
CA GLY C 10 -14.25 19.48 -30.34
C GLY C 10 -12.98 19.34 -31.15
N GLY C 11 -12.53 18.11 -31.40
CA GLY C 11 -11.31 17.91 -32.14
C GLY C 11 -11.44 18.23 -33.62
N ALA C 12 -10.55 17.65 -34.43
CA ALA C 12 -10.57 17.86 -35.88
C ALA C 12 -11.70 17.06 -36.53
N PRO C 13 -12.46 17.69 -37.44
CA PRO C 13 -13.56 16.98 -38.09
C PRO C 13 -12.98 15.80 -38.81
N PHE C 14 -13.82 14.82 -39.09
CA PHE C 14 -13.33 13.64 -39.75
C PHE C 14 -14.23 13.18 -40.88
N LYS C 15 -13.68 12.24 -41.65
CA LYS C 15 -14.34 11.65 -42.79
C LYS C 15 -15.30 10.53 -42.40
N ARG C 16 -14.95 9.74 -41.38
CA ARG C 16 -15.82 8.64 -41.02
C ARG C 16 -15.68 8.07 -39.60
N PHE C 17 -16.82 7.82 -38.94
CA PHE C 17 -16.83 7.27 -37.59
C PHE C 17 -16.86 5.76 -37.64
N LEU C 18 -15.93 5.15 -36.91
CA LEU C 18 -15.84 3.70 -36.87
C LEU C 18 -16.58 3.09 -35.70
N ARG C 19 -16.10 3.37 -34.49
CA ARG C 19 -16.68 2.81 -33.28
C ARG C 19 -16.40 3.66 -32.07
N GLY C 20 -17.07 3.32 -30.97
CA GLY C 20 -16.89 4.04 -29.72
C GLY C 20 -18.01 4.99 -29.34
N THR C 21 -17.68 5.95 -28.49
CA THR C 21 -18.65 6.96 -28.04
C THR C 21 -18.88 7.97 -29.16
N ARG C 22 -20.13 8.36 -29.32
CA ARG C 22 -20.48 9.33 -30.34
C ARG C 22 -21.07 10.56 -29.69
N ILE C 23 -20.66 11.72 -30.18
CA ILE C 23 -21.21 12.93 -29.62
C ILE C 23 -22.05 13.58 -30.69
N VAL C 24 -23.12 14.23 -30.26
CA VAL C 24 -24.01 14.88 -31.20
C VAL C 24 -24.43 16.26 -30.66
N SER C 25 -25.06 17.06 -31.51
CA SER C 25 -25.48 18.39 -31.08
C SER C 25 -26.57 18.29 -30.02
N GLY C 26 -26.79 19.39 -29.31
CA GLY C 26 -27.80 19.39 -28.28
C GLY C 26 -29.15 19.04 -28.87
N GLY C 27 -29.54 19.82 -29.88
CA GLY C 27 -30.82 19.61 -30.53
C GLY C 27 -30.97 18.21 -31.04
N LYS C 28 -30.01 17.81 -31.86
CA LYS C 28 -29.99 16.47 -32.43
C LYS C 28 -30.37 15.46 -31.35
N LEU C 29 -29.64 15.49 -30.25
CA LEU C 29 -29.90 14.58 -29.17
C LEU C 29 -31.30 14.74 -28.62
N LYS C 30 -31.68 16.00 -28.37
CA LYS C 30 -32.99 16.31 -27.82
C LYS C 30 -34.10 15.67 -28.64
N ARG C 31 -33.87 15.54 -29.96
CA ARG C 31 -34.87 14.92 -30.81
C ARG C 31 -34.82 13.41 -30.60
N MET C 32 -33.63 12.85 -30.69
CA MET C 32 -33.45 11.42 -30.54
C MET C 32 -34.14 10.89 -29.29
N THR C 33 -33.84 11.51 -28.14
CA THR C 33 -34.37 11.07 -26.85
C THR C 33 -35.85 11.34 -26.65
N ARG C 34 -36.39 12.33 -27.34
CA ARG C 34 -37.81 12.65 -27.21
C ARG C 34 -38.69 11.42 -27.41
N GLU C 35 -39.59 11.18 -26.46
CA GLU C 35 -40.50 10.03 -26.52
C GLU C 35 -41.96 10.42 -26.55
N LYS C 36 -42.79 9.40 -26.75
CA LYS C 36 -44.23 9.56 -26.82
C LYS C 36 -44.83 10.05 -25.50
N ALA C 37 -44.58 9.31 -24.42
CA ALA C 37 -45.10 9.65 -23.09
C ALA C 37 -44.49 10.90 -22.47
N LYS C 38 -44.99 11.28 -21.29
CA LYS C 38 -44.48 12.44 -20.57
C LYS C 38 -43.12 12.06 -19.97
N GLN C 39 -42.11 12.88 -20.24
CA GLN C 39 -40.77 12.60 -19.72
C GLN C 39 -40.29 13.74 -18.86
N VAL C 40 -39.11 13.57 -18.26
CA VAL C 40 -38.52 14.60 -17.41
C VAL C 40 -37.33 15.20 -18.16
N THR C 41 -36.77 16.30 -17.68
CA THR C 41 -35.64 16.85 -18.38
C THR C 41 -34.38 17.08 -17.56
N VAL C 42 -33.27 16.83 -18.23
CA VAL C 42 -31.94 16.98 -17.70
C VAL C 42 -31.29 18.03 -18.59
N ALA C 43 -31.15 19.24 -18.06
CA ALA C 43 -30.57 20.36 -18.81
C ALA C 43 -31.28 20.57 -20.13
N GLY C 44 -32.59 20.43 -20.11
CA GLY C 44 -33.36 20.62 -21.31
C GLY C 44 -33.56 19.37 -22.12
N VAL C 45 -32.67 18.40 -21.97
CA VAL C 45 -32.83 17.18 -22.75
C VAL C 45 -33.84 16.23 -22.10
N PRO C 46 -34.82 15.78 -22.89
CA PRO C 46 -35.85 14.86 -22.41
C PRO C 46 -35.21 13.51 -22.08
N MET C 47 -35.34 13.10 -20.83
CA MET C 47 -34.75 11.83 -20.41
C MET C 47 -35.61 10.65 -20.80
N PRO C 48 -35.01 9.67 -21.49
CA PRO C 48 -35.67 8.44 -21.94
C PRO C 48 -36.28 7.72 -20.76
N ARG C 49 -37.57 7.44 -20.84
CA ARG C 49 -38.28 6.78 -19.77
C ARG C 49 -37.51 5.63 -19.14
N ASP C 50 -36.96 4.77 -19.99
CA ASP C 50 -36.22 3.61 -19.53
C ASP C 50 -34.91 3.90 -18.76
N ALA C 51 -34.39 5.12 -18.87
CA ALA C 51 -33.14 5.47 -18.19
C ALA C 51 -33.35 6.00 -16.78
N GLU C 52 -34.60 6.32 -16.45
CA GLU C 52 -34.96 6.87 -15.15
C GLU C 52 -34.62 6.01 -13.95
N PRO C 53 -34.98 4.73 -13.98
CA PRO C 53 -34.67 3.88 -12.84
C PRO C 53 -33.28 3.31 -12.91
N ARG C 54 -32.47 3.84 -13.82
CA ARG C 54 -31.08 3.41 -13.97
C ARG C 54 -30.20 4.42 -13.25
N HIS C 55 -30.87 5.41 -12.67
CA HIS C 55 -30.25 6.47 -11.91
C HIS C 55 -29.37 7.41 -12.69
N LEU C 56 -29.26 8.62 -12.15
CA LEU C 56 -28.48 9.68 -12.75
C LEU C 56 -27.46 10.21 -11.79
N LEU C 57 -26.25 10.38 -12.29
CA LEU C 57 -25.18 10.90 -11.50
C LEU C 57 -24.75 12.20 -12.12
N VAL C 58 -24.86 13.29 -11.37
CA VAL C 58 -24.44 14.57 -11.91
C VAL C 58 -23.16 14.95 -11.24
N ASN C 59 -22.09 15.04 -12.03
CA ASN C 59 -20.80 15.40 -11.49
C ASN C 59 -20.43 16.78 -11.99
N GLY C 60 -19.85 17.59 -11.11
CA GLY C 60 -19.47 18.92 -11.54
C GLY C 60 -18.92 19.69 -10.38
N ALA C 61 -18.14 20.72 -10.68
CA ALA C 61 -17.53 21.55 -9.65
C ALA C 61 -18.61 22.39 -8.98
N THR C 62 -18.18 23.25 -8.07
CA THR C 62 -19.11 24.10 -7.35
C THR C 62 -19.47 25.35 -8.16
N GLY C 63 -20.76 25.66 -8.17
CA GLY C 63 -21.26 26.84 -8.87
C GLY C 63 -21.53 26.63 -10.34
N THR C 64 -21.34 25.40 -10.82
CA THR C 64 -21.54 25.06 -12.22
C THR C 64 -23.00 24.88 -12.61
N GLY C 65 -23.89 24.67 -11.64
CA GLY C 65 -25.29 24.51 -11.97
C GLY C 65 -25.91 23.20 -11.53
N LYS C 66 -25.27 22.52 -10.59
CA LYS C 66 -25.81 21.25 -10.11
C LYS C 66 -27.23 21.53 -9.62
N SER C 67 -27.40 22.66 -8.95
CA SER C 67 -28.70 23.04 -8.41
C SER C 67 -29.71 23.23 -9.52
N VAL C 68 -29.42 24.19 -10.38
CA VAL C 68 -30.28 24.51 -11.51
C VAL C 68 -30.81 23.27 -12.22
N LEU C 69 -29.94 22.29 -12.40
CA LEU C 69 -30.33 21.08 -13.08
C LEU C 69 -31.26 20.22 -12.24
N LEU C 70 -30.84 19.91 -11.01
CA LEU C 70 -31.66 19.08 -10.13
C LEU C 70 -33.01 19.73 -9.94
N ARG C 71 -32.99 21.06 -9.90
CA ARG C 71 -34.19 21.83 -9.72
C ARG C 71 -35.10 21.60 -10.92
N GLU C 72 -34.53 21.70 -12.10
CA GLU C 72 -35.27 21.47 -13.33
C GLU C 72 -35.83 20.06 -13.29
N LEU C 73 -34.94 19.10 -13.08
CA LEU C 73 -35.31 17.70 -13.02
C LEU C 73 -36.51 17.50 -12.13
N ALA C 74 -36.43 18.01 -10.91
CA ALA C 74 -37.50 17.89 -9.93
C ALA C 74 -38.82 18.50 -10.42
N TYR C 75 -38.75 19.75 -10.86
CA TYR C 75 -39.93 20.45 -11.35
C TYR C 75 -40.67 19.61 -12.37
N THR C 76 -40.00 19.32 -13.47
CA THR C 76 -40.58 18.54 -14.54
C THR C 76 -41.20 17.24 -14.07
N GLY C 77 -40.54 16.60 -13.10
CA GLY C 77 -41.04 15.34 -12.57
C GLY C 77 -42.31 15.50 -11.77
N LEU C 78 -42.48 16.68 -11.18
CA LEU C 78 -43.67 16.97 -10.39
C LEU C 78 -44.83 17.25 -11.31
N LEU C 79 -44.55 17.95 -12.41
CA LEU C 79 -45.58 18.25 -13.38
C LEU C 79 -46.20 16.94 -13.90
N ARG C 80 -45.39 15.89 -13.91
CA ARG C 80 -45.85 14.59 -14.37
C ARG C 80 -46.53 13.90 -13.20
N GLY C 81 -46.33 14.42 -12.00
CA GLY C 81 -46.97 13.84 -10.84
C GLY C 81 -46.22 12.70 -10.16
N ASP C 82 -44.90 12.72 -10.23
CA ASP C 82 -44.11 11.67 -9.59
C ASP C 82 -43.86 12.08 -8.14
N ARG C 83 -43.65 11.11 -7.26
CA ARG C 83 -43.37 11.39 -5.86
C ARG C 83 -41.87 11.39 -5.63
N MET C 84 -41.40 12.03 -4.58
CA MET C 84 -39.97 12.06 -4.35
C MET C 84 -39.51 12.47 -2.95
N VAL C 85 -38.25 12.14 -2.66
CA VAL C 85 -37.64 12.47 -1.41
C VAL C 85 -36.46 13.35 -1.78
N ILE C 86 -36.28 14.42 -1.02
CA ILE C 86 -35.22 15.34 -1.34
C ILE C 86 -34.31 15.71 -0.20
N VAL C 87 -33.06 15.26 -0.29
CA VAL C 87 -32.06 15.62 0.69
C VAL C 87 -31.92 17.08 0.29
N ASP C 88 -32.67 17.93 0.96
CA ASP C 88 -32.69 19.33 0.61
C ASP C 88 -32.04 20.28 1.60
N PRO C 89 -30.79 20.72 1.29
CA PRO C 89 -30.01 21.63 2.13
C PRO C 89 -30.68 22.98 2.17
N ASN C 90 -30.76 23.58 3.35
CA ASN C 90 -31.34 24.90 3.52
C ASN C 90 -32.75 25.07 2.95
N GLY C 91 -33.51 23.98 2.92
CA GLY C 91 -34.87 24.04 2.43
C GLY C 91 -35.14 24.75 1.11
N ASP C 92 -34.13 24.77 0.24
CA ASP C 92 -34.28 25.39 -1.07
C ASP C 92 -35.46 24.82 -1.85
N MET C 93 -35.33 23.55 -2.22
CA MET C 93 -36.39 22.89 -2.97
C MET C 93 -37.74 23.13 -2.30
N LEU C 94 -37.76 23.04 -0.98
CA LEU C 94 -38.98 23.20 -0.21
C LEU C 94 -39.71 24.50 -0.47
N SER C 95 -39.00 25.61 -0.30
CA SER C 95 -39.57 26.93 -0.49
C SER C 95 -40.06 27.18 -1.91
N LYS C 96 -39.59 26.38 -2.84
CA LYS C 96 -39.99 26.55 -4.21
C LYS C 96 -41.09 25.59 -4.63
N PHE C 97 -40.98 24.34 -4.20
CA PHE C 97 -41.94 23.31 -4.60
C PHE C 97 -42.85 22.76 -3.51
N GLY C 98 -42.47 22.96 -2.26
CA GLY C 98 -43.29 22.45 -1.19
C GLY C 98 -44.76 22.79 -1.29
N ARG C 99 -45.60 21.81 -1.03
CA ARG C 99 -47.04 22.04 -1.03
C ARG C 99 -47.48 21.72 0.39
N ASP C 100 -48.77 21.89 0.65
CA ASP C 100 -49.27 21.66 1.98
C ASP C 100 -49.33 20.21 2.42
N LYS C 101 -49.60 19.32 1.49
CA LYS C 101 -49.68 17.91 1.84
C LYS C 101 -48.31 17.24 1.96
N ASP C 102 -47.24 18.00 1.72
CA ASP C 102 -45.90 17.45 1.79
C ASP C 102 -45.30 17.34 3.20
N ILE C 103 -44.33 16.43 3.36
CA ILE C 103 -43.67 16.16 4.63
C ILE C 103 -42.32 16.83 4.80
N ILE C 104 -42.00 17.16 6.06
CA ILE C 104 -40.73 17.80 6.39
C ILE C 104 -40.09 17.11 7.58
N LEU C 105 -38.79 16.86 7.45
CA LEU C 105 -38.03 16.26 8.52
C LEU C 105 -36.86 17.15 8.77
N ASN C 106 -36.91 17.80 9.93
CA ASN C 106 -35.89 18.72 10.37
C ASN C 106 -36.21 18.94 11.83
N PRO C 107 -35.44 18.33 12.73
CA PRO C 107 -35.65 18.44 14.17
C PRO C 107 -35.76 19.87 14.67
N TYR C 108 -35.22 20.83 13.94
CA TYR C 108 -35.30 22.19 14.38
C TYR C 108 -36.29 23.06 13.63
N ASP C 109 -37.24 22.44 12.93
CA ASP C 109 -38.22 23.20 12.20
C ASP C 109 -39.62 22.99 12.75
N GLN C 110 -40.29 24.10 13.01
CA GLN C 110 -41.64 24.11 13.55
C GLN C 110 -42.55 23.11 12.85
N ARG C 111 -42.34 22.93 11.56
CA ARG C 111 -43.19 22.07 10.74
C ARG C 111 -42.83 20.58 10.67
N THR C 112 -41.68 20.19 11.21
CA THR C 112 -41.27 18.78 11.14
C THR C 112 -42.24 17.79 11.74
N LYS C 113 -42.06 16.53 11.37
CA LYS C 113 -42.89 15.46 11.88
C LYS C 113 -42.20 14.86 13.10
N GLY C 114 -42.96 14.11 13.89
CA GLY C 114 -42.39 13.48 15.07
C GLY C 114 -41.94 12.12 14.62
N TRP C 115 -40.69 11.77 14.88
CA TRP C 115 -40.21 10.50 14.42
C TRP C 115 -39.12 9.87 15.26
N SER C 116 -39.09 8.54 15.19
CA SER C 116 -38.11 7.71 15.87
C SER C 116 -37.96 6.49 14.97
N PHE C 117 -36.82 5.81 15.04
CA PHE C 117 -36.68 4.64 14.20
C PHE C 117 -37.67 3.56 14.61
N PHE C 118 -38.06 3.56 15.87
CA PHE C 118 -39.01 2.57 16.35
C PHE C 118 -40.19 2.52 15.36
N ASN C 119 -40.62 3.71 14.91
CA ASN C 119 -41.76 3.82 13.98
C ASN C 119 -41.64 3.03 12.68
N GLU C 120 -40.52 2.36 12.46
CA GLU C 120 -40.34 1.62 11.22
C GLU C 120 -40.18 0.12 11.45
N ILE C 121 -40.23 -0.32 12.70
CA ILE C 121 -40.09 -1.73 13.01
C ILE C 121 -41.41 -2.47 12.81
N ARG C 122 -41.44 -3.45 11.91
CA ARG C 122 -42.67 -4.20 11.67
C ARG C 122 -42.52 -5.70 11.88
N ASN C 123 -41.29 -6.20 11.77
CA ASN C 123 -41.01 -7.62 11.96
C ASN C 123 -39.72 -7.74 12.75
N ASP C 124 -39.39 -8.95 13.16
CA ASP C 124 -38.18 -9.14 13.94
C ASP C 124 -36.92 -8.77 13.17
N TYR C 125 -36.87 -9.12 11.89
CA TYR C 125 -35.68 -8.81 11.11
C TYR C 125 -35.46 -7.31 10.93
N ASP C 126 -36.49 -6.54 11.21
CA ASP C 126 -36.39 -5.11 11.06
C ASP C 126 -35.44 -4.45 12.05
N TRP C 127 -35.17 -5.10 13.18
CA TRP C 127 -34.27 -4.50 14.17
C TRP C 127 -32.88 -4.27 13.59
N GLN C 128 -32.19 -5.32 13.18
CA GLN C 128 -30.86 -5.18 12.61
C GLN C 128 -30.91 -4.33 11.36
N ARG C 129 -31.93 -4.58 10.56
CA ARG C 129 -32.10 -3.85 9.33
C ARG C 129 -31.92 -2.37 9.56
N TYR C 130 -32.62 -1.82 10.54
CA TYR C 130 -32.54 -0.40 10.82
C TYR C 130 -31.38 0.07 11.68
N ALA C 131 -30.84 -0.83 12.48
CA ALA C 131 -29.69 -0.46 13.30
C ALA C 131 -28.61 -0.07 12.29
N LEU C 132 -28.73 -0.62 11.08
CA LEU C 132 -27.79 -0.33 10.02
C LEU C 132 -27.94 1.09 9.55
N SER C 133 -29.18 1.55 9.47
CA SER C 133 -29.49 2.91 9.02
C SER C 133 -29.07 3.95 10.04
N VAL C 134 -29.31 3.60 11.30
CA VAL C 134 -28.99 4.43 12.45
C VAL C 134 -27.49 4.58 12.60
N VAL C 135 -26.81 3.44 12.60
CA VAL C 135 -25.36 3.31 12.73
C VAL C 135 -24.81 3.00 11.34
N PRO C 136 -24.45 4.03 10.57
CA PRO C 136 -23.92 3.76 9.23
C PRO C 136 -22.60 2.97 9.26
N ARG C 137 -22.13 2.58 8.08
CA ARG C 137 -20.89 1.82 7.96
C ARG C 137 -19.68 2.61 8.41
N GLY C 138 -18.73 1.91 9.03
CA GLY C 138 -17.54 2.59 9.50
C GLY C 138 -16.57 2.90 8.39
N LYS C 139 -15.86 4.01 8.50
CA LYS C 139 -14.89 4.40 7.49
C LYS C 139 -13.71 3.44 7.36
N THR C 140 -13.24 2.87 8.46
CA THR C 140 -12.13 1.92 8.39
C THR C 140 -12.59 0.56 8.87
N ASP C 141 -11.76 -0.45 8.63
CA ASP C 141 -12.09 -1.81 9.05
C ASP C 141 -12.38 -1.80 10.54
N GLU C 142 -11.45 -1.22 11.28
CA GLU C 142 -11.56 -1.12 12.72
C GLU C 142 -12.86 -0.42 13.08
N ALA C 143 -13.04 0.75 12.49
CA ALA C 143 -14.22 1.57 12.72
C ALA C 143 -15.51 0.77 12.68
N GLU C 144 -15.70 0.03 11.59
CA GLU C 144 -16.89 -0.77 11.40
C GLU C 144 -17.04 -1.84 12.47
N GLU C 145 -15.92 -2.39 12.92
CA GLU C 145 -16.00 -3.40 13.96
C GLU C 145 -16.72 -2.78 15.15
N TRP C 146 -16.30 -1.58 15.54
CA TRP C 146 -16.93 -0.88 16.64
C TRP C 146 -18.41 -0.65 16.33
N ALA C 147 -18.66 -0.18 15.12
CA ALA C 147 -20.02 0.09 14.66
C ALA C 147 -20.89 -1.15 14.82
N SER C 148 -20.34 -2.33 14.57
CA SER C 148 -21.12 -3.55 14.72
C SER C 148 -21.51 -3.77 16.17
N TYR C 149 -20.57 -3.56 17.08
CA TYR C 149 -20.85 -3.72 18.50
C TYR C 149 -21.95 -2.76 18.86
N GLY C 150 -21.86 -1.54 18.31
CA GLY C 150 -22.87 -0.55 18.57
C GLY C 150 -24.24 -1.07 18.18
N ARG C 151 -24.37 -1.56 16.95
CA ARG C 151 -25.65 -2.07 16.49
C ARG C 151 -26.19 -3.19 17.35
N LEU C 152 -25.31 -4.05 17.85
CA LEU C 152 -25.74 -5.15 18.69
C LEU C 152 -26.42 -4.56 19.91
N LEU C 153 -25.67 -3.70 20.59
CA LEU C 153 -26.14 -3.04 21.78
C LEU C 153 -27.46 -2.34 21.49
N LEU C 154 -27.48 -1.58 20.40
CA LEU C 154 -28.63 -0.83 20.00
C LEU C 154 -29.87 -1.70 19.84
N ARG C 155 -29.78 -2.67 18.94
CA ARG C 155 -30.90 -3.54 18.65
C ARG C 155 -31.43 -4.38 19.80
N GLU C 156 -30.55 -4.90 20.65
CA GLU C 156 -31.03 -5.72 21.75
C GLU C 156 -31.72 -4.85 22.78
N THR C 157 -31.13 -3.69 23.04
CA THR C 157 -31.68 -2.75 24.01
C THR C 157 -33.03 -2.23 23.54
N ALA C 158 -33.04 -1.67 22.34
CA ALA C 158 -34.25 -1.12 21.77
C ALA C 158 -35.34 -2.18 21.70
N LYS C 159 -34.94 -3.40 21.37
CA LYS C 159 -35.90 -4.49 21.27
C LYS C 159 -36.60 -4.68 22.62
N LYS C 160 -35.81 -4.75 23.69
CA LYS C 160 -36.33 -4.93 25.04
C LYS C 160 -37.24 -3.78 25.45
N LEU C 161 -36.73 -2.57 25.32
CA LEU C 161 -37.49 -1.37 25.67
C LEU C 161 -38.85 -1.47 25.02
N ALA C 162 -38.86 -1.88 23.76
CA ALA C 162 -40.10 -2.02 23.04
C ALA C 162 -40.95 -3.06 23.73
N LEU C 163 -40.34 -4.21 23.98
CA LEU C 163 -41.02 -5.34 24.62
C LEU C 163 -41.73 -4.97 25.91
N ILE C 164 -41.03 -4.23 26.77
CA ILE C 164 -41.60 -3.83 28.03
C ILE C 164 -42.47 -2.58 27.89
N GLY C 165 -42.97 -2.33 26.69
CA GLY C 165 -43.84 -1.19 26.45
C GLY C 165 -43.30 0.22 26.62
N THR C 166 -41.99 0.41 26.59
CA THR C 166 -41.43 1.76 26.72
C THR C 166 -40.42 2.11 25.64
N PRO C 167 -40.86 2.11 24.37
CA PRO C 167 -40.00 2.44 23.23
C PRO C 167 -39.52 3.89 23.29
N SER C 168 -38.80 4.22 24.35
CA SER C 168 -38.31 5.56 24.51
C SER C 168 -36.90 5.73 23.98
N MET C 169 -36.70 6.80 23.21
CA MET C 169 -35.38 7.07 22.68
C MET C 169 -34.55 7.63 23.82
N ARG C 170 -35.20 8.40 24.68
CA ARG C 170 -34.50 8.98 25.80
C ARG C 170 -34.04 7.85 26.70
N GLU C 171 -34.90 6.85 26.87
CA GLU C 171 -34.59 5.66 27.68
C GLU C 171 -33.38 4.96 27.09
N LEU C 172 -33.52 4.58 25.83
CA LEU C 172 -32.48 3.90 25.09
C LEU C 172 -31.17 4.63 25.26
N PHE C 173 -31.17 5.92 24.98
CA PHE C 173 -29.96 6.72 25.10
C PHE C 173 -29.38 6.61 26.49
N HIS C 174 -30.24 6.73 27.49
CA HIS C 174 -29.81 6.66 28.88
C HIS C 174 -28.98 5.40 29.05
N TRP C 175 -29.68 4.29 28.92
CA TRP C 175 -29.09 2.98 29.03
C TRP C 175 -27.78 2.81 28.31
N THR C 176 -27.80 3.08 27.02
CA THR C 176 -26.62 2.91 26.17
C THR C 176 -25.44 3.86 26.36
N THR C 177 -25.63 5.02 26.97
CA THR C 177 -24.50 5.93 27.12
C THR C 177 -24.40 6.55 28.51
N ILE C 178 -25.45 6.37 29.31
CA ILE C 178 -25.48 6.95 30.64
C ILE C 178 -25.39 5.89 31.73
N ALA C 179 -26.27 4.90 31.65
CA ALA C 179 -26.29 3.82 32.65
C ALA C 179 -24.87 3.32 32.93
N THR C 180 -24.63 2.87 34.17
CA THR C 180 -23.30 2.37 34.50
C THR C 180 -23.15 1.02 33.83
N PHE C 181 -21.90 0.62 33.60
CA PHE C 181 -21.64 -0.65 32.96
C PHE C 181 -22.51 -1.75 33.54
N ASP C 182 -22.46 -1.88 34.86
CA ASP C 182 -23.21 -2.91 35.57
C ASP C 182 -24.70 -2.84 35.32
N ASP C 183 -25.30 -1.69 35.61
CA ASP C 183 -26.74 -1.53 35.42
C ASP C 183 -27.13 -1.93 34.01
N LEU C 184 -26.41 -1.39 33.04
CA LEU C 184 -26.68 -1.71 31.66
C LEU C 184 -26.60 -3.22 31.56
N ARG C 185 -25.46 -3.75 31.96
CA ARG C 185 -25.21 -5.17 31.97
C ARG C 185 -26.44 -5.89 32.51
N GLY C 186 -26.96 -5.39 33.63
CA GLY C 186 -28.12 -5.99 34.23
C GLY C 186 -29.27 -5.97 33.25
N PHE C 187 -29.62 -4.76 32.81
CA PHE C 187 -30.72 -4.58 31.88
C PHE C 187 -30.68 -5.54 30.71
N LEU C 188 -29.48 -5.85 30.23
CA LEU C 188 -29.35 -6.74 29.08
C LEU C 188 -29.58 -8.20 29.37
N GLU C 189 -29.66 -8.56 30.65
CA GLU C 189 -29.92 -9.94 31.01
C GLU C 189 -31.21 -10.34 30.34
N GLY C 190 -31.22 -11.51 29.71
CA GLY C 190 -32.42 -11.96 29.04
C GLY C 190 -32.40 -11.67 27.55
N THR C 191 -31.60 -10.69 27.14
CA THR C 191 -31.50 -10.36 25.73
C THR C 191 -30.31 -11.12 25.15
N LEU C 192 -30.33 -11.33 23.84
CA LEU C 192 -29.26 -12.03 23.16
C LEU C 192 -27.88 -11.49 23.55
N ALA C 193 -27.82 -10.19 23.82
CA ALA C 193 -26.60 -9.51 24.19
C ALA C 193 -26.13 -9.78 25.61
N GLU C 194 -26.98 -10.40 26.41
CA GLU C 194 -26.64 -10.68 27.78
C GLU C 194 -25.21 -11.19 27.94
N SER C 195 -24.93 -12.38 27.43
CA SER C 195 -23.59 -12.93 27.58
C SER C 195 -22.50 -12.29 26.74
N LEU C 196 -22.71 -12.18 25.43
CA LEU C 196 -21.71 -11.63 24.49
C LEU C 196 -20.84 -10.45 24.96
N PHE C 197 -21.41 -9.58 25.80
CA PHE C 197 -20.66 -8.43 26.27
C PHE C 197 -20.02 -8.58 27.64
N ALA C 198 -19.80 -9.81 28.06
CA ALA C 198 -19.20 -10.03 29.36
C ALA C 198 -18.36 -11.31 29.35
N GLY C 199 -17.37 -11.38 30.25
CA GLY C 199 -16.54 -12.58 30.33
C GLY C 199 -15.03 -12.42 30.21
N SER C 200 -14.57 -11.41 29.49
CA SER C 200 -13.12 -11.20 29.34
C SER C 200 -12.94 -9.70 29.15
N ASN C 201 -11.69 -9.27 29.04
CA ASN C 201 -11.42 -7.84 28.84
C ASN C 201 -11.89 -7.45 27.44
N GLU C 202 -11.72 -8.38 26.50
CA GLU C 202 -12.15 -8.13 25.13
C GLU C 202 -13.64 -7.78 25.19
N ALA C 203 -14.43 -8.66 25.80
CA ALA C 203 -15.87 -8.45 25.95
C ALA C 203 -16.14 -7.03 26.46
N SER C 204 -15.46 -6.61 27.52
CA SER C 204 -15.67 -5.27 28.07
C SER C 204 -15.31 -4.23 27.05
N LYS C 205 -14.16 -4.42 26.44
CA LYS C 205 -13.68 -3.49 25.43
C LYS C 205 -14.72 -3.31 24.34
N ALA C 206 -15.32 -4.42 23.93
CA ALA C 206 -16.34 -4.38 22.89
C ALA C 206 -17.49 -3.49 23.30
N LEU C 207 -17.95 -3.65 24.54
CA LEU C 207 -19.05 -2.86 25.03
C LEU C 207 -18.69 -1.38 25.00
N THR C 208 -17.51 -1.04 25.51
CA THR C 208 -17.04 0.34 25.55
C THR C 208 -17.16 0.95 24.16
N SER C 209 -16.71 0.18 23.15
CA SER C 209 -16.77 0.60 21.76
C SER C 209 -18.19 0.96 21.39
N ALA C 210 -19.11 0.02 21.58
CA ALA C 210 -20.50 0.27 21.26
C ALA C 210 -21.03 1.56 21.91
N ARG C 211 -20.73 1.76 23.19
CA ARG C 211 -21.17 2.96 23.91
C ARG C 211 -20.72 4.20 23.15
N PHE C 212 -19.42 4.29 22.93
CA PHE C 212 -18.86 5.43 22.22
C PHE C 212 -19.62 5.70 20.92
N VAL C 213 -19.73 4.67 20.10
CA VAL C 213 -20.43 4.78 18.83
C VAL C 213 -21.83 5.39 19.06
N LEU C 214 -22.69 4.67 19.75
CA LEU C 214 -24.05 5.16 19.99
C LEU C 214 -24.08 6.58 20.53
N SER C 215 -23.14 6.90 21.40
CA SER C 215 -23.06 8.23 21.99
C SER C 215 -22.81 9.24 20.90
N ASP C 216 -22.19 8.80 19.82
CA ASP C 216 -21.90 9.68 18.70
C ASP C 216 -23.11 9.86 17.78
N LYS C 217 -23.77 8.75 17.45
CA LYS C 217 -24.90 8.78 16.55
C LYS C 217 -26.23 9.24 17.10
N LEU C 218 -26.70 8.56 18.14
CA LEU C 218 -27.98 8.85 18.79
C LEU C 218 -28.34 10.29 19.15
N PRO C 219 -27.41 11.07 19.74
CA PRO C 219 -27.67 12.45 20.13
C PRO C 219 -28.89 13.09 19.46
N GLU C 220 -28.74 13.43 18.18
CA GLU C 220 -29.79 14.08 17.42
C GLU C 220 -31.09 13.31 17.36
N HIS C 221 -30.99 12.00 17.35
CA HIS C 221 -32.15 11.11 17.31
C HIS C 221 -33.04 11.30 18.52
N VAL C 222 -32.41 11.62 19.64
CA VAL C 222 -33.14 11.85 20.88
C VAL C 222 -33.83 13.20 20.86
N THR C 223 -33.03 14.26 20.76
CA THR C 223 -33.53 15.62 20.72
C THR C 223 -34.53 15.80 19.59
N MET C 224 -34.83 14.72 18.88
CA MET C 224 -35.77 14.80 17.78
C MET C 224 -37.20 14.82 18.30
N PRO C 225 -38.03 15.73 17.78
CA PRO C 225 -39.44 15.85 18.18
C PRO C 225 -40.13 14.51 18.05
N ASP C 226 -41.00 14.21 19.00
CA ASP C 226 -41.72 12.95 18.96
C ASP C 226 -43.00 12.98 18.17
N GLY C 227 -43.26 11.89 17.48
CA GLY C 227 -44.46 11.78 16.69
C GLY C 227 -44.55 10.32 16.37
N ASP C 228 -45.41 9.98 15.42
CA ASP C 228 -45.56 8.58 15.05
C ASP C 228 -45.34 8.39 13.55
N PHE C 229 -44.80 9.42 12.90
CA PHE C 229 -44.57 9.33 11.46
C PHE C 229 -43.71 8.13 11.09
N SER C 230 -44.09 7.45 10.02
CA SER C 230 -43.36 6.28 9.55
C SER C 230 -42.99 6.43 8.08
N ILE C 231 -41.70 6.55 7.80
CA ILE C 231 -41.25 6.68 6.43
C ILE C 231 -41.78 5.50 5.63
N ARG C 232 -41.87 4.35 6.28
CA ARG C 232 -42.39 3.18 5.59
C ARG C 232 -43.83 3.43 5.15
N SER C 233 -44.72 3.64 6.11
CA SER C 233 -46.11 3.89 5.79
C SER C 233 -46.26 4.99 4.74
N TRP C 234 -45.51 6.06 4.93
CA TRP C 234 -45.52 7.19 4.01
C TRP C 234 -45.33 6.69 2.58
N LEU C 235 -44.32 5.85 2.40
CA LEU C 235 -44.00 5.27 1.10
C LEU C 235 -45.17 4.48 0.54
N GLU C 236 -45.89 3.80 1.43
CA GLU C 236 -47.04 2.98 1.04
C GLU C 236 -48.28 3.77 0.71
N ASP C 237 -48.40 4.96 1.30
CA ASP C 237 -49.55 5.80 1.06
C ASP C 237 -49.39 6.61 -0.22
N PRO C 238 -50.25 6.34 -1.21
CA PRO C 238 -50.23 7.03 -2.51
C PRO C 238 -50.39 8.55 -2.39
N ASN C 239 -51.45 8.99 -1.71
CA ASN C 239 -51.71 10.41 -1.53
C ASN C 239 -50.73 11.00 -0.53
N GLY C 240 -49.74 10.20 -0.14
CA GLY C 240 -48.75 10.63 0.84
C GLY C 240 -48.06 11.97 0.66
N GLY C 241 -47.84 12.37 -0.59
CA GLY C 241 -47.17 13.64 -0.81
C GLY C 241 -45.68 13.45 -1.02
N ASN C 242 -44.90 14.49 -0.77
CA ASN C 242 -43.46 14.39 -0.94
C ASN C 242 -42.72 14.58 0.36
N LEU C 243 -41.45 14.24 0.39
CA LEU C 243 -40.68 14.35 1.62
C LEU C 243 -39.43 15.20 1.44
N PHE C 244 -39.30 16.21 2.28
CA PHE C 244 -38.13 17.08 2.24
C PHE C 244 -37.30 16.91 3.49
N ILE C 245 -36.04 16.51 3.32
CA ILE C 245 -35.15 16.38 4.46
C ILE C 245 -34.33 17.63 4.41
N THR C 246 -34.67 18.61 5.23
CA THR C 246 -33.95 19.88 5.22
C THR C 246 -33.13 20.14 6.50
N TRP C 247 -32.22 21.10 6.40
CA TRP C 247 -31.36 21.44 7.53
C TRP C 247 -30.58 22.71 7.20
N ARG C 248 -30.17 23.45 8.22
CA ARG C 248 -29.40 24.66 7.96
C ARG C 248 -27.93 24.28 7.94
N GLU C 249 -27.26 24.72 6.89
CA GLU C 249 -25.85 24.41 6.68
C GLU C 249 -24.90 24.47 7.83
N ASP C 250 -25.07 25.43 8.73
CA ASP C 250 -24.15 25.50 9.85
C ASP C 250 -24.28 24.26 10.76
N MET C 251 -25.36 23.51 10.60
CA MET C 251 -25.56 22.34 11.42
C MET C 251 -25.38 21.03 10.67
N GLY C 252 -24.96 21.15 9.41
CA GLY C 252 -24.76 19.97 8.59
C GLY C 252 -23.95 18.87 9.24
N PRO C 253 -22.80 19.21 9.85
CA PRO C 253 -22.00 18.17 10.48
C PRO C 253 -22.74 17.47 11.61
N ALA C 254 -23.59 18.21 12.30
CA ALA C 254 -24.33 17.66 13.42
C ALA C 254 -25.44 16.70 13.02
N LEU C 255 -26.03 16.94 11.86
CA LEU C 255 -27.13 16.12 11.43
C LEU C 255 -26.73 15.03 10.47
N ARG C 256 -25.49 15.09 10.00
CA ARG C 256 -25.03 14.11 9.06
C ARG C 256 -25.49 12.69 9.40
N PRO C 257 -25.29 12.24 10.64
CA PRO C 257 -25.72 10.89 10.99
C PRO C 257 -27.23 10.66 10.99
N LEU C 258 -28.02 11.69 11.30
CA LEU C 258 -29.47 11.51 11.30
C LEU C 258 -29.96 11.44 9.87
N ILE C 259 -29.56 12.42 9.08
CA ILE C 259 -29.95 12.47 7.69
C ILE C 259 -29.56 11.17 6.98
N SER C 260 -28.30 10.77 7.14
CA SER C 260 -27.79 9.55 6.53
C SER C 260 -28.72 8.42 6.91
N ALA C 261 -29.21 8.45 8.15
CA ALA C 261 -30.11 7.42 8.65
C ALA C 261 -31.42 7.45 7.86
N TRP C 262 -32.01 8.63 7.73
CA TRP C 262 -33.25 8.73 6.96
C TRP C 262 -33.06 8.25 5.54
N VAL C 263 -32.09 8.85 4.86
CA VAL C 263 -31.79 8.48 3.49
C VAL C 263 -31.73 6.96 3.44
N ASP C 264 -30.85 6.40 4.26
CA ASP C 264 -30.71 4.97 4.27
C ASP C 264 -32.04 4.28 4.48
N VAL C 265 -32.79 4.73 5.47
CA VAL C 265 -34.10 4.14 5.75
C VAL C 265 -34.89 3.98 4.48
N VAL C 266 -34.94 5.03 3.69
CA VAL C 266 -35.67 4.98 2.44
C VAL C 266 -35.07 3.85 1.63
N CYS C 267 -33.76 3.92 1.41
CA CYS C 267 -33.07 2.93 0.62
C CYS C 267 -33.40 1.47 0.92
N THR C 268 -33.66 1.18 2.18
CA THR C 268 -33.96 -0.19 2.59
C THR C 268 -35.44 -0.47 2.49
N SER C 269 -36.24 0.50 2.90
CA SER C 269 -37.67 0.37 2.94
C SER C 269 -38.35 0.11 1.59
N ILE C 270 -37.97 0.87 0.57
CA ILE C 270 -38.60 0.68 -0.73
C ILE C 270 -38.52 -0.77 -1.21
N LEU C 271 -37.67 -1.55 -0.56
CA LEU C 271 -37.49 -2.95 -0.91
C LEU C 271 -38.60 -3.85 -0.38
N SER C 272 -39.43 -3.30 0.50
CA SER C 272 -40.54 -4.05 1.09
C SER C 272 -41.89 -3.62 0.53
N LEU C 273 -41.90 -2.54 -0.24
CA LEU C 273 -43.15 -2.06 -0.80
C LEU C 273 -43.86 -3.08 -1.69
N PRO C 274 -45.20 -3.16 -1.60
CA PRO C 274 -45.95 -4.10 -2.42
C PRO C 274 -45.88 -3.74 -3.89
N GLU C 275 -45.78 -4.76 -4.72
CA GLU C 275 -45.70 -4.64 -6.17
C GLU C 275 -46.64 -3.63 -6.80
N GLU C 276 -46.08 -2.56 -7.35
CA GLU C 276 -46.90 -1.55 -8.00
C GLU C 276 -46.18 -0.99 -9.20
N PRO C 277 -46.48 -1.55 -10.39
CA PRO C 277 -45.87 -1.13 -11.67
C PRO C 277 -46.07 0.34 -11.99
N LYS C 278 -47.04 0.94 -11.30
CA LYS C 278 -47.39 2.34 -11.53
C LYS C 278 -46.60 3.34 -10.65
N ARG C 279 -45.80 2.82 -9.74
CA ARG C 279 -45.03 3.66 -8.83
C ARG C 279 -43.80 4.35 -9.44
N ARG C 280 -43.59 5.61 -9.08
CA ARG C 280 -42.43 6.39 -9.54
C ARG C 280 -41.84 7.19 -8.38
N LEU C 281 -40.71 6.76 -7.85
CA LEU C 281 -40.10 7.46 -6.73
C LEU C 281 -38.70 8.00 -6.98
N TRP C 282 -38.51 9.26 -6.66
CA TRP C 282 -37.22 9.88 -6.85
C TRP C 282 -36.47 10.10 -5.57
N LEU C 283 -35.16 9.89 -5.61
CA LEU C 283 -34.37 10.13 -4.44
C LEU C 283 -33.34 11.13 -4.88
N PHE C 284 -33.41 12.30 -4.28
CA PHE C 284 -32.47 13.35 -4.59
C PHE C 284 -31.49 13.47 -3.45
N ILE C 285 -30.25 13.09 -3.72
CA ILE C 285 -29.20 13.19 -2.73
C ILE C 285 -28.27 14.23 -3.30
N ASP C 286 -28.60 15.50 -3.04
CA ASP C 286 -27.82 16.60 -3.59
C ASP C 286 -26.32 16.33 -3.66
N GLU C 287 -25.72 15.76 -2.62
CA GLU C 287 -24.29 15.47 -2.68
C GLU C 287 -23.97 14.19 -1.96
N LEU C 288 -23.97 13.11 -2.71
CA LEU C 288 -23.74 11.79 -2.17
C LEU C 288 -22.58 11.69 -1.19
N ALA C 289 -21.47 12.35 -1.53
CA ALA C 289 -20.28 12.31 -0.69
C ALA C 289 -20.42 12.91 0.72
N SER C 290 -21.46 13.71 0.94
CA SER C 290 -21.67 14.38 2.24
C SER C 290 -22.41 13.55 3.27
N LEU C 291 -23.00 12.45 2.84
CA LEU C 291 -23.70 11.61 3.78
C LEU C 291 -22.68 10.66 4.34
N GLU C 292 -23.12 9.77 5.22
CA GLU C 292 -22.23 8.79 5.80
C GLU C 292 -22.16 7.60 4.84
N LYS C 293 -21.38 6.60 5.21
CA LYS C 293 -21.27 5.41 4.39
C LYS C 293 -22.57 4.66 4.55
N LEU C 294 -23.54 4.98 3.69
CA LEU C 294 -24.87 4.35 3.77
C LEU C 294 -24.83 2.85 3.57
N ALA C 295 -25.57 2.16 4.42
CA ALA C 295 -25.61 0.71 4.37
C ALA C 295 -26.54 0.09 3.32
N SER C 296 -27.54 0.82 2.83
CA SER C 296 -28.47 0.23 1.86
C SER C 296 -28.48 0.79 0.45
N LEU C 297 -27.85 1.95 0.27
CA LEU C 297 -27.80 2.59 -1.04
C LEU C 297 -27.47 1.61 -2.17
N ALA C 298 -26.47 0.77 -1.94
CA ALA C 298 -26.04 -0.21 -2.93
C ALA C 298 -27.19 -1.00 -3.55
N ASP C 299 -27.83 -1.82 -2.74
CA ASP C 299 -28.93 -2.63 -3.20
C ASP C 299 -30.05 -1.76 -3.71
N ALA C 300 -30.26 -0.61 -3.09
CA ALA C 300 -31.30 0.29 -3.54
C ALA C 300 -31.08 0.60 -5.01
N LEU C 301 -29.85 0.95 -5.33
CA LEU C 301 -29.44 1.28 -6.69
C LEU C 301 -29.48 0.11 -7.65
N THR C 302 -29.68 -1.08 -7.09
CA THR C 302 -29.66 -2.29 -7.89
C THR C 302 -30.93 -3.12 -7.93
N LYS C 303 -31.77 -2.98 -6.92
CA LYS C 303 -33.00 -3.77 -6.85
C LYS C 303 -34.23 -2.92 -6.68
N GLY C 304 -34.10 -1.63 -6.93
CA GLY C 304 -35.25 -0.75 -6.78
C GLY C 304 -35.96 -0.46 -8.09
N ARG C 305 -35.68 -1.28 -9.10
CA ARG C 305 -36.31 -1.05 -10.38
C ARG C 305 -37.79 -1.33 -10.29
N LYS C 306 -38.16 -2.44 -9.68
CA LYS C 306 -39.58 -2.70 -9.64
C LYS C 306 -40.34 -2.03 -8.51
N ALA C 307 -39.63 -1.29 -7.68
CA ALA C 307 -40.27 -0.52 -6.65
C ALA C 307 -40.46 0.84 -7.33
N GLY C 308 -39.74 1.04 -8.44
CA GLY C 308 -39.81 2.30 -9.18
C GLY C 308 -38.88 3.38 -8.69
N LEU C 309 -37.80 2.98 -8.02
CA LEU C 309 -36.85 3.94 -7.48
C LEU C 309 -35.97 4.56 -8.56
N ARG C 310 -35.81 5.87 -8.47
CA ARG C 310 -35.00 6.65 -9.39
C ARG C 310 -34.10 7.55 -8.57
N VAL C 311 -32.81 7.28 -8.58
CA VAL C 311 -31.88 8.07 -7.79
C VAL C 311 -31.08 9.10 -8.55
N VAL C 312 -30.95 10.27 -7.94
CA VAL C 312 -30.19 11.33 -8.54
C VAL C 312 -29.27 11.77 -7.44
N ALA C 313 -27.97 11.73 -7.72
CA ALA C 313 -26.95 12.14 -6.76
C ALA C 313 -25.94 13.08 -7.40
N GLY C 314 -25.30 13.90 -6.58
CA GLY C 314 -24.31 14.80 -7.12
C GLY C 314 -22.98 14.55 -6.45
N LEU C 315 -21.91 14.86 -7.18
CA LEU C 315 -20.53 14.69 -6.71
C LEU C 315 -19.66 15.81 -7.28
N GLN C 316 -18.48 15.99 -6.69
CA GLN C 316 -17.56 16.99 -7.19
C GLN C 316 -16.28 16.31 -7.63
N SER C 317 -15.47 15.87 -6.67
CA SER C 317 -14.23 15.19 -6.97
C SER C 317 -14.39 13.71 -6.66
N THR C 318 -13.66 12.88 -7.40
CA THR C 318 -13.75 11.44 -7.18
C THR C 318 -13.16 11.06 -5.82
N SER C 319 -12.19 11.86 -5.37
CA SER C 319 -11.57 11.60 -4.09
C SER C 319 -12.54 11.73 -2.92
N GLN C 320 -13.58 12.54 -3.06
CA GLN C 320 -14.56 12.70 -1.99
C GLN C 320 -15.22 11.37 -1.66
N LEU C 321 -16.02 10.86 -2.59
CA LEU C 321 -16.71 9.61 -2.35
C LEU C 321 -15.74 8.46 -2.09
N ASP C 322 -14.56 8.52 -2.70
CA ASP C 322 -13.60 7.46 -2.46
C ASP C 322 -13.31 7.39 -0.99
N ASP C 323 -12.91 8.54 -0.43
CA ASP C 323 -12.59 8.65 0.97
C ASP C 323 -13.71 8.18 1.90
N VAL C 324 -14.96 8.37 1.50
CA VAL C 324 -16.07 7.95 2.34
C VAL C 324 -16.41 6.46 2.24
N TYR C 325 -16.54 5.96 1.01
CA TYR C 325 -16.89 4.55 0.82
C TYR C 325 -15.72 3.63 0.58
N GLY C 326 -14.53 4.17 0.36
CA GLY C 326 -13.40 3.32 0.07
C GLY C 326 -13.31 3.22 -1.44
N VAL C 327 -12.10 3.11 -1.98
CA VAL C 327 -11.92 3.06 -3.42
C VAL C 327 -12.71 1.98 -4.17
N LYS C 328 -12.69 0.74 -3.69
CA LYS C 328 -13.42 -0.34 -4.35
C LYS C 328 -14.93 -0.16 -4.28
N GLU C 329 -15.43 0.14 -3.09
CA GLU C 329 -16.86 0.32 -2.88
C GLU C 329 -17.38 1.54 -3.63
N ALA C 330 -16.59 2.60 -3.66
CA ALA C 330 -16.98 3.81 -4.37
C ALA C 330 -17.14 3.47 -5.85
N GLN C 331 -16.20 2.72 -6.40
CA GLN C 331 -16.28 2.35 -7.80
C GLN C 331 -17.65 1.72 -8.05
N THR C 332 -17.90 0.62 -7.34
CA THR C 332 -19.15 -0.11 -7.45
C THR C 332 -20.32 0.86 -7.37
N LEU C 333 -20.24 1.75 -6.40
CA LEU C 333 -21.30 2.71 -6.18
C LEU C 333 -21.57 3.56 -7.40
N ARG C 334 -20.55 4.28 -7.87
CA ARG C 334 -20.72 5.13 -9.05
C ARG C 334 -21.18 4.32 -10.26
N ALA C 335 -20.58 3.15 -10.41
CA ALA C 335 -20.91 2.26 -11.52
C ALA C 335 -22.39 1.92 -11.57
N SER C 336 -23.09 2.10 -10.46
CA SER C 336 -24.50 1.75 -10.41
C SER C 336 -25.44 2.77 -11.04
N PHE C 337 -24.90 3.95 -11.35
CA PHE C 337 -25.68 5.00 -12.02
C PHE C 337 -25.38 4.85 -13.50
N ARG C 338 -26.41 4.56 -14.28
CA ARG C 338 -26.22 4.34 -15.70
C ARG C 338 -26.09 5.61 -16.53
N SER C 339 -26.79 6.67 -16.10
CA SER C 339 -26.77 7.92 -16.85
C SER C 339 -25.88 8.96 -16.16
N LEU C 340 -25.16 9.72 -16.96
CA LEU C 340 -24.24 10.72 -16.41
C LEU C 340 -24.28 12.15 -16.96
N VAL C 341 -24.06 13.11 -16.07
CA VAL C 341 -24.02 14.51 -16.45
C VAL C 341 -22.70 15.09 -15.98
N VAL C 342 -21.91 15.62 -16.92
CA VAL C 342 -20.63 16.22 -16.57
C VAL C 342 -20.68 17.72 -16.72
N LEU C 343 -20.63 18.38 -15.57
CA LEU C 343 -20.73 19.81 -15.50
C LEU C 343 -19.47 20.62 -15.64
N GLY C 344 -18.33 19.97 -15.57
CA GLY C 344 -17.11 20.75 -15.73
C GLY C 344 -16.53 21.21 -14.42
N GLY C 345 -15.24 20.94 -14.22
CA GLY C 345 -14.58 21.28 -12.98
C GLY C 345 -13.36 22.19 -12.99
N SER C 346 -12.58 22.13 -11.91
CA SER C 346 -11.40 22.97 -11.71
C SER C 346 -10.13 22.43 -12.33
N ARG C 347 -9.25 23.33 -12.78
CA ARG C 347 -7.99 22.88 -13.38
C ARG C 347 -7.06 22.38 -12.28
N THR C 348 -7.41 22.67 -11.03
CA THR C 348 -6.61 22.21 -9.90
C THR C 348 -6.89 20.74 -9.58
N ASP C 349 -7.82 20.12 -10.31
CA ASP C 349 -8.13 18.72 -10.10
C ASP C 349 -8.07 17.91 -11.38
N PRO C 350 -6.88 17.77 -11.95
CA PRO C 350 -6.70 17.01 -13.19
C PRO C 350 -7.13 15.56 -13.06
N LYS C 351 -6.89 14.96 -11.91
CA LYS C 351 -7.27 13.56 -11.73
C LYS C 351 -8.73 13.36 -12.05
N THR C 352 -9.61 14.06 -11.32
CA THR C 352 -11.04 13.91 -11.55
C THR C 352 -11.37 14.22 -12.99
N ASN C 353 -10.78 15.27 -13.54
CA ASN C 353 -11.03 15.63 -14.94
C ASN C 353 -10.70 14.47 -15.86
N GLU C 354 -9.62 13.77 -15.53
CA GLU C 354 -9.23 12.63 -16.34
C GLU C 354 -10.30 11.56 -16.25
N ASP C 355 -10.72 11.27 -15.03
CA ASP C 355 -11.71 10.25 -14.83
C ASP C 355 -12.99 10.54 -15.62
N MET C 356 -13.41 11.79 -15.63
CA MET C 356 -14.61 12.17 -16.36
C MET C 356 -14.38 12.07 -17.87
N SER C 357 -13.22 12.54 -18.32
CA SER C 357 -12.89 12.47 -19.74
C SER C 357 -13.03 11.01 -20.17
N LEU C 358 -12.37 10.15 -19.41
CA LEU C 358 -12.36 8.75 -19.66
C LEU C 358 -13.75 8.15 -19.60
N SER C 359 -14.54 8.52 -18.59
CA SER C 359 -15.88 7.96 -18.49
C SER C 359 -16.73 8.35 -19.69
N LEU C 360 -16.47 9.55 -20.23
CA LEU C 360 -17.23 10.04 -21.38
C LEU C 360 -16.91 9.11 -22.55
N GLY C 361 -15.64 8.71 -22.64
CA GLY C 361 -15.24 7.77 -23.67
C GLY C 361 -14.41 8.22 -24.85
N GLU C 362 -13.87 7.22 -25.54
CA GLU C 362 -13.07 7.45 -26.73
C GLU C 362 -13.90 6.99 -27.90
N HIS C 363 -13.39 7.27 -29.09
CA HIS C 363 -14.05 6.88 -30.33
C HIS C 363 -12.96 6.54 -31.33
N GLU C 364 -13.27 5.75 -32.34
CA GLU C 364 -12.26 5.47 -33.33
C GLU C 364 -12.81 6.09 -34.60
N VAL C 365 -11.99 6.92 -35.21
CA VAL C 365 -12.40 7.65 -36.39
C VAL C 365 -11.44 7.51 -37.58
N GLU C 366 -11.94 7.83 -38.77
CA GLU C 366 -11.18 7.78 -40.02
C GLU C 366 -11.11 9.20 -40.55
N ARG C 367 -9.92 9.77 -40.63
CA ARG C 367 -9.75 11.13 -41.11
C ARG C 367 -8.80 11.29 -42.30
N ASP C 368 -8.99 12.36 -43.07
CA ASP C 368 -8.15 12.66 -44.23
C ASP C 368 -6.82 13.28 -43.83
N ARG C 369 -5.73 12.65 -44.23
CA ARG C 369 -4.39 13.14 -43.93
C ARG C 369 -4.12 14.49 -44.63
N LEU C 384 -5.63 8.02 -45.82
CA LEU C 384 -6.57 8.07 -44.67
C LEU C 384 -5.86 7.96 -43.33
N GLU C 385 -6.60 8.11 -42.25
CA GLU C 385 -6.03 8.10 -40.91
C GLU C 385 -6.95 7.50 -39.85
N ARG C 386 -6.62 6.35 -39.29
CA ARG C 386 -7.46 5.82 -38.21
C ARG C 386 -6.87 6.40 -36.94
N VAL C 387 -7.74 6.84 -36.05
CA VAL C 387 -7.27 7.40 -34.80
C VAL C 387 -8.25 7.05 -33.71
N ARG C 388 -7.71 6.78 -32.54
CA ARG C 388 -8.53 6.49 -31.38
C ARG C 388 -8.29 7.73 -30.56
N GLU C 389 -9.35 8.36 -30.07
CA GLU C 389 -9.15 9.56 -29.28
C GLU C 389 -10.33 9.89 -28.37
N ARG C 390 -10.04 10.61 -27.29
CA ARG C 390 -11.05 11.03 -26.33
C ARG C 390 -12.04 11.93 -27.03
N VAL C 391 -13.33 11.65 -26.88
CA VAL C 391 -14.33 12.49 -27.48
C VAL C 391 -14.26 13.84 -26.78
N VAL C 392 -14.13 13.80 -25.45
CA VAL C 392 -14.03 15.01 -24.66
C VAL C 392 -12.73 15.03 -23.87
N MET C 393 -11.87 15.99 -24.18
CA MET C 393 -10.59 16.15 -23.52
C MET C 393 -10.74 16.57 -22.07
N PRO C 394 -9.76 16.19 -21.22
CA PRO C 394 -9.81 16.56 -19.81
C PRO C 394 -9.82 18.07 -19.75
N ALA C 395 -8.98 18.67 -20.61
CA ALA C 395 -8.86 20.11 -20.70
C ALA C 395 -10.22 20.73 -21.03
N GLU C 396 -10.97 20.10 -21.94
CA GLU C 396 -12.28 20.60 -22.33
C GLU C 396 -13.23 20.72 -21.14
N ILE C 397 -13.16 19.77 -20.24
CA ILE C 397 -14.02 19.78 -19.05
C ILE C 397 -13.61 20.86 -18.07
N ALA C 398 -12.30 21.05 -17.91
CA ALA C 398 -11.77 22.06 -17.02
C ALA C 398 -12.03 23.47 -17.53
N ASN C 399 -12.18 23.60 -18.84
CA ASN C 399 -12.43 24.92 -19.40
C ASN C 399 -13.90 25.17 -19.67
N LEU C 400 -14.76 24.25 -19.26
CA LEU C 400 -16.17 24.44 -19.50
C LEU C 400 -16.63 25.69 -18.75
N PRO C 401 -17.51 26.50 -19.39
CA PRO C 401 -18.03 27.72 -18.75
C PRO C 401 -19.24 27.23 -17.96
N ASP C 402 -19.74 28.01 -17.02
CA ASP C 402 -20.86 27.53 -16.23
C ASP C 402 -22.12 27.21 -17.03
N LEU C 403 -23.05 26.56 -16.35
CA LEU C 403 -24.32 26.20 -16.96
C LEU C 403 -24.14 25.56 -18.32
N THR C 404 -23.11 24.75 -18.43
CA THR C 404 -22.82 24.05 -19.67
C THR C 404 -22.39 22.65 -19.24
N ALA C 405 -22.95 21.62 -19.85
CA ALA C 405 -22.60 20.25 -19.48
C ALA C 405 -22.84 19.16 -20.51
N TYR C 406 -22.06 18.10 -20.38
CA TYR C 406 -22.16 16.95 -21.27
C TYR C 406 -23.17 16.00 -20.65
N VAL C 407 -24.08 15.52 -21.50
CA VAL C 407 -25.11 14.60 -21.06
C VAL C 407 -25.02 13.25 -21.79
N GLY C 408 -24.74 12.21 -21.01
CA GLY C 408 -24.62 10.89 -21.60
C GLY C 408 -25.58 9.94 -20.93
N PHE C 409 -26.78 9.86 -21.48
CA PHE C 409 -27.81 9.00 -20.94
C PHE C 409 -27.42 7.54 -21.05
N ALA C 410 -27.90 6.76 -20.10
CA ALA C 410 -27.61 5.34 -20.08
C ALA C 410 -27.79 4.64 -21.43
N GLY C 411 -27.27 3.41 -21.52
CA GLY C 411 -27.39 2.61 -22.72
C GLY C 411 -26.64 3.08 -23.94
N ASN C 412 -27.20 2.76 -25.10
CA ASN C 412 -26.60 3.14 -26.35
C ASN C 412 -27.12 4.44 -26.92
N ARG C 413 -26.47 5.55 -26.59
CA ARG C 413 -26.89 6.85 -27.12
C ARG C 413 -25.70 7.76 -27.22
N PRO C 414 -25.75 8.74 -28.14
CA PRO C 414 -24.62 9.66 -28.27
C PRO C 414 -24.65 10.62 -27.09
N ILE C 415 -23.57 11.35 -26.87
CA ILE C 415 -23.58 12.30 -25.78
C ILE C 415 -23.69 13.66 -26.45
N ALA C 416 -23.95 14.69 -25.66
CA ALA C 416 -24.08 16.02 -26.21
C ALA C 416 -23.70 17.08 -25.20
N LYS C 417 -23.18 18.20 -25.69
CA LYS C 417 -22.78 19.30 -24.84
C LYS C 417 -23.98 20.25 -24.94
N VAL C 418 -24.65 20.45 -23.81
CA VAL C 418 -25.85 21.28 -23.77
C VAL C 418 -25.76 22.47 -22.80
N PRO C 419 -26.47 23.56 -23.10
CA PRO C 419 -26.45 24.74 -22.22
C PRO C 419 -27.56 24.59 -21.21
N LEU C 420 -27.27 24.90 -19.96
CA LEU C 420 -28.28 24.81 -18.90
C LEU C 420 -28.85 26.19 -18.69
N GLU C 421 -30.17 26.33 -18.63
CA GLU C 421 -30.71 27.67 -18.43
C GLU C 421 -31.40 27.85 -17.10
N ILE C 422 -31.28 29.06 -16.57
CA ILE C 422 -31.83 29.42 -15.27
C ILE C 422 -33.31 29.78 -15.23
N LYS C 423 -34.17 28.79 -15.13
CA LYS C 423 -35.60 29.07 -15.05
C LYS C 423 -35.84 29.59 -13.64
N GLN C 424 -36.75 30.54 -13.50
CA GLN C 424 -37.07 31.13 -12.21
C GLN C 424 -38.28 30.48 -11.53
N PHE C 425 -38.17 30.28 -10.23
CA PHE C 425 -39.25 29.67 -9.46
C PHE C 425 -39.63 30.57 -8.29
N ALA C 426 -40.92 30.90 -8.17
CA ALA C 426 -41.42 31.74 -7.10
C ALA C 426 -41.51 30.94 -5.80
N ASN C 427 -41.23 31.60 -4.69
CA ASN C 427 -41.27 30.94 -3.40
C ASN C 427 -42.69 30.67 -2.94
N ARG C 428 -43.09 29.41 -2.92
CA ARG C 428 -44.43 29.07 -2.48
C ARG C 428 -44.42 28.44 -1.08
N GLN C 429 -43.51 28.94 -0.23
CA GLN C 429 -43.37 28.47 1.15
C GLN C 429 -42.05 28.89 1.76
N PRO C 430 -42.03 29.19 3.07
CA PRO C 430 -40.79 29.59 3.75
C PRO C 430 -39.89 28.36 3.90
N ALA C 431 -38.60 28.53 3.61
CA ALA C 431 -37.67 27.41 3.72
C ALA C 431 -37.48 26.91 5.13
N PHE C 432 -37.42 27.81 6.11
CA PHE C 432 -37.23 27.40 7.50
C PHE C 432 -38.19 28.13 8.43
N VAL C 433 -38.67 27.43 9.45
CA VAL C 433 -39.57 28.03 10.43
C VAL C 433 -39.09 27.65 11.82
N GLU C 434 -38.21 28.49 12.36
CA GLU C 434 -37.64 28.29 13.68
C GLU C 434 -38.68 27.75 14.67
N GLY C 435 -38.26 26.79 15.49
CA GLY C 435 -39.16 26.21 16.47
C GLY C 435 -39.18 26.93 17.82
N GLN D 6 5.85 33.74 -32.61
CA GLN D 6 4.66 33.86 -31.73
C GLN D 6 4.94 34.90 -30.64
N GLY D 7 5.10 34.41 -29.42
CA GLY D 7 5.37 35.29 -28.29
C GLY D 7 4.46 34.90 -27.15
N GLU D 8 3.39 34.18 -27.49
CA GLU D 8 2.42 33.74 -26.49
C GLU D 8 2.66 32.29 -26.07
N PHE D 9 2.65 31.36 -27.03
CA PHE D 9 2.87 29.93 -26.73
C PHE D 9 4.33 29.49 -26.90
N GLY D 10 4.85 28.82 -25.88
CA GLY D 10 6.22 28.35 -25.87
C GLY D 10 6.66 27.45 -27.00
N GLY D 11 5.79 26.52 -27.38
CA GLY D 11 6.12 25.60 -28.45
C GLY D 11 6.06 26.24 -29.83
N ALA D 12 6.11 25.38 -30.85
CA ALA D 12 6.07 25.82 -32.24
C ALA D 12 4.73 26.44 -32.59
N PRO D 13 4.75 27.61 -33.27
CA PRO D 13 3.50 28.28 -33.66
C PRO D 13 2.69 27.33 -34.51
N PHE D 14 1.38 27.49 -34.50
CA PHE D 14 0.52 26.61 -35.26
C PHE D 14 -0.41 27.29 -36.20
N LYS D 15 -1.04 26.47 -37.03
CA LYS D 15 -1.95 26.94 -38.04
C LYS D 15 -3.37 27.15 -37.52
N ARG D 16 -3.83 26.26 -36.66
CA ARG D 16 -5.20 26.37 -36.18
C ARG D 16 -5.46 25.67 -34.86
N PHE D 17 -6.09 26.40 -33.96
CA PHE D 17 -6.43 25.86 -32.64
C PHE D 17 -7.69 25.05 -32.69
N LEU D 18 -7.61 23.80 -32.23
CA LEU D 18 -8.75 22.90 -32.24
C LEU D 18 -9.56 22.85 -30.94
N ARG D 19 -8.93 22.42 -29.84
CA ARG D 19 -9.60 22.34 -28.54
C ARG D 19 -8.60 22.27 -27.39
N GLY D 20 -9.08 22.40 -26.16
CA GLY D 20 -8.19 22.34 -25.01
C GLY D 20 -7.89 23.70 -24.41
N THR D 21 -6.87 23.74 -23.57
CA THR D 21 -6.47 24.99 -22.93
C THR D 21 -5.84 25.93 -23.94
N ARG D 22 -6.06 27.22 -23.76
CA ARG D 22 -5.47 28.19 -24.67
C ARG D 22 -4.77 29.29 -23.91
N ILE D 23 -3.57 29.61 -24.38
CA ILE D 23 -2.76 30.62 -23.74
C ILE D 23 -2.80 31.88 -24.57
N VAL D 24 -2.71 33.01 -23.91
CA VAL D 24 -2.76 34.26 -24.62
C VAL D 24 -1.72 35.22 -24.03
N SER D 25 -1.57 36.39 -24.65
CA SER D 25 -0.60 37.39 -24.19
C SER D 25 -1.11 38.05 -22.92
N GLY D 26 -0.18 38.47 -22.07
CA GLY D 26 -0.58 39.14 -20.84
C GLY D 26 -1.62 40.21 -21.12
N GLY D 27 -1.25 41.18 -21.94
CA GLY D 27 -2.14 42.27 -22.29
C GLY D 27 -3.47 41.82 -22.84
N LYS D 28 -3.43 40.90 -23.80
CA LYS D 28 -4.65 40.36 -24.41
C LYS D 28 -5.63 39.87 -23.33
N LEU D 29 -5.09 39.07 -22.41
CA LEU D 29 -5.86 38.53 -21.32
C LEU D 29 -6.39 39.69 -20.48
N LYS D 30 -5.49 40.58 -20.05
CA LYS D 30 -5.87 41.75 -19.26
C LYS D 30 -7.10 42.40 -19.85
N ARG D 31 -7.16 42.46 -21.18
CA ARG D 31 -8.29 43.05 -21.88
C ARG D 31 -9.53 42.24 -21.62
N MET D 32 -9.42 40.96 -21.95
CA MET D 32 -10.51 40.03 -21.81
C MET D 32 -11.17 40.00 -20.44
N THR D 33 -10.38 39.86 -19.39
CA THR D 33 -10.91 39.78 -18.03
C THR D 33 -11.46 41.08 -17.47
N ARG D 34 -11.10 42.20 -18.08
CA ARG D 34 -11.57 43.50 -17.61
C ARG D 34 -13.08 43.63 -17.64
N GLU D 35 -13.64 44.06 -16.51
CA GLU D 35 -15.08 44.23 -16.39
C GLU D 35 -15.40 45.67 -16.01
N LYS D 36 -16.69 45.94 -15.94
CA LYS D 36 -17.18 47.27 -15.60
C LYS D 36 -16.93 47.68 -14.15
N ALA D 37 -17.43 46.85 -13.21
CA ALA D 37 -17.27 47.09 -11.78
C ALA D 37 -15.83 47.13 -11.33
N LYS D 38 -15.62 47.59 -10.10
CA LYS D 38 -14.28 47.66 -9.53
C LYS D 38 -13.81 46.23 -9.31
N GLN D 39 -12.59 45.93 -9.75
CA GLN D 39 -12.04 44.58 -9.61
C GLN D 39 -10.71 44.61 -8.87
N VAL D 40 -10.21 43.43 -8.51
CA VAL D 40 -8.92 43.33 -7.82
C VAL D 40 -7.93 42.78 -8.84
N THR D 41 -6.64 42.73 -8.50
CA THR D 41 -5.72 42.18 -9.47
C THR D 41 -4.79 41.10 -8.98
N VAL D 42 -4.54 40.19 -9.92
CA VAL D 42 -3.66 39.08 -9.70
C VAL D 42 -2.53 39.31 -10.68
N ALA D 43 -1.35 39.65 -10.17
CA ALA D 43 -0.22 39.86 -11.06
C ALA D 43 -0.51 40.92 -12.11
N GLY D 44 -1.33 41.89 -11.76
CA GLY D 44 -1.65 42.94 -12.70
C GLY D 44 -2.88 42.65 -13.53
N VAL D 45 -3.29 41.39 -13.58
CA VAL D 45 -4.47 41.05 -14.35
C VAL D 45 -5.72 41.18 -13.49
N PRO D 46 -6.74 41.88 -14.02
CA PRO D 46 -8.01 42.10 -13.31
C PRO D 46 -8.76 40.80 -13.18
N MET D 47 -9.10 40.43 -11.95
CA MET D 47 -9.81 39.19 -11.75
C MET D 47 -11.32 39.32 -11.92
N PRO D 48 -11.91 38.42 -12.75
CA PRO D 48 -13.33 38.35 -13.07
C PRO D 48 -14.09 38.32 -11.75
N ARG D 49 -14.93 39.32 -11.54
CA ARG D 49 -15.67 39.40 -10.30
C ARG D 49 -16.21 38.05 -9.85
N ASP D 50 -16.74 37.29 -10.79
CA ASP D 50 -17.32 35.97 -10.50
C ASP D 50 -16.33 34.88 -10.10
N ALA D 51 -15.05 35.13 -10.36
CA ALA D 51 -14.00 34.16 -10.03
C ALA D 51 -13.56 34.26 -8.57
N GLU D 52 -13.88 35.39 -7.96
CA GLU D 52 -13.52 35.70 -6.58
C GLU D 52 -13.94 34.72 -5.47
N PRO D 53 -15.23 34.34 -5.41
CA PRO D 53 -15.65 33.42 -4.35
C PRO D 53 -15.39 31.98 -4.76
N ARG D 54 -14.63 31.81 -5.85
CA ARG D 54 -14.29 30.48 -6.31
C ARG D 54 -12.86 30.21 -5.88
N HIS D 55 -12.36 31.10 -5.03
CA HIS D 55 -11.03 30.99 -4.48
C HIS D 55 -9.93 30.94 -5.48
N LEU D 56 -8.74 31.18 -4.97
CA LEU D 56 -7.53 31.21 -5.75
C LEU D 56 -6.40 30.51 -5.03
N LEU D 57 -5.73 29.65 -5.76
CA LEU D 57 -4.61 28.92 -5.23
C LEU D 57 -3.35 29.43 -5.89
N VAL D 58 -2.42 29.93 -5.08
CA VAL D 58 -1.17 30.45 -5.59
C VAL D 58 -0.09 29.47 -5.29
N ASN D 59 0.39 28.82 -6.32
CA ASN D 59 1.42 27.81 -6.17
C ASN D 59 2.73 28.30 -6.74
N GLY D 60 3.81 28.03 -6.02
CA GLY D 60 5.11 28.47 -6.51
C GLY D 60 6.21 28.15 -5.52
N ALA D 61 7.44 28.24 -6.01
CA ALA D 61 8.62 27.99 -5.21
C ALA D 61 8.88 29.15 -4.27
N THR D 62 9.80 28.94 -3.35
CA THR D 62 10.13 29.98 -2.39
C THR D 62 10.86 31.15 -3.06
N GLY D 63 10.42 32.36 -2.75
CA GLY D 63 11.05 33.56 -3.28
C GLY D 63 10.60 34.00 -4.67
N THR D 64 9.67 33.23 -5.24
CA THR D 64 9.16 33.52 -6.56
C THR D 64 8.29 34.77 -6.59
N GLY D 65 7.83 35.21 -5.43
CA GLY D 65 7.00 36.40 -5.41
C GLY D 65 5.60 36.16 -4.89
N LYS D 66 5.39 35.06 -4.19
CA LYS D 66 4.07 34.76 -3.64
C LYS D 66 3.59 35.97 -2.86
N SER D 67 4.50 36.55 -2.09
CA SER D 67 4.21 37.72 -1.28
C SER D 67 3.77 38.89 -2.14
N VAL D 68 4.64 39.27 -3.08
CA VAL D 68 4.35 40.38 -3.97
C VAL D 68 2.92 40.31 -4.48
N LEU D 69 2.51 39.11 -4.88
CA LEU D 69 1.18 38.88 -5.43
C LEU D 69 0.07 39.03 -4.40
N LEU D 70 0.15 38.24 -3.33
CA LEU D 70 -0.87 38.29 -2.29
C LEU D 70 -0.96 39.69 -1.74
N ARG D 71 0.18 40.39 -1.77
CA ARG D 71 0.28 41.75 -1.28
C ARG D 71 -0.53 42.66 -2.20
N GLU D 72 -0.33 42.50 -3.49
CA GLU D 72 -1.03 43.28 -4.50
C GLU D 72 -2.53 43.00 -4.44
N LEU D 73 -2.89 41.71 -4.42
CA LEU D 73 -4.28 41.32 -4.36
C LEU D 73 -4.97 42.01 -3.20
N ALA D 74 -4.37 41.89 -2.02
CA ALA D 74 -4.90 42.50 -0.81
C ALA D 74 -5.15 43.98 -0.99
N TYR D 75 -4.11 44.71 -1.38
CA TYR D 75 -4.20 46.16 -1.57
C TYR D 75 -5.38 46.59 -2.43
N THR D 76 -5.45 46.03 -3.63
CA THR D 76 -6.53 46.36 -4.56
C THR D 76 -7.90 46.07 -3.95
N GLY D 77 -7.99 44.99 -3.19
CA GLY D 77 -9.26 44.65 -2.56
C GLY D 77 -9.66 45.66 -1.50
N LEU D 78 -8.65 46.23 -0.87
CA LEU D 78 -8.87 47.22 0.16
C LEU D 78 -9.32 48.49 -0.48
N LEU D 79 -8.68 48.85 -1.59
CA LEU D 79 -9.05 50.04 -2.31
C LEU D 79 -10.53 50.00 -2.65
N ARG D 80 -11.03 48.78 -2.82
CA ARG D 80 -12.44 48.57 -3.13
C ARG D 80 -13.28 48.53 -1.88
N GLY D 81 -12.61 48.40 -0.74
CA GLY D 81 -13.32 48.39 0.52
C GLY D 81 -13.80 47.03 0.98
N ASP D 82 -13.12 45.98 0.55
CA ASP D 82 -13.53 44.64 0.99
C ASP D 82 -12.86 44.38 2.33
N ARG D 83 -13.48 43.53 3.15
CA ARG D 83 -12.89 43.19 4.45
C ARG D 83 -12.05 41.93 4.33
N MET D 84 -11.23 41.65 5.33
CA MET D 84 -10.41 40.45 5.25
C MET D 84 -9.69 39.95 6.49
N VAL D 85 -9.32 38.67 6.44
CA VAL D 85 -8.61 38.03 7.51
C VAL D 85 -7.32 37.64 6.88
N ILE D 86 -6.22 37.91 7.57
CA ILE D 86 -4.92 37.60 7.02
C ILE D 86 -3.99 36.77 7.89
N VAL D 87 -3.81 35.50 7.52
CA VAL D 87 -2.89 34.64 8.24
C VAL D 87 -1.59 35.34 7.88
N ASP D 88 -1.24 36.33 8.69
CA ASP D 88 -0.06 37.15 8.43
C ASP D 88 1.16 36.87 9.28
N PRO D 89 2.19 36.26 8.67
CA PRO D 89 3.46 35.90 9.33
C PRO D 89 4.31 37.14 9.60
N ASN D 90 4.90 37.19 10.79
CA ASN D 90 5.74 38.32 11.19
C ASN D 90 5.05 39.66 10.95
N GLY D 91 3.73 39.65 11.05
CA GLY D 91 2.96 40.86 10.85
C GLY D 91 3.37 41.75 9.69
N ASP D 92 3.86 41.17 8.60
CA ASP D 92 4.24 42.01 7.46
C ASP D 92 3.03 42.73 6.87
N MET D 93 2.02 41.96 6.50
CA MET D 93 0.80 42.53 5.95
C MET D 93 0.31 43.64 6.85
N LEU D 94 0.42 43.41 8.14
CA LEU D 94 -0.01 44.39 9.13
C LEU D 94 0.71 45.72 8.99
N SER D 95 2.03 45.69 9.11
CA SER D 95 2.82 46.90 9.04
C SER D 95 2.54 47.76 7.82
N LYS D 96 2.10 47.13 6.74
CA LYS D 96 1.83 47.87 5.52
C LYS D 96 0.42 48.41 5.41
N PHE D 97 -0.55 47.56 5.71
CA PHE D 97 -1.96 47.93 5.58
C PHE D 97 -2.71 48.14 6.88
N GLY D 98 -2.04 47.87 8.00
CA GLY D 98 -2.66 48.05 9.31
C GLY D 98 -3.38 49.38 9.47
N ARG D 99 -4.62 49.26 9.91
CA ARG D 99 -5.47 50.42 10.12
C ARG D 99 -5.67 50.51 11.64
N ASP D 100 -6.07 51.66 12.14
CA ASP D 100 -6.28 51.81 13.57
C ASP D 100 -7.45 50.98 14.07
N LYS D 101 -8.51 50.89 13.26
CA LYS D 101 -9.70 50.13 13.61
C LYS D 101 -9.60 48.63 13.36
N ASP D 102 -8.43 48.19 12.92
CA ASP D 102 -8.23 46.77 12.63
C ASP D 102 -7.81 45.94 13.84
N ILE D 103 -8.19 44.66 13.80
CA ILE D 103 -7.94 43.69 14.86
C ILE D 103 -6.65 42.88 14.75
N ILE D 104 -6.07 42.56 15.91
CA ILE D 104 -4.85 41.76 15.95
C ILE D 104 -4.94 40.59 16.92
N LEU D 105 -4.54 39.43 16.44
CA LEU D 105 -4.54 38.22 17.24
C LEU D 105 -3.11 37.68 17.28
N ASN D 106 -2.47 37.88 18.43
CA ASN D 106 -1.11 37.42 18.66
C ASN D 106 -0.97 37.47 20.17
N PRO D 107 -0.96 36.30 20.84
CA PRO D 107 -0.84 36.30 22.30
C PRO D 107 0.39 37.04 22.86
N TYR D 108 1.41 37.25 22.03
CA TYR D 108 2.61 37.93 22.50
C TYR D 108 2.77 39.37 21.99
N ASP D 109 1.69 39.97 21.52
CA ASP D 109 1.73 41.34 21.02
C ASP D 109 0.89 42.23 21.89
N GLN D 110 1.48 43.34 22.30
CA GLN D 110 0.81 44.30 23.16
C GLN D 110 -0.60 44.66 22.70
N ARG D 111 -0.79 44.75 21.40
CA ARG D 111 -2.07 45.15 20.85
C ARG D 111 -3.10 44.05 20.59
N THR D 112 -2.74 42.80 20.87
CA THR D 112 -3.68 41.71 20.63
C THR D 112 -4.96 41.91 21.41
N LYS D 113 -6.01 41.17 21.05
CA LYS D 113 -7.29 41.24 21.75
C LYS D 113 -7.38 40.04 22.70
N GLY D 114 -8.28 40.13 23.68
CA GLY D 114 -8.45 39.04 24.62
C GLY D 114 -9.45 38.06 24.04
N TRP D 115 -9.05 36.79 23.90
CA TRP D 115 -9.92 35.78 23.32
C TRP D 115 -9.81 34.39 23.94
N SER D 116 -10.95 33.71 24.02
CA SER D 116 -11.09 32.36 24.54
C SER D 116 -12.12 31.76 23.61
N PHE D 117 -12.05 30.47 23.34
CA PHE D 117 -13.03 29.90 22.43
C PHE D 117 -14.43 29.96 23.01
N PHE D 118 -14.55 30.09 24.32
CA PHE D 118 -15.86 30.18 24.94
C PHE D 118 -16.59 31.34 24.26
N ASN D 119 -15.82 32.37 23.89
CA ASN D 119 -16.35 33.57 23.25
C ASN D 119 -17.12 33.36 21.96
N GLU D 120 -17.18 32.14 21.45
CA GLU D 120 -17.89 31.88 20.21
C GLU D 120 -19.08 30.94 20.40
N ILE D 121 -19.29 30.44 21.62
CA ILE D 121 -20.41 29.55 21.87
C ILE D 121 -21.67 30.39 21.99
N ARG D 122 -22.70 30.02 21.24
CA ARG D 122 -23.97 30.74 21.26
C ARG D 122 -25.16 29.79 21.39
N ASN D 123 -25.01 28.55 20.88
CA ASN D 123 -26.05 27.52 20.96
C ASN D 123 -25.36 26.23 21.37
N ASP D 124 -26.13 25.18 21.63
CA ASP D 124 -25.51 23.93 22.07
C ASP D 124 -24.64 23.24 21.03
N TYR D 125 -25.05 23.27 19.78
CA TYR D 125 -24.26 22.62 18.75
C TYR D 125 -22.92 23.30 18.53
N ASP D 126 -22.77 24.48 19.10
CA ASP D 126 -21.52 25.21 18.95
C ASP D 126 -20.37 24.61 19.74
N TRP D 127 -20.68 23.80 20.76
CA TRP D 127 -19.61 23.21 21.58
C TRP D 127 -18.74 22.25 20.76
N GLN D 128 -19.36 21.27 20.11
CA GLN D 128 -18.59 20.35 19.29
C GLN D 128 -18.01 21.13 18.12
N ARG D 129 -18.85 21.96 17.54
CA ARG D 129 -18.49 22.77 16.40
C ARG D 129 -17.09 23.34 16.50
N TYR D 130 -16.76 23.91 17.64
CA TYR D 130 -15.45 24.50 17.81
C TYR D 130 -14.42 23.60 18.47
N ALA D 131 -14.87 22.52 19.07
CA ALA D 131 -13.92 21.59 19.68
C ALA D 131 -13.14 21.18 18.46
N LEU D 132 -13.83 21.20 17.33
CA LEU D 132 -13.25 20.85 16.05
C LEU D 132 -12.15 21.81 15.66
N SER D 133 -12.37 23.08 15.90
CA SER D 133 -11.39 24.10 15.54
C SER D 133 -10.19 24.08 16.46
N VAL D 134 -10.46 23.84 17.74
CA VAL D 134 -9.41 23.81 18.76
C VAL D 134 -8.58 22.57 18.63
N VAL D 135 -9.25 21.47 18.38
CA VAL D 135 -8.59 20.20 18.22
C VAL D 135 -8.76 19.77 16.76
N PRO D 136 -7.84 20.20 15.89
CA PRO D 136 -7.90 19.85 14.48
C PRO D 136 -7.92 18.35 14.28
N ARG D 137 -8.03 17.91 13.02
CA ARG D 137 -8.08 16.49 12.67
C ARG D 137 -6.74 15.84 12.74
N GLY D 138 -6.78 14.57 13.15
CA GLY D 138 -5.58 13.76 13.30
C GLY D 138 -4.96 13.35 11.98
N LYS D 139 -3.65 13.58 11.86
CA LYS D 139 -2.94 13.26 10.65
C LYS D 139 -3.20 11.81 10.25
N THR D 140 -3.26 10.92 11.23
CA THR D 140 -3.53 9.51 10.96
C THR D 140 -4.90 9.13 11.49
N ASP D 141 -5.36 7.95 11.10
CA ASP D 141 -6.66 7.48 11.54
C ASP D 141 -6.64 7.33 13.04
N GLU D 142 -5.61 6.65 13.52
CA GLU D 142 -5.44 6.44 14.94
C GLU D 142 -5.35 7.79 15.66
N ALA D 143 -4.50 8.68 15.14
CA ALA D 143 -4.31 10.01 15.71
C ALA D 143 -5.64 10.70 15.93
N GLU D 144 -6.48 10.61 14.90
CA GLU D 144 -7.80 11.22 14.91
C GLU D 144 -8.69 10.59 15.97
N GLU D 145 -8.58 9.28 16.15
CA GLU D 145 -9.39 8.61 17.15
C GLU D 145 -9.16 9.26 18.51
N TRP D 146 -7.89 9.45 18.86
CA TRP D 146 -7.58 10.07 20.13
C TRP D 146 -8.19 11.46 20.12
N ALA D 147 -8.04 12.13 18.97
CA ALA D 147 -8.56 13.48 18.79
C ALA D 147 -10.03 13.56 19.13
N SER D 148 -10.80 12.54 18.75
CA SER D 148 -12.22 12.54 19.05
C SER D 148 -12.42 12.53 20.56
N TYR D 149 -11.68 11.67 21.25
CA TYR D 149 -11.72 11.56 22.71
C TYR D 149 -11.41 12.90 23.31
N GLY D 150 -10.38 13.53 22.76
CA GLY D 150 -9.97 14.82 23.24
C GLY D 150 -11.13 15.80 23.16
N ARG D 151 -11.78 15.87 22.01
CA ARG D 151 -12.90 16.78 21.82
C ARG D 151 -14.07 16.43 22.73
N LEU D 152 -14.25 15.15 23.05
CA LEU D 152 -15.33 14.77 23.95
C LEU D 152 -15.01 15.37 25.31
N LEU D 153 -13.83 15.05 25.80
CA LEU D 153 -13.38 15.56 27.08
C LEU D 153 -13.52 17.08 27.11
N LEU D 154 -13.01 17.72 26.07
CA LEU D 154 -13.06 19.16 25.97
C LEU D 154 -14.47 19.73 26.09
N ARG D 155 -15.32 19.36 25.14
CA ARG D 155 -16.67 19.89 25.12
C ARG D 155 -17.48 19.69 26.38
N GLU D 156 -17.40 18.50 26.96
CA GLU D 156 -18.16 18.25 28.17
C GLU D 156 -17.65 19.07 29.34
N THR D 157 -16.34 19.12 29.50
CA THR D 157 -15.69 19.87 30.58
C THR D 157 -16.01 21.35 30.47
N ALA D 158 -15.70 21.90 29.30
CA ALA D 158 -15.92 23.30 29.05
C ALA D 158 -17.38 23.66 29.23
N LYS D 159 -18.26 22.78 28.76
CA LYS D 159 -19.67 23.03 28.87
C LYS D 159 -20.04 23.22 30.34
N LYS D 160 -19.63 22.28 31.19
CA LYS D 160 -19.93 22.36 32.62
C LYS D 160 -19.38 23.63 33.25
N LEU D 161 -18.08 23.87 33.06
CA LEU D 161 -17.43 25.05 33.59
C LEU D 161 -18.30 26.25 33.28
N ALA D 162 -18.74 26.32 32.03
CA ALA D 162 -19.60 27.40 31.59
C ALA D 162 -20.85 27.46 32.44
N LEU D 163 -21.47 26.30 32.63
CA LEU D 163 -22.69 26.19 33.43
C LEU D 163 -22.57 26.72 34.83
N ILE D 164 -21.54 26.26 35.54
CA ILE D 164 -21.32 26.70 36.91
C ILE D 164 -20.74 28.11 36.93
N GLY D 165 -20.91 28.84 35.83
CA GLY D 165 -20.44 30.21 35.71
C GLY D 165 -18.94 30.50 35.78
N THR D 166 -18.09 29.51 35.60
CA THR D 166 -16.64 29.74 35.65
C THR D 166 -15.95 29.33 34.37
N PRO D 167 -16.28 30.00 33.25
CA PRO D 167 -15.69 29.70 31.94
C PRO D 167 -14.22 30.09 31.92
N SER D 168 -13.42 29.39 32.71
CA SER D 168 -11.99 29.66 32.81
C SER D 168 -11.13 28.69 32.01
N MET D 169 -10.26 29.24 31.16
CA MET D 169 -9.36 28.41 30.37
C MET D 169 -8.32 27.74 31.27
N ARG D 170 -7.97 28.42 32.35
CA ARG D 170 -7.01 27.87 33.29
C ARG D 170 -7.61 26.68 33.99
N GLU D 171 -8.87 26.84 34.41
CA GLU D 171 -9.58 25.77 35.08
C GLU D 171 -9.67 24.58 34.13
N LEU D 172 -10.19 24.84 32.94
CA LEU D 172 -10.35 23.82 31.94
C LEU D 172 -9.05 23.04 31.75
N PHE D 173 -7.97 23.76 31.47
CA PHE D 173 -6.68 23.12 31.28
C PHE D 173 -6.34 22.27 32.49
N HIS D 174 -6.53 22.84 33.66
CA HIS D 174 -6.25 22.14 34.90
C HIS D 174 -6.96 20.80 34.90
N TRP D 175 -8.28 20.88 34.86
CA TRP D 175 -9.10 19.69 34.86
C TRP D 175 -8.69 18.63 33.86
N THR D 176 -8.57 19.03 32.60
CA THR D 176 -8.23 18.09 31.53
C THR D 176 -6.78 17.60 31.42
N THR D 177 -5.83 18.20 32.13
CA THR D 177 -4.45 17.72 32.00
C THR D 177 -3.70 17.68 33.32
N ILE D 178 -4.31 18.28 34.35
CA ILE D 178 -3.68 18.35 35.66
C ILE D 178 -4.34 17.54 36.76
N ALA D 179 -5.63 17.74 36.97
CA ALA D 179 -6.36 16.99 38.01
C ALA D 179 -6.07 15.49 37.92
N THR D 180 -6.26 14.75 39.02
CA THR D 180 -6.01 13.31 38.99
C THR D 180 -7.15 12.67 38.21
N PHE D 181 -6.91 11.45 37.74
CA PHE D 181 -7.91 10.74 36.97
C PHE D 181 -9.25 10.73 37.71
N ASP D 182 -9.20 10.36 38.99
CA ASP D 182 -10.41 10.28 39.80
C ASP D 182 -11.11 11.61 39.93
N ASP D 183 -10.37 12.62 40.36
CA ASP D 183 -10.95 13.94 40.52
C ASP D 183 -11.67 14.33 39.25
N LEU D 184 -10.96 14.26 38.14
CA LEU D 184 -11.56 14.60 36.86
C LEU D 184 -12.83 13.76 36.72
N ARG D 185 -12.67 12.44 36.78
CA ARG D 185 -13.79 11.53 36.65
C ARG D 185 -14.95 12.05 37.50
N GLY D 186 -14.61 12.48 38.71
CA GLY D 186 -15.62 13.00 39.60
C GLY D 186 -16.30 14.21 38.98
N PHE D 187 -15.49 15.22 38.66
CA PHE D 187 -15.97 16.46 38.06
C PHE D 187 -16.90 16.17 36.89
N LEU D 188 -16.59 15.10 36.16
CA LEU D 188 -17.37 14.71 34.99
C LEU D 188 -18.74 14.12 35.29
N GLU D 189 -18.92 13.66 36.52
CA GLU D 189 -20.21 13.12 36.91
C GLU D 189 -21.31 14.11 36.56
N GLY D 190 -22.38 13.61 35.94
CA GLY D 190 -23.47 14.50 35.59
C GLY D 190 -23.42 14.90 34.13
N THR D 191 -22.22 14.83 33.55
CA THR D 191 -22.06 15.19 32.14
C THR D 191 -22.08 13.91 31.30
N LEU D 192 -22.49 14.06 30.05
CA LEU D 192 -22.57 12.94 29.12
C LEU D 192 -21.33 12.06 29.13
N ALA D 193 -20.20 12.69 29.39
CA ALA D 193 -18.91 12.01 29.44
C ALA D 193 -18.80 11.17 30.70
N GLU D 194 -19.70 11.42 31.63
CA GLU D 194 -19.72 10.70 32.89
C GLU D 194 -19.34 9.24 32.73
N SER D 195 -20.19 8.48 32.04
CA SER D 195 -19.96 7.05 31.85
C SER D 195 -18.94 6.65 30.78
N LEU D 196 -19.00 7.29 29.63
CA LEU D 196 -18.11 6.96 28.51
C LEU D 196 -16.64 6.71 28.84
N PHE D 197 -16.10 7.47 29.77
CA PHE D 197 -14.69 7.31 30.12
C PHE D 197 -14.42 6.43 31.32
N ALA D 198 -15.34 5.52 31.61
CA ALA D 198 -15.18 4.61 32.75
C ALA D 198 -15.87 3.27 32.49
N GLY D 199 -15.31 2.18 33.04
CA GLY D 199 -15.95 0.90 32.85
C GLY D 199 -15.07 -0.24 32.38
N SER D 200 -13.90 0.06 31.83
CA SER D 200 -12.99 -0.98 31.37
C SER D 200 -11.65 -0.32 31.12
N ASN D 201 -10.64 -1.13 30.80
CA ASN D 201 -9.33 -0.58 30.54
C ASN D 201 -9.41 0.32 29.30
N GLU D 202 -10.19 -0.13 28.32
CA GLU D 202 -10.36 0.60 27.07
C GLU D 202 -10.83 2.01 27.41
N ALA D 203 -11.89 2.10 28.22
CA ALA D 203 -12.45 3.37 28.64
C ALA D 203 -11.38 4.29 29.25
N SER D 204 -10.53 3.73 30.11
CA SER D 204 -9.48 4.55 30.71
C SER D 204 -8.45 4.95 29.65
N LYS D 205 -8.15 4.03 28.74
CA LYS D 205 -7.20 4.33 27.68
C LYS D 205 -7.73 5.54 26.91
N ALA D 206 -9.01 5.49 26.57
CA ALA D 206 -9.66 6.58 25.85
C ALA D 206 -9.39 7.88 26.55
N LEU D 207 -9.66 7.90 27.86
CA LEU D 207 -9.43 9.10 28.63
C LEU D 207 -7.99 9.56 28.49
N THR D 208 -7.06 8.67 28.81
CA THR D 208 -5.64 8.97 28.72
C THR D 208 -5.31 9.66 27.40
N SER D 209 -5.76 9.05 26.31
CA SER D 209 -5.53 9.59 24.97
C SER D 209 -6.01 11.04 24.91
N ALA D 210 -7.25 11.26 25.34
CA ALA D 210 -7.84 12.59 25.32
C ALA D 210 -6.94 13.58 26.05
N ARG D 211 -6.48 13.21 27.24
CA ARG D 211 -5.61 14.04 28.07
C ARG D 211 -4.40 14.53 27.29
N PHE D 212 -3.65 13.58 26.77
CA PHE D 212 -2.47 13.93 25.99
C PHE D 212 -2.81 14.94 24.90
N VAL D 213 -3.87 14.67 24.15
CA VAL D 213 -4.25 15.58 23.08
C VAL D 213 -4.33 17.01 23.60
N LEU D 214 -5.31 17.23 24.46
CA LEU D 214 -5.56 18.53 25.06
C LEU D 214 -4.30 19.18 25.61
N SER D 215 -3.44 18.39 26.22
CA SER D 215 -2.21 18.91 26.80
C SER D 215 -1.30 19.42 25.70
N ASP D 216 -1.58 19.01 24.48
CA ASP D 216 -0.78 19.43 23.35
C ASP D 216 -1.38 20.65 22.68
N LYS D 217 -2.70 20.70 22.57
CA LYS D 217 -3.38 21.82 21.92
C LYS D 217 -3.62 23.03 22.83
N LEU D 218 -4.26 22.78 23.96
CA LEU D 218 -4.62 23.82 24.92
C LEU D 218 -3.56 24.81 25.40
N PRO D 219 -2.33 24.35 25.66
CA PRO D 219 -1.26 25.23 26.14
C PRO D 219 -1.38 26.70 25.75
N GLU D 220 -1.17 27.01 24.46
CA GLU D 220 -1.25 28.39 23.98
C GLU D 220 -2.57 29.09 24.25
N HIS D 221 -3.65 28.33 24.18
CA HIS D 221 -4.99 28.86 24.44
C HIS D 221 -5.07 29.42 25.83
N VAL D 222 -4.41 28.75 26.76
CA VAL D 222 -4.40 29.16 28.16
C VAL D 222 -3.60 30.43 28.37
N THR D 223 -2.32 30.39 28.02
CA THR D 223 -1.42 31.53 28.16
C THR D 223 -1.80 32.75 27.27
N MET D 224 -2.96 32.66 26.63
CA MET D 224 -3.46 33.74 25.76
C MET D 224 -4.17 34.80 26.57
N PRO D 225 -3.84 36.08 26.33
CA PRO D 225 -4.44 37.24 27.00
C PRO D 225 -5.96 37.10 26.96
N ASP D 226 -6.61 37.40 28.08
CA ASP D 226 -8.06 37.28 28.10
C ASP D 226 -8.82 38.50 27.68
N GLY D 227 -10.00 38.28 27.13
CA GLY D 227 -10.84 39.37 26.68
C GLY D 227 -12.19 38.82 26.32
N ASP D 228 -13.03 39.63 25.68
CA ASP D 228 -14.36 39.18 25.32
C ASP D 228 -14.52 39.18 23.81
N PHE D 229 -13.43 39.43 23.09
CA PHE D 229 -13.51 39.48 21.63
C PHE D 229 -14.12 38.22 21.03
N SER D 230 -14.92 38.40 19.99
CA SER D 230 -15.55 37.28 19.30
C SER D 230 -15.43 37.38 17.79
N ILE D 231 -14.72 36.43 17.21
CA ILE D 231 -14.53 36.40 15.77
C ILE D 231 -15.91 36.42 15.12
N ARG D 232 -16.84 35.69 15.70
CA ARG D 232 -18.19 35.65 15.16
C ARG D 232 -18.73 37.06 15.15
N SER D 233 -18.86 37.65 16.33
CA SER D 233 -19.36 39.01 16.48
C SER D 233 -18.68 39.95 15.50
N TRP D 234 -17.35 39.86 15.46
CA TRP D 234 -16.54 40.67 14.59
C TRP D 234 -17.03 40.52 13.15
N LEU D 235 -17.24 39.28 12.73
CA LEU D 235 -17.71 39.02 11.39
C LEU D 235 -19.04 39.72 11.11
N GLU D 236 -19.94 39.71 12.09
CA GLU D 236 -21.25 40.35 11.89
C GLU D 236 -21.21 41.87 11.86
N ASP D 237 -20.26 42.47 12.56
CA ASP D 237 -20.15 43.92 12.60
C ASP D 237 -19.55 44.43 11.30
N PRO D 238 -20.29 45.28 10.57
CA PRO D 238 -19.80 45.83 9.30
C PRO D 238 -18.58 46.75 9.49
N ASN D 239 -18.71 47.71 10.39
CA ASN D 239 -17.63 48.65 10.67
C ASN D 239 -16.50 47.90 11.36
N GLY D 240 -16.66 46.58 11.50
CA GLY D 240 -15.67 45.75 12.16
C GLY D 240 -14.20 45.97 11.85
N GLY D 241 -13.87 46.18 10.58
CA GLY D 241 -12.47 46.38 10.23
C GLY D 241 -11.85 45.11 9.69
N ASN D 242 -10.54 44.96 9.82
CA ASN D 242 -9.86 43.76 9.33
C ASN D 242 -9.13 42.96 10.40
N LEU D 243 -8.90 41.69 10.12
CA LEU D 243 -8.26 40.85 11.10
C LEU D 243 -6.93 40.29 10.65
N PHE D 244 -5.89 40.57 11.45
CA PHE D 244 -4.55 40.08 11.18
C PHE D 244 -4.14 39.06 12.22
N ILE D 245 -3.86 37.85 11.78
CA ILE D 245 -3.42 36.81 12.71
C ILE D 245 -1.93 36.79 12.48
N THR D 246 -1.17 37.35 13.41
CA THR D 246 0.28 37.40 13.24
C THR D 246 1.06 36.68 14.32
N TRP D 247 2.35 36.49 14.06
CA TRP D 247 3.23 35.82 14.99
C TRP D 247 4.65 35.91 14.50
N ARG D 248 5.59 35.69 15.39
CA ARG D 248 7.01 35.73 15.03
C ARG D 248 7.42 34.32 14.63
N GLU D 249 8.11 34.24 13.51
CA GLU D 249 8.50 32.95 12.96
C GLU D 249 9.13 31.91 13.83
N ASP D 250 10.01 32.28 14.75
CA ASP D 250 10.64 31.27 15.59
C ASP D 250 9.62 30.59 16.52
N MET D 251 8.37 31.03 16.47
CA MET D 251 7.33 30.45 17.31
C MET D 251 6.19 29.78 16.54
N GLY D 252 6.33 29.73 15.23
CA GLY D 252 5.31 29.12 14.40
C GLY D 252 4.83 27.76 14.87
N PRO D 253 5.74 26.84 15.17
CA PRO D 253 5.34 25.50 15.62
C PRO D 253 4.51 25.56 16.88
N ALA D 254 4.93 26.42 17.78
CA ALA D 254 4.24 26.58 19.05
C ALA D 254 2.79 26.99 18.81
N LEU D 255 2.63 27.99 17.95
CA LEU D 255 1.31 28.54 17.67
C LEU D 255 0.48 27.85 16.61
N ARG D 256 1.10 26.97 15.85
CA ARG D 256 0.40 26.26 14.81
C ARG D 256 -1.00 25.81 15.23
N PRO D 257 -1.10 25.08 16.34
CA PRO D 257 -2.46 24.67 16.71
C PRO D 257 -3.41 25.83 17.06
N LEU D 258 -2.87 26.90 17.62
CA LEU D 258 -3.72 28.03 17.96
C LEU D 258 -4.23 28.66 16.68
N ILE D 259 -3.30 29.09 15.85
CA ILE D 259 -3.64 29.71 14.58
C ILE D 259 -4.60 28.85 13.78
N SER D 260 -4.28 27.55 13.68
CA SER D 260 -5.12 26.61 12.94
C SER D 260 -6.53 26.66 13.51
N ALA D 261 -6.61 26.89 14.81
CA ALA D 261 -7.89 27.00 15.48
C ALA D 261 -8.62 28.23 14.95
N TRP D 262 -7.97 29.38 15.01
CA TRP D 262 -8.56 30.62 14.52
C TRP D 262 -9.02 30.54 13.10
N VAL D 263 -8.10 30.15 12.22
CA VAL D 263 -8.40 29.99 10.81
C VAL D 263 -9.69 29.19 10.69
N ASP D 264 -9.70 28.01 11.29
CA ASP D 264 -10.87 27.16 11.23
C ASP D 264 -12.11 27.86 11.75
N VAL D 265 -12.00 28.45 12.94
CA VAL D 265 -13.14 29.14 13.54
C VAL D 265 -13.80 30.05 12.54
N VAL D 266 -12.99 30.78 11.78
CA VAL D 266 -13.57 31.65 10.77
C VAL D 266 -14.26 30.78 9.76
N CYS D 267 -13.58 29.72 9.32
CA CYS D 267 -14.13 28.80 8.35
C CYS D 267 -15.53 28.29 8.69
N THR D 268 -15.79 27.98 9.96
CA THR D 268 -17.12 27.50 10.33
C THR D 268 -18.02 28.68 10.55
N SER D 269 -17.49 29.67 11.26
CA SER D 269 -18.25 30.88 11.60
C SER D 269 -19.00 31.50 10.43
N ILE D 270 -18.27 31.87 9.39
CA ILE D 270 -18.88 32.53 8.25
C ILE D 270 -20.12 31.81 7.74
N LEU D 271 -20.26 30.56 8.10
CA LEU D 271 -21.38 29.76 7.66
C LEU D 271 -22.70 30.09 8.38
N SER D 272 -22.62 30.90 9.43
CA SER D 272 -23.82 31.24 10.17
C SER D 272 -24.26 32.69 9.97
N LEU D 273 -23.44 33.48 9.31
CA LEU D 273 -23.76 34.88 9.09
C LEU D 273 -25.08 35.14 8.38
N PRO D 274 -25.80 36.19 8.82
CA PRO D 274 -27.07 36.54 8.19
C PRO D 274 -26.76 36.84 6.73
N GLU D 275 -27.56 36.32 5.82
CA GLU D 275 -27.27 36.55 4.42
C GLU D 275 -27.25 38.02 4.02
N GLU D 276 -26.15 38.40 3.39
CA GLU D 276 -25.96 39.77 2.94
C GLU D 276 -25.24 39.76 1.62
N PRO D 277 -25.99 39.90 0.52
CA PRO D 277 -25.46 39.91 -0.84
C PRO D 277 -24.34 40.93 -1.06
N LYS D 278 -24.21 41.89 -0.18
CA LYS D 278 -23.18 42.90 -0.36
C LYS D 278 -21.89 42.64 0.41
N ARG D 279 -21.83 41.51 1.10
CA ARG D 279 -20.65 41.19 1.89
C ARG D 279 -19.53 40.61 1.03
N ARG D 280 -18.29 41.06 1.27
CA ARG D 280 -17.12 40.56 0.53
C ARG D 280 -15.97 40.30 1.50
N LEU D 281 -15.73 39.03 1.85
CA LEU D 281 -14.67 38.69 2.81
C LEU D 281 -13.54 37.83 2.24
N TRP D 282 -12.31 38.23 2.53
CA TRP D 282 -11.14 37.52 2.05
C TRP D 282 -10.40 36.71 3.10
N LEU D 283 -10.01 35.50 2.72
CA LEU D 283 -9.25 34.70 3.65
C LEU D 283 -7.91 34.41 3.01
N PHE D 284 -6.89 35.03 3.57
CA PHE D 284 -5.54 34.85 3.11
C PHE D 284 -4.80 33.90 4.04
N ILE D 285 -4.56 32.69 3.57
CA ILE D 285 -3.82 31.69 4.34
C ILE D 285 -2.54 31.59 3.58
N ASP D 286 -1.59 32.47 3.90
CA ASP D 286 -0.34 32.47 3.19
C ASP D 286 0.15 31.08 2.74
N GLU D 287 0.22 30.13 3.67
CA GLU D 287 0.71 28.80 3.32
C GLU D 287 -0.13 27.73 3.92
N LEU D 288 -1.17 27.36 3.17
CA LEU D 288 -2.14 26.38 3.57
C LEU D 288 -1.59 25.15 4.25
N ALA D 289 -0.48 24.65 3.72
CA ALA D 289 0.12 23.44 4.24
C ALA D 289 0.76 23.60 5.61
N SER D 290 1.01 24.84 6.01
CA SER D 290 1.63 25.09 7.30
C SER D 290 0.69 25.01 8.49
N LEU D 291 -0.61 25.03 8.23
CA LEU D 291 -1.53 24.92 9.33
C LEU D 291 -1.80 23.45 9.64
N GLU D 292 -2.72 23.18 10.55
CA GLU D 292 -3.08 21.83 10.91
C GLU D 292 -4.10 21.36 9.91
N LYS D 293 -4.54 20.12 10.07
CA LYS D 293 -5.55 19.58 9.20
C LYS D 293 -6.85 20.25 9.66
N LEU D 294 -7.20 21.38 9.04
CA LEU D 294 -8.40 22.13 9.41
C LEU D 294 -9.68 21.34 9.27
N ALA D 295 -10.57 21.48 10.24
CA ALA D 295 -11.84 20.75 10.25
C ALA D 295 -13.00 21.37 9.47
N SER D 296 -12.91 22.65 9.12
CA SER D 296 -14.00 23.32 8.39
C SER D 296 -13.68 23.83 7.00
N LEU D 297 -12.40 24.09 6.78
CA LEU D 297 -11.91 24.63 5.52
C LEU D 297 -12.66 24.11 4.33
N ALA D 298 -12.83 22.80 4.27
CA ALA D 298 -13.51 22.15 3.16
C ALA D 298 -14.84 22.81 2.80
N ASP D 299 -15.80 22.68 3.70
CA ASP D 299 -17.13 23.21 3.54
C ASP D 299 -17.07 24.72 3.31
N ALA D 300 -16.08 25.36 3.92
CA ALA D 300 -15.91 26.80 3.76
C ALA D 300 -15.70 27.13 2.28
N LEU D 301 -14.86 26.33 1.63
CA LEU D 301 -14.54 26.50 0.20
C LEU D 301 -15.64 26.00 -0.71
N THR D 302 -16.78 25.63 -0.14
CA THR D 302 -17.87 25.07 -0.92
C THR D 302 -19.23 25.73 -0.70
N LYS D 303 -19.41 26.25 0.50
CA LYS D 303 -20.67 26.86 0.87
C LYS D 303 -20.57 28.34 1.27
N GLY D 304 -19.38 28.91 1.11
CA GLY D 304 -19.20 30.31 1.49
C GLY D 304 -19.45 31.35 0.41
N ARG D 305 -19.99 30.93 -0.72
CA ARG D 305 -20.27 31.88 -1.80
C ARG D 305 -21.35 32.82 -1.31
N LYS D 306 -22.34 32.26 -0.63
CA LYS D 306 -23.44 33.06 -0.10
C LYS D 306 -22.98 34.10 0.91
N ALA D 307 -22.02 33.74 1.74
CA ALA D 307 -21.50 34.66 2.73
C ALA D 307 -20.51 35.60 2.07
N GLY D 308 -20.04 35.21 0.90
CA GLY D 308 -19.10 36.05 0.17
C GLY D 308 -17.67 35.80 0.57
N LEU D 309 -17.35 34.55 0.89
CA LEU D 309 -16.01 34.20 1.30
C LEU D 309 -15.12 34.02 0.08
N ARG D 310 -13.92 34.57 0.14
CA ARG D 310 -12.94 34.48 -0.93
C ARG D 310 -11.63 34.00 -0.32
N VAL D 311 -11.30 32.74 -0.53
CA VAL D 311 -10.08 32.21 0.04
C VAL D 311 -8.92 32.26 -0.92
N VAL D 312 -7.76 32.64 -0.40
CA VAL D 312 -6.51 32.70 -1.15
C VAL D 312 -5.46 31.98 -0.34
N ALA D 313 -4.94 30.90 -0.91
CA ALA D 313 -3.94 30.10 -0.23
C ALA D 313 -2.70 29.99 -1.05
N GLY D 314 -1.60 29.64 -0.38
CA GLY D 314 -0.34 29.47 -1.05
C GLY D 314 0.15 28.06 -0.79
N LEU D 315 0.90 27.52 -1.75
CA LEU D 315 1.43 26.18 -1.63
C LEU D 315 2.76 26.12 -2.35
N GLN D 316 3.59 25.14 -2.00
CA GLN D 316 4.88 24.96 -2.65
C GLN D 316 4.89 23.60 -3.35
N SER D 317 5.08 22.55 -2.57
CA SER D 317 5.11 21.17 -3.09
C SER D 317 3.78 20.42 -2.87
N THR D 318 3.44 19.60 -3.85
CA THR D 318 2.22 18.81 -3.79
C THR D 318 2.26 17.91 -2.56
N SER D 319 3.44 17.39 -2.28
CA SER D 319 3.68 16.48 -1.18
C SER D 319 3.32 17.03 0.19
N GLN D 320 3.46 18.35 0.36
CA GLN D 320 3.15 19.00 1.63
C GLN D 320 1.71 18.76 2.05
N LEU D 321 0.80 19.45 1.37
CA LEU D 321 -0.61 19.34 1.65
C LEU D 321 -1.01 17.88 1.74
N ASP D 322 -0.42 17.07 0.88
CA ASP D 322 -0.70 15.66 0.86
C ASP D 322 -0.42 15.03 2.19
N ASP D 323 0.76 15.31 2.71
CA ASP D 323 1.20 14.76 3.99
C ASP D 323 0.28 15.22 5.15
N VAL D 324 -0.19 16.47 5.09
CA VAL D 324 -1.05 16.99 6.14
C VAL D 324 -2.50 16.49 6.10
N TYR D 325 -3.18 16.68 4.96
CA TYR D 325 -4.56 16.24 4.85
C TYR D 325 -4.75 14.82 4.32
N GLY D 326 -3.68 14.24 3.82
CA GLY D 326 -3.78 12.90 3.26
C GLY D 326 -4.01 13.11 1.77
N VAL D 327 -3.56 12.16 0.96
CA VAL D 327 -3.69 12.25 -0.50
C VAL D 327 -5.10 12.56 -1.03
N LYS D 328 -6.07 11.72 -0.64
CA LYS D 328 -7.46 11.87 -1.07
C LYS D 328 -8.07 13.21 -0.67
N GLU D 329 -7.86 13.57 0.58
CA GLU D 329 -8.39 14.80 1.13
C GLU D 329 -7.74 16.01 0.49
N ALA D 330 -6.44 15.92 0.25
CA ALA D 330 -5.70 17.02 -0.36
C ALA D 330 -6.17 17.27 -1.79
N GLN D 331 -6.48 16.19 -2.51
CA GLN D 331 -6.99 16.30 -3.89
C GLN D 331 -8.24 17.18 -3.85
N THR D 332 -9.21 16.73 -3.06
CA THR D 332 -10.48 17.41 -2.86
C THR D 332 -10.25 18.87 -2.49
N LEU D 333 -9.42 19.08 -1.49
CA LEU D 333 -9.13 20.40 -1.03
C LEU D 333 -8.63 21.34 -2.14
N ARG D 334 -7.54 20.98 -2.82
CA ARG D 334 -7.02 21.82 -3.91
C ARG D 334 -8.09 22.05 -4.96
N ALA D 335 -8.74 20.96 -5.35
CA ALA D 335 -9.78 20.99 -6.36
C ALA D 335 -10.83 22.06 -6.08
N SER D 336 -10.96 22.43 -4.82
CA SER D 336 -11.94 23.44 -4.41
C SER D 336 -11.56 24.88 -4.74
N PHE D 337 -10.33 25.11 -5.19
CA PHE D 337 -9.89 26.45 -5.63
C PHE D 337 -10.02 26.43 -7.15
N ARG D 338 -10.94 27.22 -7.67
CA ARG D 338 -11.18 27.24 -9.10
C ARG D 338 -10.16 28.06 -9.88
N SER D 339 -9.50 28.98 -9.22
CA SER D 339 -8.52 29.78 -9.91
C SER D 339 -7.12 29.50 -9.42
N LEU D 340 -6.21 29.38 -10.39
CA LEU D 340 -4.82 29.04 -10.10
C LEU D 340 -3.71 29.93 -10.65
N VAL D 341 -2.65 30.11 -9.85
CA VAL D 341 -1.52 30.89 -10.33
C VAL D 341 -0.31 30.01 -10.11
N VAL D 342 0.55 29.94 -11.13
CA VAL D 342 1.76 29.13 -11.03
C VAL D 342 2.98 30.00 -11.14
N LEU D 343 3.77 29.98 -10.07
CA LEU D 343 4.96 30.79 -9.97
C LEU D 343 6.26 30.15 -10.35
N GLY D 344 6.22 28.88 -10.71
CA GLY D 344 7.45 28.25 -11.12
C GLY D 344 8.33 27.86 -9.95
N GLY D 345 8.74 26.59 -9.97
CA GLY D 345 9.54 26.03 -8.89
C GLY D 345 10.95 25.55 -9.18
N SER D 346 11.41 24.60 -8.37
CA SER D 346 12.77 24.06 -8.50
C SER D 346 12.88 22.82 -9.36
N ARG D 347 14.07 22.63 -9.92
CA ARG D 347 14.36 21.47 -10.76
C ARG D 347 14.31 20.21 -9.91
N THR D 348 14.67 20.36 -8.65
CA THR D 348 14.73 19.24 -7.73
C THR D 348 13.37 18.62 -7.42
N ASP D 349 12.29 19.21 -7.94
CA ASP D 349 10.94 18.70 -7.70
C ASP D 349 10.16 18.47 -8.99
N PRO D 350 10.61 17.52 -9.82
CA PRO D 350 9.91 17.25 -11.09
C PRO D 350 8.45 16.81 -10.94
N LYS D 351 8.14 16.11 -9.86
CA LYS D 351 6.77 15.63 -9.64
C LYS D 351 5.73 16.76 -9.55
N THR D 352 6.02 17.76 -8.75
CA THR D 352 5.12 18.88 -8.62
C THR D 352 5.09 19.63 -9.94
N ASN D 353 6.26 19.78 -10.56
CA ASN D 353 6.32 20.47 -11.84
C ASN D 353 5.37 19.82 -12.84
N GLU D 354 5.32 18.50 -12.84
CA GLU D 354 4.45 17.75 -13.74
C GLU D 354 3.00 18.06 -13.40
N ASP D 355 2.71 18.04 -12.11
CA ASP D 355 1.37 18.31 -11.62
C ASP D 355 0.93 19.67 -12.13
N MET D 356 1.81 20.66 -12.02
CA MET D 356 1.46 22.00 -12.50
C MET D 356 1.22 21.98 -14.01
N SER D 357 2.19 21.43 -14.73
CA SER D 357 2.10 21.32 -16.17
C SER D 357 0.72 20.76 -16.56
N LEU D 358 0.39 19.64 -15.95
CA LEU D 358 -0.86 18.96 -16.20
C LEU D 358 -2.08 19.79 -15.83
N SER D 359 -2.00 20.49 -14.70
CA SER D 359 -3.11 21.32 -14.26
C SER D 359 -3.38 22.42 -15.25
N LEU D 360 -2.29 22.93 -15.84
CA LEU D 360 -2.37 24.01 -16.83
C LEU D 360 -3.08 23.48 -18.07
N GLY D 361 -2.82 22.21 -18.38
CA GLY D 361 -3.50 21.59 -19.50
C GLY D 361 -2.78 21.43 -20.81
N GLU D 362 -3.40 20.65 -21.68
CA GLU D 362 -2.88 20.41 -23.00
C GLU D 362 -3.86 21.06 -23.94
N HIS D 363 -3.51 21.08 -25.21
CA HIS D 363 -4.39 21.63 -26.22
C HIS D 363 -4.22 20.77 -27.45
N GLU D 364 -5.18 20.80 -28.35
CA GLU D 364 -5.08 20.04 -29.58
C GLU D 364 -5.01 21.10 -30.65
N VAL D 365 -3.96 21.02 -31.44
CA VAL D 365 -3.74 21.99 -32.47
C VAL D 365 -3.46 21.38 -33.84
N GLU D 366 -3.59 22.19 -34.88
CA GLU D 366 -3.34 21.77 -36.26
C GLU D 366 -2.13 22.56 -36.77
N ARG D 367 -1.10 21.88 -37.26
CA ARG D 367 0.08 22.58 -37.72
C ARG D 367 0.67 22.00 -38.99
N ASP D 368 1.56 22.76 -39.63
CA ASP D 368 2.21 22.36 -40.88
C ASP D 368 3.41 21.44 -40.74
N LEU D 384 -1.48 18.50 -43.54
CA LEU D 384 -1.47 19.02 -42.14
C LEU D 384 -1.39 17.90 -41.11
N GLU D 385 -0.80 18.23 -39.97
CA GLU D 385 -0.64 17.29 -38.86
C GLU D 385 -1.26 17.93 -37.63
N ARG D 386 -2.04 17.18 -36.85
CA ARG D 386 -2.58 17.79 -35.66
C ARG D 386 -1.99 17.08 -34.44
N VAL D 387 -1.72 17.87 -33.40
CA VAL D 387 -1.07 17.37 -32.22
C VAL D 387 -1.75 17.73 -30.92
N ARG D 388 -1.47 16.93 -29.91
CA ARG D 388 -2.01 17.16 -28.59
C ARG D 388 -0.76 17.36 -27.76
N GLU D 389 -0.67 18.49 -27.05
CA GLU D 389 0.49 18.78 -26.22
C GLU D 389 0.21 19.72 -25.07
N ARG D 390 1.08 19.65 -24.06
CA ARG D 390 0.96 20.49 -22.89
C ARG D 390 1.23 21.93 -23.29
N VAL D 391 0.37 22.83 -22.86
CA VAL D 391 0.53 24.25 -23.15
C VAL D 391 1.82 24.75 -22.49
N VAL D 392 2.06 24.30 -21.26
CA VAL D 392 3.28 24.68 -20.53
C VAL D 392 3.93 23.37 -20.11
N MET D 393 5.21 23.23 -20.45
CA MET D 393 5.97 22.03 -20.11
C MET D 393 6.44 22.17 -18.68
N PRO D 394 6.65 21.05 -17.99
CA PRO D 394 7.12 21.14 -16.61
C PRO D 394 8.42 21.92 -16.61
N ALA D 395 9.29 21.59 -17.57
CA ALA D 395 10.57 22.26 -17.67
C ALA D 395 10.38 23.76 -17.75
N GLU D 396 9.36 24.19 -18.49
CA GLU D 396 9.11 25.62 -18.63
C GLU D 396 8.88 26.21 -17.24
N ILE D 397 8.14 25.47 -16.42
CA ILE D 397 7.82 25.94 -15.09
C ILE D 397 9.07 26.02 -14.24
N ALA D 398 9.91 25.01 -14.38
CA ALA D 398 11.12 24.94 -13.59
C ALA D 398 12.14 26.02 -13.95
N ASN D 399 12.13 26.49 -15.19
CA ASN D 399 13.09 27.50 -15.59
C ASN D 399 12.53 28.91 -15.54
N LEU D 400 11.35 29.04 -14.96
CA LEU D 400 10.71 30.34 -14.83
C LEU D 400 11.60 31.27 -14.03
N PRO D 401 11.62 32.55 -14.40
CA PRO D 401 12.43 33.53 -13.67
C PRO D 401 11.50 34.03 -12.58
N ASP D 402 12.05 34.65 -11.55
CA ASP D 402 11.19 35.14 -10.47
C ASP D 402 10.25 36.24 -10.92
N LEU D 403 9.25 36.51 -10.09
CA LEU D 403 8.26 37.54 -10.37
C LEU D 403 7.68 37.32 -11.76
N THR D 404 7.41 36.06 -12.06
CA THR D 404 6.83 35.67 -13.33
C THR D 404 5.95 34.48 -13.02
N ALA D 405 4.69 34.55 -13.45
CA ALA D 405 3.72 33.46 -13.19
C ALA D 405 2.63 33.30 -14.25
N TYR D 406 2.04 32.11 -14.29
CA TYR D 406 0.96 31.83 -15.20
C TYR D 406 -0.34 32.04 -14.46
N VAL D 407 -1.26 32.74 -15.09
CA VAL D 407 -2.54 33.02 -14.48
C VAL D 407 -3.68 32.39 -15.25
N GLY D 408 -4.33 31.45 -14.58
CA GLY D 408 -5.42 30.76 -15.23
C GLY D 408 -6.64 30.87 -14.37
N PHE D 409 -7.37 31.95 -14.58
CA PHE D 409 -8.60 32.19 -13.82
C PHE D 409 -9.59 31.05 -14.03
N ALA D 410 -10.47 30.84 -13.06
CA ALA D 410 -11.46 29.78 -13.16
C ALA D 410 -12.32 29.92 -14.40
N GLY D 411 -13.06 28.87 -14.72
CA GLY D 411 -13.94 28.87 -15.88
C GLY D 411 -13.26 28.76 -17.23
N ASN D 412 -13.98 29.20 -18.27
CA ASN D 412 -13.48 29.18 -19.65
C ASN D 412 -12.70 30.46 -20.01
N ARG D 413 -11.41 30.48 -19.66
CA ARG D 413 -10.56 31.63 -19.96
C ARG D 413 -9.19 31.14 -20.37
N PRO D 414 -8.53 31.87 -21.27
CA PRO D 414 -7.20 31.41 -21.65
C PRO D 414 -6.25 31.78 -20.50
N ILE D 415 -5.09 31.17 -20.47
CA ILE D 415 -4.16 31.49 -19.42
C ILE D 415 -3.14 32.41 -20.05
N ALA D 416 -2.35 33.06 -19.21
CA ALA D 416 -1.33 33.98 -19.70
C ALA D 416 -0.14 34.01 -18.77
N LYS D 417 1.02 34.27 -19.35
CA LYS D 417 2.26 34.38 -18.61
C LYS D 417 2.48 35.89 -18.43
N VAL D 418 2.46 36.31 -17.16
CA VAL D 418 2.58 37.70 -16.81
C VAL D 418 3.73 37.99 -15.86
N PRO D 419 4.24 39.24 -15.87
CA PRO D 419 5.33 39.60 -14.97
C PRO D 419 4.73 40.25 -13.73
N LEU D 420 5.27 39.88 -12.57
CA LEU D 420 4.81 40.43 -11.31
C LEU D 420 5.74 41.59 -11.01
N GLU D 421 5.18 42.77 -10.74
CA GLU D 421 6.02 43.91 -10.44
C GLU D 421 6.03 44.21 -8.95
N ILE D 422 7.21 44.59 -8.46
CA ILE D 422 7.39 44.87 -7.04
C ILE D 422 6.94 46.29 -6.70
N LYS D 423 5.65 46.45 -6.37
CA LYS D 423 5.17 47.77 -6.00
C LYS D 423 5.64 48.00 -4.57
N GLN D 424 5.96 49.25 -4.22
CA GLN D 424 6.43 49.59 -2.88
C GLN D 424 5.36 50.14 -1.96
N PHE D 425 5.34 49.68 -0.71
CA PHE D 425 4.36 50.13 0.28
C PHE D 425 5.04 50.63 1.52
N ALA D 426 4.60 51.81 1.99
CA ALA D 426 5.16 52.43 3.19
C ALA D 426 4.58 51.83 4.46
N ASN D 427 5.43 51.64 5.47
CA ASN D 427 5.02 51.05 6.75
C ASN D 427 4.18 51.95 7.62
N ARG D 428 2.86 51.78 7.60
CA ARG D 428 2.03 52.64 8.40
C ARG D 428 1.66 52.05 9.75
N GLN D 429 2.59 51.28 10.33
CA GLN D 429 2.42 50.64 11.64
C GLN D 429 3.52 49.64 11.92
N PRO D 430 3.89 49.49 13.20
CA PRO D 430 4.92 48.55 13.61
C PRO D 430 4.43 47.11 13.47
N ALA D 431 5.29 46.25 12.94
CA ALA D 431 4.94 44.85 12.73
C ALA D 431 4.70 44.12 14.04
N PHE D 432 5.56 44.36 15.02
CA PHE D 432 5.42 43.71 16.30
C PHE D 432 5.58 44.76 17.39
N VAL D 433 4.90 44.57 18.50
CA VAL D 433 4.98 45.52 19.59
C VAL D 433 5.06 44.81 20.92
N GLU D 434 6.08 45.15 21.70
CA GLU D 434 6.31 44.56 23.01
C GLU D 434 6.71 43.10 22.86
N GLY E 7 26.54 20.22 -30.33
CA GLY E 7 27.77 20.91 -29.81
C GLY E 7 28.16 20.43 -28.43
N GLU E 8 27.42 20.89 -27.41
CA GLU E 8 27.64 20.49 -26.02
C GLU E 8 26.46 19.60 -25.68
N PHE E 9 25.48 19.56 -26.59
CA PHE E 9 24.30 18.73 -26.42
C PHE E 9 24.62 17.29 -26.84
N GLY E 10 24.45 16.35 -25.90
CA GLY E 10 24.74 14.95 -26.14
C GLY E 10 24.04 14.32 -27.33
N GLY E 11 22.75 14.61 -27.49
CA GLY E 11 21.99 14.06 -28.59
C GLY E 11 22.36 14.68 -29.93
N ALA E 12 21.52 14.46 -30.93
CA ALA E 12 21.76 14.98 -32.27
C ALA E 12 21.59 16.49 -32.35
N PRO E 13 22.52 17.19 -33.03
CA PRO E 13 22.46 18.65 -33.19
C PRO E 13 21.11 18.99 -33.78
N PHE E 14 20.60 20.18 -33.48
CA PHE E 14 19.30 20.57 -34.01
C PHE E 14 19.32 21.96 -34.64
N LYS E 15 18.28 22.26 -35.41
CA LYS E 15 18.19 23.53 -36.10
C LYS E 15 17.59 24.67 -35.29
N ARG E 16 16.80 24.34 -34.27
CA ARG E 16 16.18 25.40 -33.48
C ARG E 16 15.59 24.95 -32.15
N PHE E 17 15.86 25.72 -31.10
CA PHE E 17 15.37 25.44 -29.77
C PHE E 17 14.02 26.12 -29.59
N LEU E 18 13.05 25.36 -29.10
CA LEU E 18 11.70 25.89 -28.87
C LEU E 18 11.40 26.27 -27.43
N ARG E 19 11.49 25.29 -26.53
CA ARG E 19 11.23 25.50 -25.10
C ARG E 19 11.79 24.39 -24.20
N GLY E 20 11.96 24.70 -22.92
CA GLY E 20 12.48 23.73 -21.98
C GLY E 20 13.87 24.02 -21.44
N THR E 21 14.50 22.99 -20.89
CA THR E 21 15.84 23.15 -20.35
C THR E 21 16.85 23.32 -21.46
N ARG E 22 17.73 24.30 -21.31
CA ARG E 22 18.75 24.56 -22.31
C ARG E 22 20.12 24.30 -21.71
N ILE E 23 20.93 23.52 -22.40
CA ILE E 23 22.25 23.22 -21.91
C ILE E 23 23.25 24.07 -22.69
N VAL E 24 24.36 24.38 -22.06
CA VAL E 24 25.40 25.16 -22.70
C VAL E 24 26.78 24.64 -22.26
N SER E 25 27.83 25.19 -22.88
CA SER E 25 29.20 24.78 -22.59
C SER E 25 29.64 25.35 -21.25
N GLY E 26 30.56 24.63 -20.62
CA GLY E 26 31.09 25.08 -19.33
C GLY E 26 31.45 26.54 -19.36
N GLY E 27 32.38 26.90 -20.24
CA GLY E 27 32.82 28.28 -20.34
C GLY E 27 31.69 29.27 -20.54
N LYS E 28 30.82 28.98 -21.50
CA LYS E 28 29.69 29.86 -21.78
C LYS E 28 28.92 30.16 -20.49
N LEU E 29 28.64 29.12 -19.73
CA LEU E 29 27.92 29.28 -18.46
C LEU E 29 28.73 30.14 -17.53
N LYS E 30 29.99 29.73 -17.31
CA LYS E 30 30.92 30.45 -16.44
C LYS E 30 30.86 31.95 -16.70
N ARG E 31 30.66 32.33 -17.96
CA ARG E 31 30.58 33.73 -18.31
C ARG E 31 29.24 34.30 -17.86
N MET E 32 28.16 33.67 -18.32
CA MET E 32 26.83 34.12 -17.96
C MET E 32 26.63 34.34 -16.48
N THR E 33 27.04 33.35 -15.68
CA THR E 33 26.89 33.40 -14.23
C THR E 33 27.75 34.42 -13.52
N ARG E 34 28.87 34.80 -14.13
CA ARG E 34 29.78 35.77 -13.52
C ARG E 34 29.11 37.09 -13.19
N GLU E 35 29.33 37.56 -11.96
CA GLU E 35 28.74 38.80 -11.48
C GLU E 35 29.80 39.79 -11.00
N LYS E 36 29.33 40.99 -10.68
CA LYS E 36 30.19 42.07 -10.18
C LYS E 36 30.91 41.69 -8.91
N ALA E 37 30.12 41.60 -7.82
CA ALA E 37 30.63 41.28 -6.49
C ALA E 37 31.40 39.98 -6.42
N LYS E 38 31.88 39.68 -5.21
CA LYS E 38 32.63 38.47 -4.98
C LYS E 38 31.62 37.33 -4.86
N GLN E 39 31.83 36.28 -5.66
CA GLN E 39 30.94 35.11 -5.66
C GLN E 39 31.73 33.88 -5.26
N VAL E 40 31.04 32.77 -5.10
CA VAL E 40 31.74 31.54 -4.76
C VAL E 40 31.69 30.64 -5.99
N THR E 41 32.35 29.49 -5.94
CA THR E 41 32.30 28.63 -7.10
C THR E 41 31.90 27.20 -6.86
N VAL E 42 31.07 26.74 -7.78
CA VAL E 42 30.58 25.39 -7.76
C VAL E 42 31.29 24.78 -8.96
N ALA E 43 32.17 23.82 -8.69
CA ALA E 43 32.93 23.16 -9.74
C ALA E 43 33.48 24.17 -10.75
N GLY E 44 34.04 25.25 -10.25
CA GLY E 44 34.62 26.23 -11.14
C GLY E 44 33.65 27.27 -11.63
N VAL E 45 32.35 26.98 -11.58
CA VAL E 45 31.40 27.98 -12.03
C VAL E 45 31.03 28.91 -10.89
N PRO E 46 31.16 30.23 -11.11
CA PRO E 46 30.82 31.20 -10.08
C PRO E 46 29.31 31.16 -9.88
N MET E 47 28.91 31.02 -8.63
CA MET E 47 27.49 30.95 -8.32
C MET E 47 26.79 32.28 -8.21
N PRO E 48 25.66 32.42 -8.92
CA PRO E 48 24.81 33.63 -8.93
C PRO E 48 24.51 33.92 -7.48
N ARG E 49 24.92 35.09 -7.01
CA ARG E 49 24.69 35.42 -5.61
C ARG E 49 23.28 35.16 -5.12
N ASP E 50 22.28 35.43 -5.95
CA ASP E 50 20.91 35.22 -5.53
C ASP E 50 20.53 33.73 -5.41
N ALA E 51 21.39 32.85 -5.89
CA ALA E 51 21.10 31.42 -5.82
C ALA E 51 21.64 30.83 -4.53
N GLU E 52 22.41 31.62 -3.80
CA GLU E 52 23.03 31.16 -2.58
C GLU E 52 22.06 30.79 -1.46
N PRO E 53 21.16 31.70 -1.08
CA PRO E 53 20.22 31.35 -0.01
C PRO E 53 19.11 30.39 -0.49
N ARG E 54 19.22 29.94 -1.75
CA ARG E 54 18.26 29.01 -2.34
C ARG E 54 18.73 27.58 -2.15
N HIS E 55 19.89 27.46 -1.51
CA HIS E 55 20.44 26.16 -1.20
C HIS E 55 20.91 25.36 -2.38
N LEU E 56 21.86 24.48 -2.09
CA LEU E 56 22.42 23.66 -3.12
C LEU E 56 22.44 22.19 -2.80
N LEU E 57 21.87 21.43 -3.70
CA LEU E 57 21.83 20.00 -3.52
C LEU E 57 22.82 19.36 -4.45
N VAL E 58 23.75 18.62 -3.89
CA VAL E 58 24.76 17.94 -4.68
C VAL E 58 24.55 16.46 -4.57
N ASN E 59 24.11 15.87 -5.68
CA ASN E 59 23.87 14.46 -5.71
C ASN E 59 24.93 13.80 -6.55
N GLY E 60 25.41 12.66 -6.09
CA GLY E 60 26.42 11.91 -6.82
C GLY E 60 26.78 10.62 -6.11
N ALA E 61 27.28 9.66 -6.88
CA ALA E 61 27.66 8.38 -6.29
C ALA E 61 28.94 8.57 -5.47
N THR E 62 29.35 7.50 -4.81
CA THR E 62 30.53 7.55 -3.97
C THR E 62 31.84 7.69 -4.76
N GLY E 63 32.64 8.67 -4.36
CA GLY E 63 33.94 8.89 -4.99
C GLY E 63 33.89 9.67 -6.28
N THR E 64 32.75 10.29 -6.56
CA THR E 64 32.61 11.06 -7.80
C THR E 64 33.15 12.48 -7.69
N GLY E 65 33.47 12.93 -6.47
CA GLY E 65 34.01 14.27 -6.30
C GLY E 65 33.19 15.16 -5.38
N LYS E 66 32.25 14.56 -4.65
CA LYS E 66 31.41 15.32 -3.73
C LYS E 66 32.31 16.19 -2.87
N SER E 67 33.33 15.55 -2.29
CA SER E 67 34.30 16.23 -1.42
C SER E 67 34.92 17.43 -2.13
N VAL E 68 35.70 17.13 -3.16
CA VAL E 68 36.38 18.16 -3.93
C VAL E 68 35.50 19.38 -4.17
N LEU E 69 34.22 19.15 -4.37
CA LEU E 69 33.31 20.26 -4.63
C LEU E 69 33.00 21.07 -3.39
N LEU E 70 32.46 20.40 -2.37
CA LEU E 70 32.11 21.11 -1.15
C LEU E 70 33.35 21.78 -0.61
N ARG E 71 34.48 21.12 -0.81
CA ARG E 71 35.76 21.65 -0.37
C ARG E 71 36.00 22.98 -1.08
N GLU E 72 35.94 22.94 -2.40
CA GLU E 72 36.12 24.13 -3.21
C GLU E 72 35.14 25.20 -2.80
N LEU E 73 33.87 24.83 -2.78
CA LEU E 73 32.80 25.73 -2.42
C LEU E 73 33.17 26.44 -1.13
N ALA E 74 33.48 25.63 -0.11
CA ALA E 74 33.84 26.13 1.21
C ALA E 74 34.98 27.15 1.18
N TYR E 75 36.08 26.76 0.52
CA TYR E 75 37.26 27.60 0.40
C TYR E 75 37.00 29.02 -0.13
N THR E 76 36.36 29.10 -1.28
CA THR E 76 36.03 30.37 -1.92
C THR E 76 35.11 31.19 -1.02
N GLY E 77 34.30 30.49 -0.23
CA GLY E 77 33.37 31.15 0.68
C GLY E 77 34.11 31.82 1.79
N LEU E 78 35.12 31.13 2.31
CA LEU E 78 35.93 31.67 3.40
C LEU E 78 36.72 32.87 2.91
N LEU E 79 37.24 32.75 1.68
CA LEU E 79 38.02 33.82 1.08
C LEU E 79 37.14 35.07 1.00
N ARG E 80 35.83 34.86 0.99
CA ARG E 80 34.91 35.98 0.92
C ARG E 80 34.60 36.44 2.34
N GLY E 81 35.03 35.64 3.30
CA GLY E 81 34.79 35.98 4.68
C GLY E 81 33.42 35.59 5.18
N ASP E 82 32.84 34.55 4.61
CA ASP E 82 31.52 34.11 5.05
C ASP E 82 31.71 33.16 6.23
N ARG E 83 30.72 33.07 7.11
CA ARG E 83 30.79 32.17 8.26
C ARG E 83 30.11 30.87 7.89
N MET E 84 30.37 29.82 8.66
CA MET E 84 29.76 28.55 8.31
C MET E 84 29.83 27.46 9.36
N VAL E 85 29.01 26.44 9.15
CA VAL E 85 28.95 25.29 10.03
C VAL E 85 29.16 24.11 9.12
N ILE E 86 29.97 23.16 9.56
CA ILE E 86 30.25 22.01 8.72
C ILE E 86 30.15 20.66 9.37
N VAL E 87 29.16 19.88 8.93
CA VAL E 87 29.01 18.54 9.43
C VAL E 87 30.22 17.93 8.72
N ASP E 88 31.35 17.94 9.41
CA ASP E 88 32.58 17.45 8.84
C ASP E 88 33.03 16.09 9.36
N PRO E 89 32.87 15.06 8.53
CA PRO E 89 33.29 13.72 8.96
C PRO E 89 34.81 13.68 9.05
N ASN E 90 35.31 13.01 10.08
CA ASN E 90 36.75 12.86 10.32
C ASN E 90 37.58 14.13 10.21
N GLY E 91 37.04 15.23 10.73
CA GLY E 91 37.72 16.52 10.73
C GLY E 91 38.48 16.90 9.47
N ASP E 92 38.05 16.36 8.32
CA ASP E 92 38.69 16.66 7.05
C ASP E 92 38.74 18.17 6.82
N MET E 93 37.57 18.78 6.66
CA MET E 93 37.49 20.22 6.41
C MET E 93 38.28 21.01 7.44
N LEU E 94 38.22 20.54 8.69
CA LEU E 94 38.92 21.21 9.77
C LEU E 94 40.42 21.28 9.54
N SER E 95 41.04 20.13 9.38
CA SER E 95 42.48 20.04 9.17
C SER E 95 42.98 20.92 8.03
N LYS E 96 42.07 21.38 7.19
CA LYS E 96 42.45 22.19 6.04
C LYS E 96 42.14 23.67 6.18
N PHE E 97 40.98 23.99 6.74
CA PHE E 97 40.57 25.38 6.85
C PHE E 97 40.45 25.87 8.30
N GLY E 98 40.53 24.95 9.24
CA GLY E 98 40.41 25.33 10.63
C GLY E 98 41.38 26.39 11.10
N ARG E 99 40.85 27.44 11.73
CA ARG E 99 41.70 28.49 12.25
C ARG E 99 41.64 28.44 13.75
N ASP E 100 42.44 29.27 14.39
CA ASP E 100 42.52 29.30 15.84
C ASP E 100 41.25 29.75 16.51
N LYS E 101 40.56 30.69 15.89
CA LYS E 101 39.32 31.23 16.42
C LYS E 101 38.06 30.38 16.14
N ASP E 102 38.21 29.30 15.39
CA ASP E 102 37.05 28.46 15.07
C ASP E 102 36.70 27.44 16.16
N ILE E 103 35.42 27.06 16.20
CA ILE E 103 34.91 26.13 17.20
C ILE E 103 34.88 24.68 16.76
N ILE E 104 34.85 23.77 17.74
CA ILE E 104 34.79 22.35 17.46
C ILE E 104 33.86 21.62 18.41
N LEU E 105 33.04 20.77 17.83
CA LEU E 105 32.14 19.98 18.65
C LEU E 105 32.38 18.51 18.35
N ASN E 106 33.00 17.84 19.31
CA ASN E 106 33.33 16.43 19.22
C ASN E 106 33.59 16.00 20.66
N PRO E 107 32.67 15.22 21.24
CA PRO E 107 32.84 14.77 22.63
C PRO E 107 34.14 14.01 22.89
N TYR E 108 34.78 13.48 21.85
CA TYR E 108 36.02 12.75 22.03
C TYR E 108 37.28 13.46 21.55
N ASP E 109 37.17 14.77 21.34
CA ASP E 109 38.30 15.56 20.90
C ASP E 109 38.72 16.54 21.99
N GLN E 110 40.01 16.56 22.27
CA GLN E 110 40.63 17.42 23.28
C GLN E 110 40.23 18.89 23.13
N ARG E 111 40.03 19.32 21.90
CA ARG E 111 39.69 20.70 21.59
C ARG E 111 38.19 21.03 21.62
N THR E 112 37.35 20.01 21.78
CA THR E 112 35.91 20.23 21.77
C THR E 112 35.51 21.24 22.84
N LYS E 113 34.32 21.79 22.69
CA LYS E 113 33.80 22.75 23.66
C LYS E 113 32.89 22.00 24.64
N GLY E 114 32.49 22.68 25.71
CA GLY E 114 31.62 22.07 26.69
C GLY E 114 30.22 22.50 26.36
N TRP E 115 29.34 21.53 26.11
CA TRP E 115 27.98 21.87 25.74
C TRP E 115 26.90 20.97 26.32
N SER E 116 25.74 21.59 26.57
CA SER E 116 24.54 20.95 27.09
C SER E 116 23.42 21.67 26.36
N PHE E 117 22.33 20.98 26.06
CA PHE E 117 21.25 21.66 25.37
C PHE E 117 20.70 22.77 26.26
N PHE E 118 20.87 22.62 27.57
CA PHE E 118 20.40 23.64 28.50
C PHE E 118 20.94 24.98 28.00
N ASN E 119 22.20 24.98 27.57
CA ASN E 119 22.88 26.18 27.10
C ASN E 119 22.14 26.96 26.03
N GLU E 120 21.03 26.43 25.51
CA GLU E 120 20.29 27.11 24.46
C GLU E 120 18.89 27.56 24.88
N ILE E 121 18.49 27.21 26.10
CA ILE E 121 17.18 27.60 26.59
C ILE E 121 17.18 29.04 27.03
N ARG E 122 16.32 29.87 26.43
CA ARG E 122 16.26 31.27 26.82
C ARG E 122 14.86 31.70 27.22
N ASN E 123 13.85 31.03 26.68
CA ASN E 123 12.45 31.34 26.99
C ASN E 123 11.73 30.04 27.21
N ASP E 124 10.46 30.10 27.59
CA ASP E 124 9.76 28.88 27.85
C ASP E 124 9.50 28.03 26.62
N TYR E 125 9.08 28.64 25.53
CA TYR E 125 8.81 27.85 24.34
C TYR E 125 10.07 27.10 23.90
N ASP E 126 11.22 27.59 24.35
CA ASP E 126 12.53 27.02 24.02
C ASP E 126 12.73 25.58 24.47
N TRP E 127 11.98 25.18 25.51
CA TRP E 127 12.10 23.83 26.03
C TRP E 127 11.67 22.78 25.00
N GLN E 128 10.45 22.88 24.50
CA GLN E 128 9.98 21.92 23.49
C GLN E 128 10.81 22.10 22.23
N ARG E 129 11.03 23.36 21.88
CA ARG E 129 11.79 23.72 20.71
C ARG E 129 13.01 22.84 20.54
N TYR E 130 13.75 22.67 21.62
CA TYR E 130 14.96 21.89 21.54
C TYR E 130 14.82 20.39 21.83
N ALA E 131 13.77 20.00 22.56
CA ALA E 131 13.56 18.58 22.83
C ALA E 131 13.37 17.95 21.44
N LEU E 132 12.99 18.79 20.49
CA LEU E 132 12.79 18.40 19.11
C LEU E 132 14.12 18.14 18.47
N SER E 133 15.10 18.97 18.82
CA SER E 133 16.43 18.81 18.28
C SER E 133 17.05 17.54 18.89
N VAL E 134 16.91 17.43 20.20
CA VAL E 134 17.47 16.29 20.93
C VAL E 134 16.77 15.00 20.55
N VAL E 135 15.46 15.06 20.42
CA VAL E 135 14.66 13.90 20.06
C VAL E 135 14.17 14.07 18.63
N PRO E 136 14.98 13.65 17.64
CA PRO E 136 14.56 13.78 16.24
C PRO E 136 13.20 13.12 16.01
N ARG E 137 12.64 13.29 14.81
CA ARG E 137 11.35 12.71 14.47
C ARG E 137 11.46 11.22 14.25
N GLY E 138 10.44 10.49 14.69
CA GLY E 138 10.42 9.06 14.53
C GLY E 138 10.21 8.62 13.09
N LYS E 139 10.89 7.55 12.69
CA LYS E 139 10.81 7.04 11.31
C LYS E 139 9.38 6.65 10.94
N THR E 140 8.69 5.94 11.83
CA THR E 140 7.33 5.54 11.55
C THR E 140 6.40 6.36 12.40
N ASP E 141 5.11 6.26 12.10
CA ASP E 141 4.11 6.98 12.84
C ASP E 141 4.15 6.52 14.29
N GLU E 142 4.18 5.21 14.48
CA GLU E 142 4.23 4.63 15.82
C GLU E 142 5.49 5.10 16.55
N ALA E 143 6.62 5.08 15.85
CA ALA E 143 7.90 5.50 16.40
C ALA E 143 7.84 6.94 16.92
N GLU E 144 7.28 7.82 16.09
CA GLU E 144 7.15 9.21 16.45
C GLU E 144 6.22 9.34 17.64
N GLU E 145 5.27 8.43 17.76
CA GLU E 145 4.37 8.51 18.90
C GLU E 145 5.24 8.45 20.15
N TRP E 146 6.05 7.41 20.25
CA TRP E 146 6.94 7.25 21.38
C TRP E 146 7.76 8.52 21.50
N ALA E 147 8.41 8.88 20.40
CA ALA E 147 9.22 10.09 20.38
C ALA E 147 8.57 11.25 21.15
N SER E 148 7.29 11.51 20.91
CA SER E 148 6.61 12.61 21.57
C SER E 148 6.51 12.44 23.08
N TYR E 149 6.28 11.21 23.52
CA TYR E 149 6.20 10.95 24.95
C TYR E 149 7.56 11.31 25.50
N GLY E 150 8.60 10.80 24.84
CA GLY E 150 9.95 11.09 25.27
C GLY E 150 10.12 12.58 25.44
N ARG E 151 9.75 13.36 24.43
CA ARG E 151 9.91 14.81 24.50
C ARG E 151 9.18 15.42 25.69
N LEU E 152 8.02 14.88 26.01
CA LEU E 152 7.25 15.40 27.13
C LEU E 152 8.05 15.17 28.40
N LEU E 153 8.47 13.93 28.59
CA LEU E 153 9.27 13.57 29.75
C LEU E 153 10.51 14.45 29.80
N LEU E 154 11.23 14.48 28.69
CA LEU E 154 12.44 15.27 28.60
C LEU E 154 12.24 16.70 29.04
N ARG E 155 11.34 17.40 28.37
CA ARG E 155 11.10 18.81 28.65
C ARG E 155 10.57 19.12 30.05
N GLU E 156 9.70 18.26 30.58
CA GLU E 156 9.17 18.51 31.90
C GLU E 156 10.21 18.33 32.97
N THR E 157 11.05 17.31 32.79
CA THR E 157 12.11 16.98 33.73
C THR E 157 13.17 18.07 33.73
N ALA E 158 13.80 18.26 32.58
CA ALA E 158 14.84 19.25 32.43
C ALA E 158 14.39 20.62 32.94
N LYS E 159 13.13 20.93 32.74
CA LYS E 159 12.60 22.20 33.17
C LYS E 159 12.76 22.32 34.68
N LYS E 160 12.35 21.26 35.39
CA LYS E 160 12.43 21.25 36.84
C LYS E 160 13.85 21.31 37.35
N LEU E 161 14.67 20.38 36.89
CA LEU E 161 16.07 20.36 37.31
C LEU E 161 16.63 21.76 37.17
N ALA E 162 16.28 22.43 36.09
CA ALA E 162 16.73 23.77 35.86
C ALA E 162 16.17 24.67 36.96
N LEU E 163 14.88 24.52 37.20
CA LEU E 163 14.17 25.30 38.20
C LEU E 163 14.82 25.23 39.56
N ILE E 164 15.04 24.00 40.02
CA ILE E 164 15.64 23.73 41.32
C ILE E 164 17.14 23.93 41.30
N GLY E 165 17.61 24.66 40.29
CA GLY E 165 19.03 24.96 40.19
C GLY E 165 20.03 23.85 39.94
N THR E 166 19.62 22.73 39.37
CA THR E 166 20.58 21.66 39.10
C THR E 166 20.49 21.16 37.67
N PRO E 167 20.75 22.04 36.70
CA PRO E 167 20.69 21.68 35.28
C PRO E 167 21.75 20.64 34.91
N SER E 168 21.67 19.47 35.54
CA SER E 168 22.62 18.39 35.30
C SER E 168 22.15 17.34 34.30
N MET E 169 22.98 17.09 33.30
CA MET E 169 22.65 16.11 32.29
C MET E 169 22.75 14.73 32.92
N ARG E 170 23.64 14.59 33.89
CA ARG E 170 23.79 13.30 34.54
C ARG E 170 22.52 13.01 35.35
N GLU E 171 22.03 14.01 36.07
CA GLU E 171 20.82 13.81 36.87
C GLU E 171 19.65 13.53 35.96
N LEU E 172 19.52 14.35 34.92
CA LEU E 172 18.45 14.21 33.95
C LEU E 172 18.42 12.77 33.44
N PHE E 173 19.58 12.27 33.02
CA PHE E 173 19.68 10.93 32.50
C PHE E 173 19.25 9.93 33.55
N HIS E 174 19.65 10.19 34.79
CA HIS E 174 19.30 9.30 35.88
C HIS E 174 17.80 9.10 36.00
N TRP E 175 17.13 10.21 36.29
CA TRP E 175 15.69 10.20 36.45
C TRP E 175 14.93 9.54 35.32
N THR E 176 15.26 9.93 34.09
CA THR E 176 14.59 9.42 32.91
C THR E 176 14.83 7.97 32.49
N THR E 177 15.89 7.34 32.97
CA THR E 177 16.13 5.98 32.52
C THR E 177 16.62 5.06 33.63
N ILE E 178 16.98 5.65 34.76
CA ILE E 178 17.49 4.88 35.87
C ILE E 178 16.54 4.81 37.06
N ALA E 179 16.08 5.96 37.54
CA ALA E 179 15.17 6.00 38.69
C ALA E 179 14.05 4.99 38.49
N THR E 180 13.46 4.51 39.59
CA THR E 180 12.36 3.58 39.46
C THR E 180 11.16 4.33 38.97
N PHE E 181 10.15 3.59 38.56
CA PHE E 181 8.94 4.21 38.05
C PHE E 181 8.36 5.21 39.03
N ASP E 182 8.13 4.74 40.23
CA ASP E 182 7.56 5.56 41.27
C ASP E 182 8.39 6.80 41.54
N ASP E 183 9.66 6.62 41.85
CA ASP E 183 10.54 7.75 42.12
C ASP E 183 10.39 8.80 41.03
N LEU E 184 10.51 8.35 39.78
CA LEU E 184 10.39 9.23 38.65
C LEU E 184 9.01 9.87 38.80
N ARG E 185 8.00 9.01 38.93
CA ARG E 185 6.63 9.43 39.12
C ARG E 185 6.60 10.54 40.16
N GLY E 186 7.28 10.28 41.27
CA GLY E 186 7.33 11.25 42.33
C GLY E 186 7.93 12.55 41.82
N PHE E 187 9.17 12.47 41.35
CA PHE E 187 9.87 13.65 40.85
C PHE E 187 9.01 14.54 39.96
N LEU E 188 8.18 13.90 39.13
CA LEU E 188 7.32 14.61 38.20
C LEU E 188 6.15 15.37 38.81
N GLU E 189 5.80 15.05 40.05
CA GLU E 189 4.70 15.76 40.68
C GLU E 189 5.02 17.24 40.62
N GLY E 190 4.00 18.06 40.36
CA GLY E 190 4.22 19.49 40.29
C GLY E 190 4.46 19.98 38.87
N THR E 191 4.95 19.08 38.01
CA THR E 191 5.20 19.42 36.62
C THR E 191 3.98 19.02 35.82
N LEU E 192 3.81 19.63 34.66
CA LEU E 192 2.65 19.31 33.84
C LEU E 192 2.50 17.81 33.63
N ALA E 193 3.64 17.13 33.43
CA ALA E 193 3.68 15.68 33.19
C ALA E 193 3.23 14.85 34.38
N GLU E 194 2.99 15.51 35.51
CA GLU E 194 2.58 14.80 36.70
C GLU E 194 1.47 13.82 36.43
N SER E 195 0.31 14.32 36.03
CA SER E 195 -0.85 13.49 35.76
C SER E 195 -0.76 12.67 34.48
N LEU E 196 -0.46 13.34 33.39
CA LEU E 196 -0.36 12.69 32.09
C LEU E 196 0.19 11.25 32.09
N PHE E 197 1.25 11.02 32.86
CA PHE E 197 1.85 9.70 32.89
C PHE E 197 1.34 8.71 33.92
N ALA E 198 0.12 8.93 34.40
CA ALA E 198 -0.42 8.03 35.39
C ALA E 198 -1.93 7.98 35.25
N GLY E 199 -2.53 6.87 35.72
CA GLY E 199 -3.98 6.74 35.67
C GLY E 199 -4.57 5.53 34.94
N SER E 200 -3.75 4.85 34.16
CA SER E 200 -4.21 3.70 33.40
C SER E 200 -2.99 2.99 32.89
N ASN E 201 -3.20 1.82 32.28
CA ASN E 201 -2.09 1.06 31.75
C ASN E 201 -1.52 1.83 30.56
N GLU E 202 -2.42 2.46 29.79
CA GLU E 202 -2.03 3.23 28.63
C GLU E 202 -1.03 4.31 29.08
N ALA E 203 -1.36 4.98 30.18
CA ALA E 203 -0.47 6.01 30.73
C ALA E 203 0.93 5.45 31.05
N SER E 204 0.98 4.29 31.73
CA SER E 204 2.25 3.64 32.10
C SER E 204 3.02 3.20 30.88
N LYS E 205 2.29 2.70 29.89
CA LYS E 205 2.90 2.26 28.64
C LYS E 205 3.60 3.45 27.98
N ALA E 206 2.92 4.61 28.00
CA ALA E 206 3.47 5.83 27.41
C ALA E 206 4.77 6.20 28.08
N LEU E 207 4.79 6.11 29.40
CA LEU E 207 5.96 6.42 30.18
C LEU E 207 7.10 5.44 29.83
N THR E 208 6.79 4.15 29.83
CA THR E 208 7.79 3.15 29.52
C THR E 208 8.44 3.50 28.19
N SER E 209 7.64 3.91 27.21
CA SER E 209 8.14 4.26 25.90
C SER E 209 9.06 5.47 25.93
N ALA E 210 8.62 6.51 26.64
CA ALA E 210 9.41 7.72 26.75
C ALA E 210 10.81 7.37 27.30
N ARG E 211 10.84 6.49 28.30
CA ARG E 211 12.08 6.03 28.94
C ARG E 211 13.05 5.49 27.91
N PHE E 212 12.59 4.47 27.19
CA PHE E 212 13.37 3.83 26.17
C PHE E 212 13.93 4.81 25.16
N VAL E 213 13.10 5.71 24.66
CA VAL E 213 13.56 6.67 23.67
C VAL E 213 14.76 7.42 24.22
N LEU E 214 14.53 8.09 25.35
CA LEU E 214 15.57 8.86 25.98
C LEU E 214 16.84 8.06 26.16
N SER E 215 16.69 6.83 26.61
CA SER E 215 17.83 5.96 26.85
C SER E 215 18.57 5.69 25.56
N ASP E 216 17.91 5.94 24.44
CA ASP E 216 18.52 5.75 23.14
C ASP E 216 19.23 7.00 22.66
N LYS E 217 18.65 8.16 22.94
CA LYS E 217 19.24 9.43 22.49
C LYS E 217 20.23 10.06 23.45
N LEU E 218 19.83 10.19 24.70
CA LEU E 218 20.64 10.81 25.74
C LEU E 218 22.10 10.40 25.93
N PRO E 219 22.39 9.08 25.96
CA PRO E 219 23.74 8.57 26.15
C PRO E 219 24.87 9.57 25.88
N GLU E 220 25.10 9.85 24.60
CA GLU E 220 26.15 10.78 24.18
C GLU E 220 26.08 12.15 24.80
N HIS E 221 24.87 12.65 24.94
CA HIS E 221 24.61 13.95 25.53
C HIS E 221 25.17 14.05 26.94
N VAL E 222 25.16 12.92 27.64
CA VAL E 222 25.68 12.83 29.01
C VAL E 222 27.19 12.86 28.97
N THR E 223 27.73 11.79 28.39
CA THR E 223 29.16 11.57 28.22
C THR E 223 29.85 12.73 27.50
N MET E 224 29.10 13.80 27.26
CA MET E 224 29.65 14.94 26.57
C MET E 224 30.26 15.95 27.54
N PRO E 225 31.51 16.37 27.27
CA PRO E 225 32.29 17.34 28.06
C PRO E 225 31.43 18.57 28.38
N ASP E 226 31.29 18.90 29.65
CA ASP E 226 30.46 20.03 30.00
C ASP E 226 31.12 21.38 29.75
N GLY E 227 30.30 22.40 29.52
CA GLY E 227 30.81 23.73 29.26
C GLY E 227 29.68 24.72 29.31
N ASP E 228 29.91 25.91 28.77
CA ASP E 228 28.89 26.95 28.76
C ASP E 228 28.56 27.35 27.33
N PHE E 229 29.24 26.73 26.38
CA PHE E 229 29.02 27.06 24.98
C PHE E 229 27.57 27.00 24.50
N SER E 230 27.19 28.00 23.73
CA SER E 230 25.84 28.06 23.20
C SER E 230 25.85 28.36 21.72
N ILE E 231 25.40 27.39 20.94
CA ILE E 231 25.33 27.51 19.50
C ILE E 231 24.57 28.77 19.15
N ARG E 232 23.53 29.08 19.92
CA ARG E 232 22.73 30.29 19.65
C ARG E 232 23.60 31.53 19.74
N SER E 233 24.24 31.70 20.89
CA SER E 233 25.09 32.83 21.13
C SER E 233 26.15 32.91 20.05
N TRP E 234 26.72 31.77 19.69
CA TRP E 234 27.77 31.72 18.67
C TRP E 234 27.30 32.39 17.40
N LEU E 235 26.09 32.03 16.98
CA LEU E 235 25.51 32.57 15.77
C LEU E 235 25.43 34.08 15.83
N GLU E 236 25.01 34.59 16.98
CA GLU E 236 24.86 36.02 17.18
C GLU E 236 26.18 36.76 17.23
N ASP E 237 27.24 36.09 17.68
CA ASP E 237 28.55 36.71 17.74
C ASP E 237 29.24 36.72 16.37
N PRO E 238 29.42 37.93 15.76
CA PRO E 238 30.06 38.10 14.45
C PRO E 238 31.47 37.51 14.35
N ASN E 239 32.35 37.91 15.25
CA ASN E 239 33.72 37.41 15.24
C ASN E 239 33.74 35.97 15.75
N GLY E 240 32.56 35.41 15.97
CA GLY E 240 32.44 34.05 16.46
C GLY E 240 33.31 33.03 15.75
N GLY E 241 33.50 33.21 14.44
CA GLY E 241 34.31 32.26 13.69
C GLY E 241 33.46 31.19 13.01
N ASN E 242 34.04 30.01 12.84
CA ASN E 242 33.33 28.92 12.19
C ASN E 242 33.20 27.69 13.08
N LEU E 243 32.17 26.89 12.81
CA LEU E 243 31.92 25.72 13.63
C LEU E 243 32.15 24.46 12.86
N PHE E 244 32.88 23.54 13.46
CA PHE E 244 33.15 22.25 12.84
C PHE E 244 32.63 21.13 13.69
N ILE E 245 31.67 20.39 13.16
CA ILE E 245 31.13 19.26 13.89
C ILE E 245 31.86 18.11 13.27
N THR E 246 32.73 17.49 14.05
CA THR E 246 33.55 16.40 13.57
C THR E 246 33.42 15.16 14.42
N TRP E 247 33.78 14.01 13.85
CA TRP E 247 33.70 12.74 14.56
C TRP E 247 34.48 11.70 13.79
N ARG E 248 34.82 10.61 14.46
CA ARG E 248 35.54 9.55 13.82
C ARG E 248 34.53 8.58 13.22
N GLU E 249 34.75 8.27 11.95
CA GLU E 249 33.88 7.40 11.20
C GLU E 249 33.42 6.13 11.85
N ASP E 250 34.26 5.47 12.63
CA ASP E 250 33.80 4.24 13.27
C ASP E 250 32.81 4.50 14.42
N MET E 251 32.54 5.77 14.73
CA MET E 251 31.59 6.11 15.78
C MET E 251 30.38 6.86 15.28
N GLY E 252 30.28 6.98 13.95
CA GLY E 252 29.16 7.67 13.33
C GLY E 252 27.77 7.27 13.80
N PRO E 253 27.49 5.96 13.93
CA PRO E 253 26.18 5.47 14.38
C PRO E 253 25.89 5.88 15.82
N ALA E 254 26.92 5.82 16.65
CA ALA E 254 26.79 6.18 18.05
C ALA E 254 26.54 7.69 18.22
N LEU E 255 27.12 8.49 17.35
CA LEU E 255 26.98 9.93 17.45
C LEU E 255 25.84 10.52 16.60
N ARG E 256 25.31 9.69 15.71
CA ARG E 256 24.22 10.10 14.83
C ARG E 256 23.21 11.01 15.56
N PRO E 257 22.61 10.51 16.66
CA PRO E 257 21.65 11.34 17.38
C PRO E 257 22.17 12.71 17.87
N LEU E 258 23.38 12.73 18.43
CA LEU E 258 23.90 14.00 18.92
C LEU E 258 24.18 14.97 17.77
N ILE E 259 24.83 14.48 16.72
CA ILE E 259 25.13 15.34 15.58
C ILE E 259 23.83 15.92 15.01
N SER E 260 22.88 15.04 14.71
CA SER E 260 21.58 15.46 14.18
C SER E 260 21.04 16.57 15.07
N ALA E 261 21.21 16.35 16.37
CA ALA E 261 20.77 17.28 17.37
C ALA E 261 21.37 18.65 17.07
N TRP E 262 22.69 18.70 16.97
CA TRP E 262 23.37 19.95 16.68
C TRP E 262 22.87 20.55 15.39
N VAL E 263 22.97 19.78 14.32
CA VAL E 263 22.52 20.21 13.00
C VAL E 263 21.17 20.89 13.16
N ASP E 264 20.27 20.16 13.80
CA ASP E 264 18.94 20.66 14.02
C ASP E 264 18.94 21.96 14.83
N VAL E 265 19.66 21.96 15.95
CA VAL E 265 19.73 23.14 16.81
C VAL E 265 19.94 24.40 16.00
N VAL E 266 20.90 24.32 15.09
CA VAL E 266 21.26 25.42 14.21
C VAL E 266 20.04 25.82 13.39
N CYS E 267 19.42 24.81 12.80
CA CYS E 267 18.25 25.01 11.97
C CYS E 267 17.16 25.80 12.69
N THR E 268 16.90 25.52 13.96
CA THR E 268 15.87 26.25 14.67
C THR E 268 16.41 27.61 15.04
N SER E 269 17.56 27.60 15.68
CA SER E 269 18.21 28.80 16.17
C SER E 269 18.38 29.97 15.21
N ILE E 270 18.75 29.73 13.97
CA ILE E 270 18.95 30.83 13.04
C ILE E 270 17.66 31.64 12.87
N LEU E 271 16.54 30.98 13.13
CA LEU E 271 15.23 31.63 13.02
C LEU E 271 15.00 32.72 14.05
N SER E 272 15.86 32.79 15.05
CA SER E 272 15.70 33.79 16.09
C SER E 272 16.66 34.95 15.96
N LEU E 273 17.67 34.80 15.11
CA LEU E 273 18.67 35.85 14.90
C LEU E 273 18.10 37.19 14.52
N PRO E 274 18.67 38.27 15.05
CA PRO E 274 18.17 39.60 14.73
C PRO E 274 18.48 39.87 13.27
N GLU E 275 17.53 40.49 12.57
CA GLU E 275 17.71 40.79 11.15
C GLU E 275 18.98 41.54 10.85
N GLU E 276 19.84 40.89 10.11
CA GLU E 276 21.10 41.48 9.73
C GLU E 276 21.31 41.19 8.26
N PRO E 277 20.95 42.17 7.41
CA PRO E 277 21.07 42.07 5.95
C PRO E 277 22.46 41.65 5.48
N LYS E 278 23.44 41.82 6.36
CA LYS E 278 24.81 41.48 6.02
C LYS E 278 25.27 40.07 6.38
N ARG E 279 24.45 39.35 7.14
CA ARG E 279 24.85 38.00 7.54
C ARG E 279 24.86 37.02 6.36
N ARG E 280 25.84 36.11 6.37
CA ARG E 280 25.98 35.08 5.34
C ARG E 280 26.44 33.77 5.98
N LEU E 281 25.52 32.88 6.31
CA LEU E 281 25.91 31.64 6.96
C LEU E 281 25.68 30.39 6.13
N TRP E 282 26.67 29.50 6.16
CA TRP E 282 26.58 28.27 5.41
C TRP E 282 26.41 27.03 6.26
N LEU E 283 25.52 26.15 5.82
CA LEU E 283 25.33 24.91 6.52
C LEU E 283 25.73 23.80 5.55
N PHE E 284 26.82 23.12 5.91
CA PHE E 284 27.35 22.03 5.12
C PHE E 284 27.01 20.68 5.74
N ILE E 285 26.05 20.01 5.14
CA ILE E 285 25.68 18.70 5.62
C ILE E 285 26.18 17.76 4.53
N ASP E 286 27.38 17.23 4.74
CA ASP E 286 28.02 16.33 3.78
C ASP E 286 27.05 15.31 3.23
N GLU E 287 26.33 14.61 4.09
CA GLU E 287 25.38 13.63 3.60
C GLU E 287 24.09 13.72 4.39
N LEU E 288 23.16 14.50 3.84
CA LEU E 288 21.88 14.74 4.46
C LEU E 288 21.21 13.49 4.99
N ALA E 289 21.22 12.45 4.17
CA ALA E 289 20.59 11.19 4.53
C ALA E 289 21.23 10.48 5.73
N SER E 290 22.40 10.94 6.13
CA SER E 290 23.12 10.32 7.26
C SER E 290 22.65 10.78 8.64
N LEU E 291 22.00 11.93 8.69
CA LEU E 291 21.51 12.45 9.95
C LEU E 291 20.17 11.79 10.22
N GLU E 292 19.52 12.13 11.34
CA GLU E 292 18.22 11.57 11.64
C GLU E 292 17.19 12.41 10.91
N LYS E 293 15.91 12.16 11.20
CA LYS E 293 14.85 12.92 10.58
C LYS E 293 14.81 14.25 11.30
N LEU E 294 15.65 15.18 10.85
CA LEU E 294 15.73 16.51 11.45
C LEU E 294 14.37 17.19 11.54
N ALA E 295 14.07 17.74 12.70
CA ALA E 295 12.80 18.39 12.87
C ALA E 295 12.73 19.85 12.37
N SER E 296 13.85 20.54 12.22
CA SER E 296 13.80 21.95 11.76
C SER E 296 14.30 22.23 10.36
N LEU E 297 15.08 21.31 9.82
CA LEU E 297 15.67 21.45 8.50
C LEU E 297 14.70 22.10 7.54
N ALA E 298 13.52 21.49 7.47
CA ALA E 298 12.47 21.97 6.60
C ALA E 298 12.29 23.49 6.59
N ASP E 299 11.76 24.03 7.69
CA ASP E 299 11.53 25.46 7.77
C ASP E 299 12.79 26.26 7.57
N ALA E 300 13.91 25.73 8.04
CA ALA E 300 15.17 26.41 7.88
C ALA E 300 15.45 26.71 6.40
N LEU E 301 15.17 25.72 5.55
CA LEU E 301 15.39 25.85 4.10
C LEU E 301 14.37 26.76 3.45
N THR E 302 13.41 27.20 4.24
CA THR E 302 12.34 28.02 3.71
C THR E 302 12.21 29.41 4.30
N LYS E 303 12.72 29.59 5.52
CA LYS E 303 12.60 30.88 6.18
C LYS E 303 13.96 31.46 6.59
N GLY E 304 15.05 30.77 6.21
CA GLY E 304 16.37 31.24 6.57
C GLY E 304 16.98 32.27 5.64
N ARG E 305 16.22 32.74 4.67
CA ARG E 305 16.70 33.74 3.71
C ARG E 305 17.02 35.02 4.45
N LYS E 306 16.16 35.43 5.36
CA LYS E 306 16.35 36.65 6.12
C LYS E 306 17.57 36.56 7.01
N ALA E 307 17.81 35.35 7.50
CA ALA E 307 18.95 35.10 8.36
C ALA E 307 20.22 35.02 7.54
N GLY E 308 20.06 34.78 6.24
CA GLY E 308 21.22 34.64 5.37
C GLY E 308 21.74 33.22 5.33
N LEU E 309 20.89 32.26 5.70
CA LEU E 309 21.32 30.87 5.70
C LEU E 309 21.49 30.30 4.28
N ARG E 310 22.54 29.51 4.11
CA ARG E 310 22.86 28.87 2.84
C ARG E 310 23.17 27.39 3.10
N VAL E 311 22.23 26.52 2.75
CA VAL E 311 22.44 25.11 2.98
C VAL E 311 23.00 24.37 1.78
N VAL E 312 23.86 23.42 2.07
CA VAL E 312 24.44 22.60 1.03
C VAL E 312 24.45 21.19 1.56
N ALA E 313 23.72 20.33 0.88
CA ALA E 313 23.65 18.94 1.31
C ALA E 313 24.02 18.03 0.16
N GLY E 314 24.50 16.84 0.49
CA GLY E 314 24.86 15.89 -0.53
C GLY E 314 23.99 14.67 -0.38
N LEU E 315 23.74 14.00 -1.50
CA LEU E 315 22.92 12.81 -1.53
C LEU E 315 23.48 11.77 -2.49
N GLN E 316 23.13 10.51 -2.28
CA GLN E 316 23.59 9.47 -3.18
C GLN E 316 22.36 8.88 -3.91
N SER E 317 21.60 8.03 -3.23
CA SER E 317 20.39 7.44 -3.82
C SER E 317 19.15 8.08 -3.22
N THR E 318 18.16 8.32 -4.08
CA THR E 318 16.95 8.96 -3.63
C THR E 318 16.25 8.08 -2.62
N SER E 319 16.58 6.80 -2.64
CA SER E 319 15.98 5.85 -1.72
C SER E 319 16.44 6.05 -0.29
N GLN E 320 17.66 6.57 -0.13
CA GLN E 320 18.23 6.81 1.21
C GLN E 320 17.32 7.80 1.90
N LEU E 321 17.36 9.03 1.41
CA LEU E 321 16.56 10.12 1.96
C LEU E 321 15.09 9.72 2.16
N ASP E 322 14.52 9.01 1.19
CA ASP E 322 13.13 8.56 1.24
C ASP E 322 12.88 7.75 2.49
N ASP E 323 13.69 6.72 2.68
CA ASP E 323 13.52 5.85 3.84
C ASP E 323 13.60 6.60 5.18
N VAL E 324 14.49 7.59 5.27
CA VAL E 324 14.66 8.37 6.50
C VAL E 324 13.53 9.35 6.80
N TYR E 325 13.18 10.16 5.79
CA TYR E 325 12.14 11.18 5.90
C TYR E 325 10.76 10.77 5.38
N GLY E 326 10.66 9.59 4.79
CA GLY E 326 9.38 9.18 4.24
C GLY E 326 9.38 9.75 2.83
N VAL E 327 8.68 9.10 1.91
CA VAL E 327 8.65 9.56 0.52
C VAL E 327 8.08 10.97 0.33
N LYS E 328 6.91 11.22 0.92
CA LYS E 328 6.27 12.51 0.81
C LYS E 328 7.21 13.61 1.32
N GLU E 329 7.59 13.46 2.58
CA GLU E 329 8.46 14.40 3.25
C GLU E 329 9.80 14.60 2.53
N ALA E 330 10.36 13.48 2.07
CA ALA E 330 11.64 13.49 1.34
C ALA E 330 11.51 14.38 0.11
N GLN E 331 10.42 14.18 -0.63
CA GLN E 331 10.20 14.96 -1.82
C GLN E 331 10.23 16.44 -1.49
N THR E 332 9.43 16.83 -0.50
CA THR E 332 9.33 18.23 -0.08
C THR E 332 10.71 18.80 0.22
N LEU E 333 11.42 18.11 1.10
CA LEU E 333 12.77 18.52 1.48
C LEU E 333 13.64 18.78 0.25
N ARG E 334 13.81 17.75 -0.58
CA ARG E 334 14.64 17.88 -1.79
C ARG E 334 14.19 19.07 -2.59
N ALA E 335 12.88 19.21 -2.73
CA ALA E 335 12.33 20.31 -3.47
C ALA E 335 12.83 21.69 -2.98
N SER E 336 13.17 21.75 -1.69
CA SER E 336 13.60 23.00 -1.10
C SER E 336 14.94 23.59 -1.55
N PHE E 337 15.79 22.79 -2.19
CA PHE E 337 17.05 23.31 -2.72
C PHE E 337 16.79 23.68 -4.17
N ARG E 338 17.00 24.93 -4.50
CA ARG E 338 16.75 25.42 -5.84
C ARG E 338 17.87 25.13 -6.85
N SER E 339 19.09 24.97 -6.35
CA SER E 339 20.25 24.72 -7.20
C SER E 339 20.71 23.27 -7.01
N LEU E 340 21.03 22.62 -8.12
CA LEU E 340 21.45 21.23 -8.08
C LEU E 340 22.70 20.90 -8.91
N VAL E 341 23.46 19.93 -8.43
CA VAL E 341 24.65 19.46 -9.12
C VAL E 341 24.59 17.94 -9.21
N VAL E 342 24.63 17.40 -10.43
CA VAL E 342 24.58 15.96 -10.63
C VAL E 342 25.97 15.46 -10.99
N LEU E 343 26.47 14.54 -10.17
CA LEU E 343 27.81 14.00 -10.34
C LEU E 343 27.96 12.68 -11.05
N GLY E 344 26.84 12.03 -11.37
CA GLY E 344 26.94 10.75 -12.03
C GLY E 344 27.00 9.61 -11.02
N GLY E 345 26.18 8.59 -11.23
CA GLY E 345 26.12 7.46 -10.31
C GLY E 345 26.30 6.10 -10.95
N SER E 346 25.95 5.06 -10.18
CA SER E 346 26.08 3.67 -10.61
C SER E 346 25.02 3.15 -11.57
N ARG E 347 25.44 2.31 -12.50
CA ARG E 347 24.48 1.77 -13.45
C ARG E 347 23.59 0.79 -12.72
N THR E 348 23.97 0.48 -11.48
CA THR E 348 23.20 -0.46 -10.68
C THR E 348 22.04 0.24 -9.98
N ASP E 349 21.90 1.54 -10.22
CA ASP E 349 20.79 2.30 -9.62
C ASP E 349 20.13 3.17 -10.69
N PRO E 350 19.43 2.53 -11.63
CA PRO E 350 18.75 3.23 -12.70
C PRO E 350 17.64 4.16 -12.20
N LYS E 351 16.96 3.75 -11.13
CA LYS E 351 15.88 4.56 -10.58
C LYS E 351 16.36 5.99 -10.31
N THR E 352 17.39 6.13 -9.50
CA THR E 352 17.89 7.48 -9.22
C THR E 352 18.35 8.15 -10.51
N ASN E 353 19.04 7.40 -11.36
CA ASN E 353 19.53 7.95 -12.62
C ASN E 353 18.36 8.60 -13.35
N GLU E 354 17.22 7.92 -13.34
CA GLU E 354 16.03 8.44 -13.98
C GLU E 354 15.62 9.73 -13.31
N ASP E 355 15.56 9.69 -11.98
CA ASP E 355 15.16 10.83 -11.18
C ASP E 355 16.01 12.03 -11.55
N MET E 356 17.33 11.83 -11.58
CA MET E 356 18.23 12.91 -11.91
C MET E 356 18.02 13.39 -13.34
N SER E 357 17.95 12.45 -14.28
CA SER E 357 17.72 12.79 -15.68
C SER E 357 16.48 13.68 -15.80
N LEU E 358 15.43 13.23 -15.13
CA LEU E 358 14.16 13.90 -15.11
C LEU E 358 14.29 15.28 -14.49
N SER E 359 15.05 15.36 -13.40
CA SER E 359 15.26 16.63 -12.72
C SER E 359 16.02 17.60 -13.60
N LEU E 360 16.93 17.06 -14.42
CA LEU E 360 17.69 17.89 -15.33
C LEU E 360 16.72 18.48 -16.34
N GLY E 361 15.75 17.66 -16.74
CA GLY E 361 14.72 18.13 -17.64
C GLY E 361 14.78 17.81 -19.11
N GLU E 362 13.67 18.07 -19.79
CA GLU E 362 13.54 17.85 -21.22
C GLU E 362 13.55 19.21 -21.92
N HIS E 363 13.53 19.15 -23.25
CA HIS E 363 13.49 20.34 -24.08
C HIS E 363 12.68 19.99 -25.33
N GLU E 364 12.12 21.01 -25.98
CA GLU E 364 11.38 20.80 -27.22
C GLU E 364 12.17 21.48 -28.34
N VAL E 365 12.66 20.65 -29.25
CA VAL E 365 13.50 21.11 -30.35
C VAL E 365 12.98 20.82 -31.76
N GLU E 366 13.53 21.57 -32.72
CA GLU E 366 13.16 21.49 -34.13
C GLU E 366 14.30 20.95 -35.02
N ARG E 367 14.04 19.84 -35.71
CA ARG E 367 15.01 19.21 -36.61
C ARG E 367 14.43 18.75 -37.97
N GLU E 385 10.70 18.44 -38.21
CA GLU E 385 10.08 17.69 -37.09
C GLU E 385 10.37 18.34 -35.75
N ARG E 386 9.49 18.14 -34.78
CA ARG E 386 9.70 18.66 -33.43
C ARG E 386 9.92 17.44 -32.60
N VAL E 387 10.69 17.59 -31.54
CA VAL E 387 10.93 16.48 -30.66
C VAL E 387 11.11 17.00 -29.25
N ARG E 388 10.55 16.28 -28.30
CA ARG E 388 10.65 16.62 -26.88
C ARG E 388 11.56 15.51 -26.35
N GLU E 389 12.72 15.88 -25.81
CA GLU E 389 13.66 14.89 -25.31
C GLU E 389 14.43 15.33 -24.08
N ARG E 390 14.94 14.35 -23.33
CA ARG E 390 15.72 14.65 -22.12
C ARG E 390 17.03 15.27 -22.50
N VAL E 391 17.35 16.43 -21.91
CA VAL E 391 18.61 17.08 -22.19
C VAL E 391 19.72 16.11 -21.79
N VAL E 392 19.56 15.44 -20.65
CA VAL E 392 20.57 14.47 -20.25
C VAL E 392 19.91 13.13 -19.95
N MET E 393 20.38 12.10 -20.65
CA MET E 393 19.87 10.74 -20.50
C MET E 393 20.30 10.13 -19.18
N PRO E 394 19.51 9.17 -18.66
CA PRO E 394 19.88 8.54 -17.39
C PRO E 394 21.23 7.87 -17.59
N ALA E 395 21.38 7.28 -18.77
CA ALA E 395 22.62 6.60 -19.13
C ALA E 395 23.80 7.56 -19.09
N GLU E 396 23.61 8.74 -19.68
CA GLU E 396 24.67 9.73 -19.70
C GLU E 396 25.18 9.95 -18.28
N ILE E 397 24.25 9.93 -17.33
CA ILE E 397 24.61 10.14 -15.94
C ILE E 397 25.35 8.96 -15.32
N ALA E 398 24.96 7.76 -15.71
CA ALA E 398 25.62 6.57 -15.18
C ALA E 398 27.02 6.41 -15.79
N ASN E 399 27.18 6.85 -17.03
CA ASN E 399 28.46 6.73 -17.69
C ASN E 399 29.39 7.91 -17.47
N LEU E 400 29.04 8.76 -16.52
CA LEU E 400 29.86 9.91 -16.24
C LEU E 400 31.20 9.51 -15.65
N PRO E 401 32.27 10.20 -16.05
CA PRO E 401 33.58 9.86 -15.49
C PRO E 401 33.62 10.65 -14.19
N ASP E 402 34.57 10.34 -13.31
CA ASP E 402 34.67 11.07 -12.05
C ASP E 402 35.05 12.52 -12.30
N LEU E 403 34.93 13.34 -11.26
CA LEU E 403 35.25 14.76 -11.33
C LEU E 403 34.63 15.44 -12.56
N THR E 404 33.42 14.99 -12.90
CA THR E 404 32.67 15.53 -14.04
C THR E 404 31.22 15.67 -13.57
N ALA E 405 30.65 16.86 -13.71
CA ALA E 405 29.29 17.08 -13.24
C ALA E 405 28.47 18.08 -14.04
N TYR E 406 27.15 17.96 -13.90
CA TYR E 406 26.23 18.87 -14.55
C TYR E 406 25.87 19.91 -13.51
N VAL E 407 25.79 21.17 -13.94
CA VAL E 407 25.46 22.24 -13.02
C VAL E 407 24.22 22.99 -13.48
N GLY E 408 23.19 22.96 -12.65
CA GLY E 408 21.95 23.64 -12.97
C GLY E 408 21.55 24.54 -11.83
N PHE E 409 22.06 25.77 -11.86
CA PHE E 409 21.77 26.74 -10.82
C PHE E 409 20.29 27.06 -10.78
N ALA E 410 19.83 27.49 -9.62
CA ALA E 410 18.43 27.83 -9.45
C ALA E 410 18.00 28.85 -10.51
N GLY E 411 16.68 28.94 -10.72
CA GLY E 411 16.15 29.91 -11.66
C GLY E 411 16.17 29.61 -13.15
N ASN E 412 16.06 30.69 -13.92
CA ASN E 412 16.05 30.63 -15.38
C ASN E 412 17.47 30.64 -15.93
N ARG E 413 18.13 29.49 -15.86
CA ARG E 413 19.50 29.40 -16.33
C ARG E 413 19.73 28.09 -17.06
N PRO E 414 20.65 28.08 -18.03
CA PRO E 414 20.91 26.82 -18.74
C PRO E 414 21.78 25.98 -17.83
N ILE E 415 21.97 24.73 -18.19
CA ILE E 415 22.81 23.88 -17.37
C ILE E 415 24.08 23.67 -18.16
N ALA E 416 25.04 23.00 -17.54
CA ALA E 416 26.29 22.73 -18.23
C ALA E 416 27.03 21.57 -17.62
N LYS E 417 27.76 20.88 -18.49
CA LYS E 417 28.57 19.76 -18.09
C LYS E 417 29.95 20.38 -17.86
N VAL E 418 30.42 20.30 -16.63
CA VAL E 418 31.71 20.89 -16.27
C VAL E 418 32.60 19.92 -15.53
N PRO E 419 33.94 20.11 -15.66
CA PRO E 419 34.92 19.26 -15.00
C PRO E 419 35.35 19.83 -13.65
N LEU E 420 35.44 18.97 -12.65
CA LEU E 420 35.85 19.41 -11.33
C LEU E 420 37.34 19.13 -11.19
N GLU E 421 38.14 20.15 -10.88
CA GLU E 421 39.56 19.90 -10.73
C GLU E 421 39.98 19.86 -9.27
N ILE E 422 40.89 18.93 -8.97
CA ILE E 422 41.38 18.71 -7.62
C ILE E 422 42.45 19.68 -7.14
N LYS E 423 42.01 20.80 -6.57
CA LYS E 423 42.95 21.76 -6.04
C LYS E 423 43.53 21.15 -4.76
N GLN E 424 44.78 21.50 -4.44
CA GLN E 424 45.44 20.97 -3.24
C GLN E 424 45.42 21.93 -2.06
N PHE E 425 45.13 21.40 -0.87
CA PHE E 425 45.06 22.22 0.34
C PHE E 425 45.96 21.68 1.43
N ALA E 426 46.80 22.58 1.96
CA ALA E 426 47.75 22.23 3.01
C ALA E 426 47.08 22.08 4.37
N ASN E 427 47.51 21.07 5.12
CA ASN E 427 46.94 20.81 6.45
C ASN E 427 47.42 21.83 7.47
N ARG E 428 46.54 22.77 7.83
CA ARG E 428 46.88 23.80 8.81
C ARG E 428 46.31 23.49 10.20
N GLN E 429 46.25 22.22 10.56
CA GLN E 429 45.75 21.76 11.86
C GLN E 429 45.49 20.26 11.81
N PRO E 430 45.71 19.58 12.94
CA PRO E 430 45.49 18.13 12.98
C PRO E 430 43.99 17.85 12.97
N ALA E 431 43.58 16.84 12.23
CA ALA E 431 42.16 16.49 12.12
C ALA E 431 41.54 16.06 13.44
N PHE E 432 42.27 15.29 14.24
CA PHE E 432 41.74 14.81 15.52
C PHE E 432 42.77 14.95 16.64
N VAL E 433 42.28 14.94 17.88
CA VAL E 433 43.12 15.07 19.07
C VAL E 433 42.53 14.41 20.32
N GLU E 434 42.40 13.09 20.31
CA GLU E 434 41.84 12.42 21.47
C GLU E 434 42.78 12.70 22.62
N GLY E 435 42.31 13.44 23.61
CA GLY E 435 43.20 13.80 24.69
C GLY E 435 42.92 13.44 26.13
N THR E 436 43.96 13.66 26.94
CA THR E 436 43.99 13.43 28.39
C THR E 436 43.34 12.17 28.91
N GLU F 8 30.35 -6.34 -30.61
CA GLU F 8 29.24 -6.05 -31.56
C GLU F 8 27.90 -6.00 -30.81
N PHE F 9 27.00 -5.15 -31.30
CA PHE F 9 25.67 -4.93 -30.73
C PHE F 9 24.57 -5.84 -31.31
N GLY F 10 23.79 -6.45 -30.42
CA GLY F 10 22.72 -7.36 -30.83
C GLY F 10 21.68 -6.85 -31.82
N GLY F 11 21.24 -5.60 -31.65
CA GLY F 11 20.24 -5.04 -32.54
C GLY F 11 20.78 -4.71 -33.92
N ALA F 12 20.06 -3.87 -34.65
CA ALA F 12 20.45 -3.48 -36.00
C ALA F 12 21.66 -2.55 -36.03
N PRO F 13 22.62 -2.81 -36.94
CA PRO F 13 23.81 -1.95 -37.03
C PRO F 13 23.34 -0.53 -37.28
N PHE F 14 24.23 0.43 -37.02
CA PHE F 14 23.87 1.82 -37.22
C PHE F 14 24.97 2.67 -37.83
N LYS F 15 24.57 3.87 -38.23
CA LYS F 15 25.44 4.83 -38.85
C LYS F 15 26.23 5.63 -37.83
N ARG F 16 25.58 6.03 -36.73
CA ARG F 16 26.27 6.89 -35.76
C ARG F 16 25.80 6.81 -34.31
N PHE F 17 26.75 6.79 -33.38
CA PHE F 17 26.43 6.76 -31.95
C PHE F 17 26.31 8.19 -31.44
N LEU F 18 25.16 8.48 -30.84
CA LEU F 18 24.92 9.81 -30.30
C LEU F 18 25.29 9.88 -28.82
N ARG F 19 24.50 9.22 -27.97
CA ARG F 19 24.76 9.23 -26.53
C ARG F 19 24.26 7.96 -25.84
N GLY F 20 24.69 7.79 -24.60
CA GLY F 20 24.27 6.63 -23.84
C GLY F 20 25.31 5.55 -23.58
N THR F 21 24.83 4.39 -23.16
CA THR F 21 25.69 3.26 -22.88
C THR F 21 26.23 2.74 -24.22
N ARG F 22 27.50 2.34 -24.21
CA ARG F 22 28.08 1.79 -25.42
C ARG F 22 28.69 0.43 -25.16
N ILE F 23 28.39 -0.48 -26.07
CA ILE F 23 28.88 -1.84 -25.97
C ILE F 23 30.01 -2.05 -26.98
N VAL F 24 30.98 -2.85 -26.59
CA VAL F 24 32.08 -3.14 -27.50
C VAL F 24 32.39 -4.64 -27.39
N SER F 25 33.27 -5.13 -28.27
CA SER F 25 33.64 -6.54 -28.28
C SER F 25 34.45 -6.93 -27.05
N GLY F 26 34.41 -8.22 -26.69
CA GLY F 26 35.16 -8.69 -25.55
C GLY F 26 36.60 -8.19 -25.61
N GLY F 27 37.29 -8.50 -26.70
CA GLY F 27 38.66 -8.06 -26.84
C GLY F 27 38.84 -6.55 -26.72
N LYS F 28 38.20 -5.81 -27.61
CA LYS F 28 38.28 -4.35 -27.60
C LYS F 28 38.31 -3.82 -26.17
N LEU F 29 37.36 -4.28 -25.37
CA LEU F 29 37.27 -3.84 -23.98
C LEU F 29 38.52 -4.30 -23.21
N LYS F 30 38.81 -5.60 -23.29
CA LYS F 30 39.96 -6.20 -22.60
C LYS F 30 41.22 -5.38 -22.83
N ARG F 31 41.27 -4.73 -23.98
CA ARG F 31 42.40 -3.87 -24.32
C ARG F 31 42.23 -2.58 -23.54
N MET F 32 41.09 -1.95 -23.75
CA MET F 32 40.77 -0.71 -23.09
C MET F 32 41.07 -0.72 -21.59
N THR F 33 40.55 -1.74 -20.90
CA THR F 33 40.70 -1.86 -19.45
C THR F 33 42.07 -2.26 -18.92
N ARG F 34 42.92 -2.80 -19.79
CA ARG F 34 44.26 -3.22 -19.41
C ARG F 34 45.13 -2.08 -18.86
N GLU F 35 45.65 -2.27 -17.66
CA GLU F 35 46.49 -1.28 -16.99
C GLU F 35 47.94 -1.73 -16.80
N LYS F 36 48.78 -0.79 -16.39
CA LYS F 36 50.20 -1.01 -16.16
C LYS F 36 50.45 -2.02 -15.05
N ALA F 37 50.05 -1.65 -13.85
CA ALA F 37 50.23 -2.52 -12.70
C ALA F 37 49.45 -3.82 -12.82
N LYS F 38 49.59 -4.64 -11.78
CA LYS F 38 48.93 -5.92 -11.69
C LYS F 38 47.45 -5.71 -11.34
N GLN F 39 46.56 -6.16 -12.23
CA GLN F 39 45.11 -6.03 -12.04
C GLN F 39 44.52 -7.42 -11.84
N VAL F 40 43.24 -7.49 -11.53
CA VAL F 40 42.57 -8.79 -11.36
C VAL F 40 41.64 -9.00 -12.56
N THR F 41 41.03 -10.17 -12.69
CA THR F 41 40.15 -10.34 -13.83
C THR F 41 38.74 -10.76 -13.54
N VAL F 42 37.87 -10.18 -14.34
CA VAL F 42 36.45 -10.40 -14.27
C VAL F 42 36.13 -11.09 -15.59
N ALA F 43 35.84 -12.39 -15.53
CA ALA F 43 35.55 -13.15 -16.74
C ALA F 43 36.61 -12.87 -17.79
N GLY F 44 37.87 -12.93 -17.37
CA GLY F 44 38.96 -12.69 -18.29
C GLY F 44 39.22 -11.23 -18.58
N VAL F 45 38.36 -10.34 -18.11
CA VAL F 45 38.62 -8.93 -18.37
C VAL F 45 39.36 -8.29 -17.19
N PRO F 46 40.48 -7.62 -17.47
CA PRO F 46 41.30 -6.95 -16.45
C PRO F 46 40.50 -5.84 -15.80
N MET F 47 40.28 -5.96 -14.50
CA MET F 47 39.51 -4.95 -13.80
C MET F 47 40.33 -3.71 -13.50
N PRO F 48 39.86 -2.53 -13.97
CA PRO F 48 40.53 -1.24 -13.77
C PRO F 48 40.76 -1.10 -12.29
N ARG F 49 42.02 -0.95 -11.89
CA ARG F 49 42.34 -0.87 -10.48
C ARG F 49 41.49 0.11 -9.67
N ASP F 50 41.09 1.22 -10.29
CA ASP F 50 40.26 2.20 -9.59
C ASP F 50 38.81 1.74 -9.39
N ALA F 51 38.42 0.65 -10.05
CA ALA F 51 37.05 0.12 -9.94
C ALA F 51 36.89 -0.90 -8.82
N GLU F 52 38.02 -1.33 -8.27
CA GLU F 52 38.03 -2.34 -7.22
C GLU F 52 37.37 -1.97 -5.89
N PRO F 53 37.63 -0.76 -5.36
CA PRO F 53 37.01 -0.37 -4.09
C PRO F 53 35.58 0.13 -4.28
N ARG F 54 35.12 0.08 -5.53
CA ARG F 54 33.78 0.52 -5.89
C ARG F 54 32.86 -0.68 -5.87
N HIS F 55 33.42 -1.81 -5.46
CA HIS F 55 32.67 -3.04 -5.36
C HIS F 55 32.10 -3.51 -6.67
N LEU F 56 31.83 -4.81 -6.70
CA LEU F 56 31.28 -5.44 -7.88
C LEU F 56 30.11 -6.35 -7.54
N LEU F 57 29.05 -6.16 -8.31
CA LEU F 57 27.87 -6.95 -8.09
C LEU F 57 27.73 -7.94 -9.21
N VAL F 58 27.65 -9.21 -8.84
CA VAL F 58 27.49 -10.24 -9.85
C VAL F 58 26.12 -10.84 -9.73
N ASN F 59 25.30 -10.56 -10.73
CA ASN F 59 23.96 -11.08 -10.74
C ASN F 59 23.82 -12.10 -11.87
N GLY F 60 23.07 -13.15 -11.59
CA GLY F 60 22.87 -14.19 -12.58
C GLY F 60 22.12 -15.35 -11.98
N ALA F 61 21.52 -16.15 -12.84
CA ALA F 61 20.75 -17.30 -12.40
C ALA F 61 21.65 -18.38 -11.86
N THR F 62 21.03 -19.43 -11.33
CA THR F 62 21.76 -20.55 -10.75
C THR F 62 22.41 -21.41 -11.85
N GLY F 63 23.69 -21.74 -11.66
CA GLY F 63 24.43 -22.57 -12.60
C GLY F 63 25.01 -21.84 -13.78
N THR F 64 24.85 -20.52 -13.79
CA THR F 64 25.35 -19.71 -14.89
C THR F 64 26.85 -19.45 -14.87
N GLY F 65 27.48 -19.67 -13.72
CA GLY F 65 28.92 -19.44 -13.66
C GLY F 65 29.30 -18.43 -12.59
N LYS F 66 28.41 -18.21 -11.64
CA LYS F 66 28.67 -17.28 -10.56
C LYS F 66 29.94 -17.74 -9.83
N SER F 67 30.05 -19.05 -9.62
CA SER F 67 31.20 -19.65 -8.96
C SER F 67 32.47 -19.44 -9.76
N VAL F 68 32.46 -19.96 -10.98
CA VAL F 68 33.60 -19.85 -11.87
C VAL F 68 34.19 -18.45 -11.82
N LEU F 69 33.32 -17.46 -11.91
CA LEU F 69 33.74 -16.07 -11.91
C LEU F 69 34.45 -15.69 -10.62
N LEU F 70 33.71 -15.74 -9.52
CA LEU F 70 34.24 -15.37 -8.20
C LEU F 70 35.50 -16.15 -7.87
N ARG F 71 35.60 -17.37 -8.43
CA ARG F 71 36.73 -18.25 -8.21
C ARG F 71 37.93 -17.66 -8.96
N GLU F 72 37.68 -17.24 -10.20
CA GLU F 72 38.72 -16.62 -11.01
C GLU F 72 39.15 -15.31 -10.37
N LEU F 73 38.17 -14.52 -9.97
CA LEU F 73 38.46 -13.23 -9.34
C LEU F 73 39.37 -13.40 -8.12
N ALA F 74 38.97 -14.31 -7.24
CA ALA F 74 39.73 -14.59 -6.03
C ALA F 74 41.15 -14.98 -6.37
N TYR F 75 41.28 -15.93 -7.28
CA TYR F 75 42.57 -16.45 -7.74
C TYR F 75 43.54 -15.33 -8.17
N THR F 76 43.13 -14.57 -9.18
CA THR F 76 43.94 -13.47 -9.69
C THR F 76 44.32 -12.51 -8.57
N GLY F 77 43.40 -12.30 -7.65
CA GLY F 77 43.66 -11.40 -6.54
C GLY F 77 44.70 -11.96 -5.59
N LEU F 78 44.73 -13.28 -5.48
CA LEU F 78 45.68 -13.96 -4.61
C LEU F 78 47.09 -13.88 -5.18
N LEU F 79 47.17 -14.10 -6.49
CA LEU F 79 48.44 -14.05 -7.19
C LEU F 79 49.06 -12.66 -7.06
N ARG F 80 48.23 -11.67 -6.75
CA ARG F 80 48.72 -10.30 -6.58
C ARG F 80 49.04 -10.07 -5.10
N GLY F 81 48.78 -11.09 -4.29
CA GLY F 81 49.03 -11.00 -2.86
C GLY F 81 48.03 -10.19 -2.07
N ASP F 82 46.77 -10.22 -2.49
CA ASP F 82 45.74 -9.45 -1.78
C ASP F 82 45.13 -10.33 -0.69
N ARG F 83 44.75 -9.72 0.43
CA ARG F 83 44.12 -10.46 1.53
C ARG F 83 42.61 -10.49 1.29
N MET F 84 41.89 -11.43 1.92
CA MET F 84 40.45 -11.48 1.73
C MET F 84 39.67 -12.35 2.70
N VAL F 85 38.37 -12.10 2.75
CA VAL F 85 37.47 -12.85 3.61
C VAL F 85 36.47 -13.45 2.66
N ILE F 86 36.18 -14.72 2.89
CA ILE F 86 35.25 -15.38 2.00
C ILE F 86 34.09 -16.12 2.62
N VAL F 87 32.89 -15.73 2.21
CA VAL F 87 31.68 -16.39 2.64
C VAL F 87 31.74 -17.64 1.76
N ASP F 88 32.43 -18.66 2.25
CA ASP F 88 32.61 -19.87 1.48
C ASP F 88 31.72 -21.05 1.88
N PRO F 89 30.69 -21.32 1.07
CA PRO F 89 29.77 -22.43 1.34
C PRO F 89 30.43 -23.75 0.99
N ASN F 90 30.27 -24.73 1.89
CA ASN F 90 30.83 -26.07 1.72
C ASN F 90 32.33 -26.07 1.47
N GLY F 91 33.01 -25.10 2.07
CA GLY F 91 34.45 -25.00 1.93
C GLY F 91 35.01 -25.21 0.53
N ASP F 92 34.23 -24.87 -0.50
CA ASP F 92 34.73 -25.04 -1.86
C ASP F 92 35.99 -24.21 -2.02
N MET F 93 35.86 -22.89 -1.89
CA MET F 93 36.96 -21.95 -2.04
C MET F 93 38.18 -22.34 -1.22
N LEU F 94 37.93 -22.92 -0.05
CA LEU F 94 38.99 -23.35 0.85
C LEU F 94 39.86 -24.47 0.28
N SER F 95 39.23 -25.58 -0.06
CA SER F 95 39.93 -26.73 -0.61
C SER F 95 40.76 -26.38 -1.85
N LYS F 96 40.45 -25.26 -2.49
CA LYS F 96 41.17 -24.85 -3.69
C LYS F 96 42.32 -23.89 -3.41
N PHE F 97 42.04 -22.87 -2.63
CA PHE F 97 43.04 -21.85 -2.36
C PHE F 97 43.55 -21.75 -0.91
N GLY F 98 43.01 -22.58 -0.02
CA GLY F 98 43.41 -22.53 1.37
C GLY F 98 44.86 -22.91 1.69
N ARG F 99 45.56 -22.02 2.38
CA ARG F 99 46.95 -22.30 2.76
C ARG F 99 47.00 -22.60 4.25
N ASP F 100 48.19 -22.95 4.71
CA ASP F 100 48.40 -23.31 6.10
C ASP F 100 48.25 -22.16 7.09
N LYS F 101 48.63 -20.96 6.66
CA LYS F 101 48.55 -19.78 7.52
C LYS F 101 47.15 -19.14 7.54
N ASP F 102 46.24 -19.69 6.73
CA ASP F 102 44.89 -19.15 6.65
C ASP F 102 43.98 -19.55 7.81
N ILE F 103 42.98 -18.70 8.07
CA ILE F 103 42.01 -18.89 9.16
C ILE F 103 40.67 -19.51 8.76
N ILE F 104 40.15 -20.39 9.60
CA ILE F 104 38.85 -21.03 9.36
C ILE F 104 37.84 -20.75 10.45
N LEU F 105 36.62 -20.43 10.04
CA LEU F 105 35.55 -20.17 10.97
C LEU F 105 34.41 -21.11 10.64
N ASN F 106 34.21 -22.09 11.52
CA ASN F 106 33.15 -23.09 11.35
C ASN F 106 33.04 -23.88 12.64
N PRO F 107 32.04 -23.57 13.46
CA PRO F 107 31.88 -24.30 14.72
C PRO F 107 32.07 -25.81 14.61
N TYR F 108 31.64 -26.39 13.49
CA TYR F 108 31.71 -27.84 13.31
C TYR F 108 32.92 -28.41 12.58
N ASP F 109 33.98 -27.61 12.46
CA ASP F 109 35.17 -28.06 11.78
C ASP F 109 36.36 -28.08 12.72
N GLN F 110 37.04 -29.21 12.75
CA GLN F 110 38.22 -29.44 13.58
C GLN F 110 39.17 -28.25 13.59
N ARG F 111 39.40 -27.72 12.40
CA ARG F 111 40.33 -26.64 12.16
C ARG F 111 39.90 -25.22 12.54
N THR F 112 38.62 -25.04 12.85
CA THR F 112 38.10 -23.72 13.20
C THR F 112 38.83 -23.11 14.39
N LYS F 113 38.77 -21.78 14.47
CA LYS F 113 39.40 -21.06 15.58
C LYS F 113 38.36 -20.94 16.70
N GLY F 114 38.81 -20.52 17.88
CA GLY F 114 37.92 -20.33 19.01
C GLY F 114 37.54 -18.86 19.03
N TRP F 115 36.24 -18.58 19.07
CA TRP F 115 35.80 -17.18 19.05
C TRP F 115 34.52 -16.89 19.80
N SER F 116 34.42 -15.63 20.24
CA SER F 116 33.26 -15.12 20.95
C SER F 116 33.26 -13.67 20.54
N PHE F 117 32.09 -13.04 20.47
CA PHE F 117 32.08 -11.65 20.07
C PHE F 117 32.87 -10.82 21.09
N PHE F 118 32.92 -11.30 22.34
CA PHE F 118 33.67 -10.63 23.39
C PHE F 118 35.06 -10.23 22.85
N ASN F 119 35.67 -11.17 22.13
CA ASN F 119 37.01 -11.02 21.54
C ASN F 119 37.21 -9.79 20.65
N GLU F 120 36.17 -8.97 20.46
CA GLU F 120 36.30 -7.79 19.61
C GLU F 120 36.01 -6.47 20.34
N ILE F 121 35.55 -6.57 21.58
CA ILE F 121 35.24 -5.39 22.39
C ILE F 121 36.55 -4.72 22.83
N ARG F 122 36.79 -3.48 22.41
CA ARG F 122 38.02 -2.82 22.80
C ARG F 122 37.76 -1.46 23.43
N ASN F 123 36.55 -0.94 23.26
CA ASN F 123 36.15 0.36 23.83
C ASN F 123 34.71 0.23 24.30
N ASP F 124 34.18 1.26 24.96
CA ASP F 124 32.81 1.16 25.46
C ASP F 124 31.76 1.14 24.34
N TYR F 125 31.91 2.05 23.39
CA TYR F 125 30.96 2.11 22.30
C TYR F 125 30.88 0.78 21.53
N ASP F 126 31.93 -0.01 21.61
CA ASP F 126 32.00 -1.30 20.92
C ASP F 126 30.93 -2.30 21.35
N TRP F 127 30.32 -2.05 22.52
CA TRP F 127 29.29 -2.96 23.00
C TRP F 127 28.06 -2.94 22.08
N GLN F 128 27.47 -1.76 21.89
CA GLN F 128 26.33 -1.65 21.01
C GLN F 128 26.76 -2.05 19.60
N ARG F 129 27.89 -1.49 19.18
CA ARG F 129 28.44 -1.74 17.86
C ARG F 129 28.31 -3.21 17.42
N TYR F 130 28.75 -4.13 18.26
CA TYR F 130 28.69 -5.52 17.87
C TYR F 130 27.40 -6.26 18.20
N ALA F 131 26.58 -5.67 19.06
CA ALA F 131 25.29 -6.28 19.40
C ALA F 131 24.51 -6.20 18.10
N LEU F 132 24.93 -5.25 17.25
CA LEU F 132 24.33 -5.02 15.94
C LEU F 132 24.68 -6.12 14.97
N SER F 133 25.92 -6.60 15.05
CA SER F 133 26.37 -7.69 14.18
C SER F 133 25.78 -8.99 14.65
N VAL F 134 25.75 -9.19 15.97
CA VAL F 134 25.20 -10.39 16.57
C VAL F 134 23.71 -10.52 16.33
N VAL F 135 23.02 -9.41 16.53
CA VAL F 135 21.59 -9.37 16.32
C VAL F 135 21.37 -8.46 15.13
N PRO F 136 21.25 -9.05 13.92
CA PRO F 136 21.03 -8.28 12.70
C PRO F 136 19.69 -7.52 12.72
N ARG F 137 19.46 -6.70 11.69
CA ARG F 137 18.25 -5.91 11.61
C ARG F 137 17.01 -6.74 11.40
N GLY F 138 15.91 -6.28 11.98
CA GLY F 138 14.65 -6.97 11.87
C GLY F 138 14.03 -6.78 10.51
N LYS F 139 13.46 -7.87 9.98
CA LYS F 139 12.84 -7.85 8.66
C LYS F 139 11.74 -6.79 8.63
N THR F 140 10.95 -6.71 9.70
CA THR F 140 9.88 -5.72 9.77
C THR F 140 10.19 -4.72 10.88
N ASP F 141 9.44 -3.63 10.88
CA ASP F 141 9.63 -2.59 11.88
C ASP F 141 9.35 -3.16 13.26
N GLU F 142 8.29 -3.95 13.37
CA GLU F 142 7.97 -4.55 14.63
C GLU F 142 9.12 -5.47 15.05
N ALA F 143 9.54 -6.33 14.13
CA ALA F 143 10.64 -7.28 14.40
C ALA F 143 11.88 -6.56 14.93
N GLU F 144 12.25 -5.48 14.26
CA GLU F 144 13.40 -4.67 14.66
C GLU F 144 13.18 -4.09 16.05
N GLU F 145 11.94 -3.73 16.35
CA GLU F 145 11.66 -3.18 17.66
C GLU F 145 12.14 -4.21 18.68
N TRP F 146 11.69 -5.44 18.54
CA TRP F 146 12.08 -6.49 19.47
C TRP F 146 13.58 -6.62 19.42
N ALA F 147 14.10 -6.60 18.20
CA ALA F 147 15.54 -6.70 17.95
C ALA F 147 16.32 -5.75 18.85
N SER F 148 15.85 -4.52 18.96
CA SER F 148 16.52 -3.53 19.77
C SER F 148 16.49 -3.88 21.24
N TYR F 149 15.37 -4.43 21.70
CA TYR F 149 15.23 -4.82 23.11
C TYR F 149 16.28 -5.87 23.36
N GLY F 150 16.38 -6.79 22.42
CA GLY F 150 17.37 -7.83 22.54
C GLY F 150 18.75 -7.23 22.70
N ARG F 151 19.12 -6.32 21.81
CA ARG F 151 20.42 -5.67 21.85
C ARG F 151 20.69 -4.98 23.18
N LEU F 152 19.65 -4.40 23.76
CA LEU F 152 19.80 -3.74 25.05
C LEU F 152 20.21 -4.81 26.06
N LEU F 153 19.30 -5.77 26.24
CA LEU F 153 19.50 -6.89 27.17
C LEU F 153 20.89 -7.47 26.95
N LEU F 154 21.21 -7.72 25.70
CA LEU F 154 22.50 -8.28 25.35
C LEU F 154 23.67 -7.42 25.85
N ARG F 155 23.83 -6.23 25.27
CA ARG F 155 24.96 -5.39 25.65
C ARG F 155 25.10 -5.11 27.15
N GLU F 156 23.99 -4.98 27.87
CA GLU F 156 24.11 -4.71 29.29
C GLU F 156 24.48 -5.93 30.11
N THR F 157 23.98 -7.10 29.72
CA THR F 157 24.30 -8.32 30.46
C THR F 157 25.75 -8.73 30.22
N ALA F 158 26.13 -8.78 28.94
CA ALA F 158 27.48 -9.15 28.56
C ALA F 158 28.50 -8.12 29.07
N LYS F 159 28.06 -6.88 29.26
CA LYS F 159 28.97 -5.85 29.75
C LYS F 159 29.25 -6.13 31.24
N LYS F 160 28.23 -6.60 31.95
CA LYS F 160 28.39 -6.89 33.36
C LYS F 160 29.24 -8.15 33.53
N LEU F 161 28.84 -9.23 32.86
CA LEU F 161 29.61 -10.47 32.94
C LEU F 161 31.10 -10.18 32.74
N ALA F 162 31.41 -9.36 31.76
CA ALA F 162 32.79 -9.02 31.50
C ALA F 162 33.36 -8.36 32.75
N LEU F 163 32.68 -7.32 33.21
CA LEU F 163 33.10 -6.58 34.39
C LEU F 163 33.50 -7.49 35.56
N ILE F 164 32.62 -8.43 35.90
CA ILE F 164 32.86 -9.36 36.99
C ILE F 164 33.80 -10.49 36.53
N GLY F 165 34.63 -10.16 35.54
CA GLY F 165 35.60 -11.10 35.00
C GLY F 165 35.11 -12.45 34.49
N THR F 166 33.83 -12.56 34.15
CA THR F 166 33.31 -13.83 33.67
C THR F 166 32.66 -13.72 32.28
N PRO F 167 33.44 -13.34 31.26
CA PRO F 167 32.94 -13.20 29.89
C PRO F 167 32.51 -14.53 29.25
N SER F 168 31.55 -15.20 29.88
CA SER F 168 31.04 -16.50 29.42
C SER F 168 29.83 -16.45 28.52
N MET F 169 29.94 -17.09 27.36
CA MET F 169 28.84 -17.15 26.42
C MET F 169 27.77 -18.08 26.98
N ARG F 170 28.22 -19.08 27.73
CA ARG F 170 27.29 -20.03 28.33
C ARG F 170 26.49 -19.28 29.39
N GLU F 171 27.20 -18.44 30.13
CA GLU F 171 26.60 -17.64 31.19
C GLU F 171 25.58 -16.67 30.64
N LEU F 172 26.03 -15.89 29.67
CA LEU F 172 25.19 -14.92 29.01
C LEU F 172 23.91 -15.61 28.54
N PHE F 173 24.06 -16.67 27.77
CA PHE F 173 22.90 -17.39 27.24
C PHE F 173 21.99 -17.82 28.36
N HIS F 174 22.56 -18.36 29.43
CA HIS F 174 21.75 -18.82 30.55
C HIS F 174 20.92 -17.66 31.04
N TRP F 175 21.61 -16.61 31.44
CA TRP F 175 20.99 -15.41 31.95
C TRP F 175 19.86 -14.91 31.05
N THR F 176 20.19 -14.63 29.78
CA THR F 176 19.24 -14.09 28.81
C THR F 176 18.10 -14.96 28.30
N THR F 177 18.14 -16.27 28.51
CA THR F 177 17.06 -17.15 28.01
C THR F 177 16.68 -18.29 28.96
N ILE F 178 17.46 -18.45 30.02
CA ILE F 178 17.22 -19.52 30.97
C ILE F 178 16.79 -19.01 32.35
N ALA F 179 17.58 -18.10 32.92
CA ALA F 179 17.29 -17.54 34.23
C ALA F 179 15.85 -17.01 34.33
N THR F 180 15.26 -17.10 35.51
CA THR F 180 13.88 -16.62 35.67
C THR F 180 13.87 -15.12 35.50
N PHE F 181 12.69 -14.60 35.20
CA PHE F 181 12.50 -13.18 35.00
C PHE F 181 13.16 -12.40 36.14
N ASP F 182 12.74 -12.70 37.36
CA ASP F 182 13.25 -12.03 38.54
C ASP F 182 14.76 -12.10 38.66
N ASP F 183 15.29 -13.31 38.65
CA ASP F 183 16.74 -13.48 38.77
C ASP F 183 17.44 -12.57 37.80
N LEU F 184 17.04 -12.66 36.54
CA LEU F 184 17.64 -11.84 35.50
C LEU F 184 17.51 -10.39 35.96
N ARG F 185 16.27 -10.02 36.25
CA ARG F 185 15.97 -8.67 36.72
C ARG F 185 16.99 -8.33 37.79
N GLY F 186 17.17 -9.25 38.74
CA GLY F 186 18.11 -9.03 39.81
C GLY F 186 19.48 -8.74 39.22
N PHE F 187 20.01 -9.70 38.48
CA PHE F 187 21.33 -9.56 37.88
C PHE F 187 21.52 -8.23 37.15
N LEU F 188 20.47 -7.74 36.50
CA LEU F 188 20.57 -6.48 35.78
C LEU F 188 20.66 -5.26 36.65
N GLU F 189 20.30 -5.41 37.92
CA GLU F 189 20.38 -4.29 38.84
C GLU F 189 21.80 -3.72 38.74
N GLY F 190 21.90 -2.41 38.74
CA GLY F 190 23.19 -1.77 38.63
C GLY F 190 23.57 -1.48 37.19
N THR F 191 22.93 -2.18 36.25
CA THR F 191 23.21 -1.96 34.82
C THR F 191 22.17 -1.00 34.26
N LEU F 192 22.56 -0.30 33.21
CA LEU F 192 21.67 0.67 32.55
C LEU F 192 20.27 0.09 32.34
N ALA F 193 20.23 -1.20 32.03
CA ALA F 193 18.96 -1.87 31.80
C ALA F 193 18.18 -2.16 33.08
N GLU F 194 18.76 -1.81 34.23
CA GLU F 194 18.10 -2.08 35.50
C GLU F 194 16.63 -1.68 35.47
N SER F 195 16.38 -0.39 35.33
CA SER F 195 15.02 0.10 35.32
C SER F 195 14.24 -0.08 34.02
N LEU F 196 14.85 0.28 32.90
CA LEU F 196 14.20 0.16 31.59
C LEU F 196 13.30 -1.06 31.39
N PHE F 197 13.70 -2.21 31.93
CA PHE F 197 12.91 -3.41 31.74
C PHE F 197 11.93 -3.74 32.84
N ALA F 198 11.50 -2.73 33.60
CA ALA F 198 10.54 -2.98 34.68
C ALA F 198 9.67 -1.77 34.99
N GLY F 199 8.50 -2.01 35.57
CA GLY F 199 7.63 -0.92 35.93
C GLY F 199 6.24 -0.91 35.31
N SER F 200 6.06 -1.64 34.22
CA SER F 200 4.77 -1.68 33.54
C SER F 200 4.67 -2.94 32.71
N ASN F 201 3.46 -3.28 32.27
CA ASN F 201 3.29 -4.46 31.43
C ASN F 201 4.15 -4.29 30.19
N GLU F 202 4.13 -3.08 29.64
CA GLU F 202 4.89 -2.75 28.46
C GLU F 202 6.33 -3.16 28.72
N ALA F 203 6.88 -2.70 29.84
CA ALA F 203 8.24 -3.01 30.24
C ALA F 203 8.53 -4.49 30.21
N SER F 204 7.63 -5.29 30.81
CA SER F 204 7.78 -6.74 30.85
C SER F 204 7.74 -7.32 29.43
N LYS F 205 6.81 -6.80 28.63
CA LYS F 205 6.66 -7.22 27.24
C LYS F 205 7.98 -7.05 26.48
N ALA F 206 8.53 -5.84 26.52
CA ALA F 206 9.80 -5.56 25.82
C ALA F 206 10.86 -6.56 26.23
N LEU F 207 10.86 -6.93 27.50
CA LEU F 207 11.84 -7.88 28.01
C LEU F 207 11.62 -9.22 27.34
N THR F 208 10.38 -9.70 27.42
CA THR F 208 10.02 -10.97 26.81
C THR F 208 10.41 -11.01 25.34
N SER F 209 10.29 -9.89 24.65
CA SER F 209 10.67 -9.83 23.24
C SER F 209 12.17 -9.98 23.11
N ALA F 210 12.92 -9.28 23.98
CA ALA F 210 14.37 -9.33 23.98
C ALA F 210 14.91 -10.76 24.20
N ARG F 211 14.25 -11.50 25.08
CA ARG F 211 14.62 -12.89 25.38
C ARG F 211 14.50 -13.76 24.13
N PHE F 212 13.29 -13.77 23.56
CA PHE F 212 13.01 -14.53 22.36
C PHE F 212 14.06 -14.25 21.31
N VAL F 213 14.32 -12.97 21.08
CA VAL F 213 15.30 -12.57 20.08
C VAL F 213 16.58 -13.34 20.36
N LEU F 214 17.13 -13.10 21.55
CA LEU F 214 18.38 -13.73 21.96
C LEU F 214 18.37 -15.26 21.93
N SER F 215 17.22 -15.83 22.29
CA SER F 215 17.13 -17.28 22.27
C SER F 215 17.27 -17.76 20.84
N ASP F 216 16.87 -16.92 19.89
CA ASP F 216 16.95 -17.30 18.47
C ASP F 216 18.35 -17.15 17.90
N LYS F 217 19.00 -16.04 18.20
CA LYS F 217 20.33 -15.79 17.65
C LYS F 217 21.51 -16.48 18.36
N LEU F 218 21.55 -16.34 19.67
CA LEU F 218 22.62 -16.88 20.50
C LEU F 218 23.01 -18.35 20.37
N PRO F 219 22.03 -19.26 20.35
CA PRO F 219 22.33 -20.69 20.23
C PRO F 219 23.71 -21.08 19.64
N GLU F 220 23.88 -20.88 18.34
CA GLU F 220 25.14 -21.22 17.69
C GLU F 220 26.35 -20.54 18.32
N HIS F 221 26.16 -19.30 18.72
CA HIS F 221 27.20 -18.49 19.37
C HIS F 221 27.70 -19.23 20.61
N VAL F 222 26.78 -19.91 21.29
CA VAL F 222 27.07 -20.68 22.50
C VAL F 222 27.87 -21.94 22.12
N THR F 223 27.23 -22.82 21.38
CA THR F 223 27.85 -24.06 20.94
C THR F 223 29.13 -23.85 20.13
N MET F 224 29.54 -22.61 19.93
CA MET F 224 30.75 -22.39 19.15
C MET F 224 32.02 -22.54 19.99
N PRO F 225 33.05 -23.17 19.39
CA PRO F 225 34.37 -23.43 19.97
C PRO F 225 34.96 -22.18 20.62
N ASP F 226 35.48 -22.32 21.83
CA ASP F 226 36.09 -21.19 22.56
C ASP F 226 37.57 -20.96 22.26
N GLY F 227 37.90 -19.68 22.06
CA GLY F 227 39.27 -19.28 21.76
C GLY F 227 39.41 -17.79 21.96
N ASP F 228 40.57 -17.25 21.60
CA ASP F 228 40.85 -15.83 21.76
C ASP F 228 40.95 -15.11 20.42
N PHE F 229 40.62 -15.80 19.34
CA PHE F 229 40.72 -15.20 18.02
C PHE F 229 39.93 -13.89 17.92
N SER F 230 40.55 -12.89 17.28
CA SER F 230 39.92 -11.58 17.09
C SER F 230 39.97 -11.14 15.62
N ILE F 231 38.80 -11.11 14.99
CA ILE F 231 38.70 -10.70 13.59
C ILE F 231 39.30 -9.33 13.45
N ARG F 232 39.14 -8.52 14.49
CA ARG F 232 39.68 -7.16 14.48
C ARG F 232 41.19 -7.24 14.35
N SER F 233 41.80 -7.92 15.32
CA SER F 233 43.23 -8.09 15.34
C SER F 233 43.74 -8.73 14.06
N TRP F 234 43.00 -9.74 13.61
CA TRP F 234 43.33 -10.48 12.39
C TRP F 234 43.50 -9.50 11.23
N LEU F 235 42.57 -8.57 11.14
CA LEU F 235 42.57 -7.54 10.12
C LEU F 235 43.82 -6.66 10.24
N GLU F 236 44.24 -6.42 11.48
CA GLU F 236 45.41 -5.60 11.74
C GLU F 236 46.76 -6.28 11.42
N ASP F 237 46.84 -7.58 11.67
CA ASP F 237 48.06 -8.33 11.41
C ASP F 237 48.28 -8.56 9.91
N PRO F 238 49.37 -7.97 9.34
CA PRO F 238 49.71 -8.09 7.92
C PRO F 238 49.84 -9.54 7.45
N ASN F 239 50.72 -10.26 8.13
CA ASN F 239 50.98 -11.65 7.83
C ASN F 239 49.83 -12.50 8.31
N GLY F 240 48.72 -11.86 8.65
CA GLY F 240 47.56 -12.56 9.15
C GLY F 240 47.03 -13.68 8.25
N GLY F 241 47.07 -13.46 6.94
CA GLY F 241 46.58 -14.47 6.02
C GLY F 241 45.17 -14.17 5.56
N ASN F 242 44.40 -15.20 5.22
CA ASN F 242 43.03 -15.02 4.77
C ASN F 242 41.98 -15.78 5.60
N LEU F 243 40.75 -15.30 5.56
CA LEU F 243 39.69 -15.91 6.37
C LEU F 243 38.59 -16.57 5.54
N PHE F 244 38.32 -17.82 5.88
CA PHE F 244 37.29 -18.60 5.21
C PHE F 244 36.16 -18.92 6.16
N ILE F 245 35.00 -18.34 5.86
CA ILE F 245 33.81 -18.58 6.65
C ILE F 245 33.08 -19.64 5.83
N THR F 246 33.14 -20.89 6.31
CA THR F 246 32.50 -22.00 5.60
C THR F 246 31.51 -22.76 6.45
N TRP F 247 30.67 -23.54 5.79
CA TRP F 247 29.66 -24.34 6.48
C TRP F 247 29.06 -25.34 5.51
N ARG F 248 28.43 -26.36 6.07
CA ARG F 248 27.81 -27.39 5.27
C ARG F 248 26.38 -26.94 4.98
N GLU F 249 26.04 -26.90 3.69
CA GLU F 249 24.74 -26.43 3.24
C GLU F 249 23.49 -26.90 3.95
N ASP F 250 23.46 -28.12 4.48
CA ASP F 250 22.24 -28.55 5.15
C ASP F 250 22.09 -27.86 6.50
N MET F 251 23.09 -27.07 6.89
CA MET F 251 23.06 -26.35 8.16
C MET F 251 23.04 -24.83 7.97
N GLY F 252 23.09 -24.39 6.71
CA GLY F 252 23.08 -22.96 6.39
C GLY F 252 22.05 -22.11 7.11
N PRO F 253 20.81 -22.60 7.30
CA PRO F 253 19.77 -21.83 7.99
C PRO F 253 20.16 -21.59 9.44
N ALA F 254 20.66 -22.65 10.06
CA ALA F 254 21.09 -22.60 11.44
C ALA F 254 22.22 -21.59 11.66
N LEU F 255 23.19 -21.60 10.77
CA LEU F 255 24.32 -20.70 10.91
C LEU F 255 24.11 -19.30 10.35
N ARG F 256 23.02 -19.14 9.61
CA ARG F 256 22.67 -17.86 8.99
C ARG F 256 22.94 -16.68 9.92
N PRO F 257 22.34 -16.67 11.12
CA PRO F 257 22.55 -15.56 12.05
C PRO F 257 24.01 -15.41 12.46
N LEU F 258 24.66 -16.52 12.72
CA LEU F 258 26.04 -16.50 13.12
C LEU F 258 26.88 -15.93 11.97
N ILE F 259 26.81 -16.58 10.82
CA ILE F 259 27.54 -16.15 9.62
C ILE F 259 27.38 -14.65 9.39
N SER F 260 26.12 -14.21 9.34
CA SER F 260 25.77 -12.80 9.14
C SER F 260 26.53 -11.92 10.13
N ALA F 261 26.61 -12.40 11.37
CA ALA F 261 27.32 -11.71 12.43
C ALA F 261 28.74 -11.46 11.97
N TRP F 262 29.44 -12.55 11.66
CA TRP F 262 30.82 -12.46 11.22
C TRP F 262 31.00 -11.48 10.11
N VAL F 263 30.27 -11.68 9.02
CA VAL F 263 30.37 -10.81 7.87
C VAL F 263 30.21 -9.37 8.32
N ASP F 264 29.17 -9.14 9.12
CA ASP F 264 28.91 -7.81 9.62
C ASP F 264 30.09 -7.29 10.42
N VAL F 265 30.55 -8.09 11.37
CA VAL F 265 31.68 -7.71 12.20
C VAL F 265 32.74 -7.09 11.32
N VAL F 266 33.15 -7.86 10.32
CA VAL F 266 34.16 -7.43 9.38
C VAL F 266 33.75 -6.05 8.86
N CYS F 267 32.50 -5.95 8.42
CA CYS F 267 31.95 -4.71 7.88
C CYS F 267 32.19 -3.49 8.76
N THR F 268 32.02 -3.65 10.07
CA THR F 268 32.20 -2.55 11.00
C THR F 268 33.64 -2.29 11.34
N SER F 269 34.33 -3.38 11.68
CA SER F 269 35.73 -3.36 12.09
C SER F 269 36.70 -2.67 11.14
N ILE F 270 36.61 -2.98 9.84
CA ILE F 270 37.52 -2.37 8.86
C ILE F 270 37.48 -0.85 8.93
N LEU F 271 36.45 -0.32 9.58
CA LEU F 271 36.29 1.11 9.69
C LEU F 271 37.21 1.68 10.75
N SER F 272 37.69 0.83 11.64
CA SER F 272 38.58 1.26 12.71
C SER F 272 40.04 1.08 12.35
N LEU F 273 40.32 0.26 11.34
CA LEU F 273 41.70 0.01 10.92
C LEU F 273 42.53 1.26 10.69
N PRO F 274 43.81 1.21 11.11
CA PRO F 274 44.76 2.30 10.98
C PRO F 274 45.08 2.61 9.52
N GLU F 275 45.18 3.89 9.23
CA GLU F 275 45.49 4.40 7.91
C GLU F 275 46.57 3.63 7.16
N GLU F 276 46.19 2.84 6.14
CA GLU F 276 47.17 2.09 5.37
C GLU F 276 46.92 2.14 3.86
N PRO F 277 47.59 3.08 3.16
CA PRO F 277 47.47 3.27 1.72
C PRO F 277 47.65 2.00 0.91
N LYS F 278 48.46 1.08 1.41
CA LYS F 278 48.66 -0.14 0.64
C LYS F 278 47.85 -1.35 1.06
N ARG F 279 46.78 -1.13 1.83
CA ARG F 279 45.95 -2.24 2.23
C ARG F 279 44.95 -2.53 1.12
N ARG F 280 44.68 -3.81 0.90
CA ARG F 280 43.74 -4.26 -0.12
C ARG F 280 42.97 -5.50 0.35
N LEU F 281 41.77 -5.28 0.88
CA LEU F 281 40.96 -6.39 1.37
C LEU F 281 39.73 -6.66 0.51
N TRP F 282 39.44 -7.94 0.34
CA TRP F 282 38.30 -8.39 -0.43
C TRP F 282 37.24 -9.08 0.41
N LEU F 283 35.99 -8.68 0.22
CA LEU F 283 34.92 -9.34 0.95
C LEU F 283 34.07 -10.01 -0.09
N PHE F 284 34.10 -11.34 -0.04
CA PHE F 284 33.35 -12.17 -0.97
C PHE F 284 32.13 -12.73 -0.26
N ILE F 285 30.97 -12.21 -0.64
CA ILE F 285 29.74 -12.69 -0.07
C ILE F 285 29.07 -13.32 -1.26
N ASP F 286 29.28 -14.62 -1.43
CA ASP F 286 28.73 -15.34 -2.59
C ASP F 286 27.27 -14.98 -2.84
N GLU F 287 26.43 -15.08 -1.80
CA GLU F 287 25.02 -14.75 -1.97
C GLU F 287 24.54 -13.77 -0.92
N LEU F 288 24.65 -12.49 -1.28
CA LEU F 288 24.25 -11.39 -0.41
C LEU F 288 22.89 -11.60 0.25
N ALA F 289 21.90 -11.96 -0.55
CA ALA F 289 20.54 -12.19 -0.06
C ALA F 289 20.37 -13.37 0.90
N SER F 290 21.36 -14.24 1.00
CA SER F 290 21.24 -15.39 1.88
C SER F 290 21.62 -15.10 3.32
N LEU F 291 22.22 -13.94 3.56
CA LEU F 291 22.61 -13.56 4.91
C LEU F 291 21.43 -12.84 5.55
N GLU F 292 21.62 -12.31 6.75
CA GLU F 292 20.55 -11.56 7.40
C GLU F 292 20.68 -10.12 6.92
N LYS F 293 19.91 -9.23 7.54
CA LYS F 293 19.97 -7.82 7.18
C LYS F 293 21.15 -7.24 7.92
N LEU F 294 22.33 -7.31 7.31
CA LEU F 294 23.55 -6.79 7.94
C LEU F 294 23.43 -5.30 8.30
N ALA F 295 23.79 -4.98 9.53
CA ALA F 295 23.72 -3.62 10.03
C ALA F 295 24.89 -2.71 9.64
N SER F 296 25.95 -3.24 9.07
CA SER F 296 27.08 -2.36 8.76
C SER F 296 27.46 -2.30 7.31
N LEU F 297 27.06 -3.35 6.56
CA LEU F 297 27.36 -3.49 5.14
C LEU F 297 27.22 -2.18 4.38
N ALA F 298 26.17 -1.45 4.69
CA ALA F 298 25.90 -0.17 4.05
C ALA F 298 27.13 0.73 4.03
N ASP F 299 27.50 1.22 5.20
CA ASP F 299 28.66 2.10 5.36
C ASP F 299 29.94 1.53 4.77
N ALA F 300 30.14 0.23 4.97
CA ALA F 300 31.32 -0.46 4.46
C ALA F 300 31.50 -0.19 2.96
N LEU F 301 30.40 -0.31 2.21
CA LEU F 301 30.40 -0.09 0.77
C LEU F 301 30.52 1.40 0.47
N THR F 302 30.52 2.19 1.53
CA THR F 302 30.58 3.63 1.35
C THR F 302 31.79 4.31 1.92
N LYS F 303 32.33 3.76 3.00
CA LYS F 303 33.46 4.39 3.64
C LYS F 303 34.69 3.50 3.76
N GLY F 304 34.62 2.33 3.14
CA GLY F 304 35.74 1.41 3.18
C GLY F 304 36.80 1.61 2.12
N ARG F 305 36.76 2.75 1.42
CA ARG F 305 37.75 3.04 0.37
C ARG F 305 39.11 3.21 1.02
N LYS F 306 39.10 3.98 2.11
CA LYS F 306 40.28 4.29 2.90
C LYS F 306 40.97 3.03 3.41
N ALA F 307 40.16 2.11 3.91
CA ALA F 307 40.68 0.86 4.42
C ALA F 307 41.02 -0.08 3.26
N GLY F 308 40.65 0.31 2.04
CA GLY F 308 40.93 -0.50 0.86
C GLY F 308 40.04 -1.73 0.70
N LEU F 309 38.78 -1.61 1.13
CA LEU F 309 37.83 -2.71 1.07
C LEU F 309 37.25 -2.86 -0.33
N ARG F 310 37.16 -4.11 -0.76
CA ARG F 310 36.61 -4.44 -2.06
C ARG F 310 35.56 -5.51 -1.85
N VAL F 311 34.31 -5.13 -2.02
CA VAL F 311 33.27 -6.10 -1.81
C VAL F 311 32.78 -6.67 -3.12
N VAL F 312 32.46 -7.95 -3.08
CA VAL F 312 31.93 -8.65 -4.23
C VAL F 312 30.79 -9.48 -3.69
N ALA F 313 29.63 -9.31 -4.30
CA ALA F 313 28.43 -10.03 -3.89
C ALA F 313 27.67 -10.57 -5.10
N GLY F 314 26.98 -11.68 -4.87
CA GLY F 314 26.21 -12.30 -5.93
C GLY F 314 24.74 -12.28 -5.58
N LEU F 315 23.91 -12.16 -6.61
CA LEU F 315 22.45 -12.15 -6.46
C LEU F 315 21.81 -12.92 -7.60
N GLN F 316 20.55 -13.27 -7.41
CA GLN F 316 19.81 -13.97 -8.45
C GLN F 316 18.59 -13.12 -8.86
N SER F 317 17.54 -13.10 -8.04
CA SER F 317 16.34 -12.30 -8.33
C SER F 317 16.38 -11.02 -7.48
N THR F 318 15.81 -9.93 -7.97
CA THR F 318 15.81 -8.70 -7.19
C THR F 318 14.84 -8.78 -6.04
N SER F 319 13.89 -9.70 -6.15
CA SER F 319 12.89 -9.91 -5.11
C SER F 319 13.48 -10.49 -3.82
N GLN F 320 14.58 -11.23 -3.95
CA GLN F 320 15.26 -11.84 -2.79
C GLN F 320 15.81 -10.77 -1.87
N LEU F 321 16.71 -9.94 -2.41
CA LEU F 321 17.33 -8.86 -1.65
C LEU F 321 16.27 -7.91 -1.10
N ASP F 322 15.29 -7.58 -1.94
CA ASP F 322 14.20 -6.69 -1.54
C ASP F 322 13.46 -7.26 -0.32
N ASP F 323 13.04 -8.52 -0.42
CA ASP F 323 12.32 -9.19 0.67
C ASP F 323 13.09 -9.12 1.99
N VAL F 324 14.42 -9.13 1.92
CA VAL F 324 15.27 -9.08 3.11
C VAL F 324 15.57 -7.70 3.67
N TYR F 325 16.11 -6.82 2.84
CA TYR F 325 16.45 -5.46 3.28
C TYR F 325 15.30 -4.46 3.20
N GLY F 326 14.33 -4.76 2.35
CA GLY F 326 13.21 -3.84 2.14
C GLY F 326 13.50 -3.17 0.80
N VAL F 327 12.47 -2.90 0.01
CA VAL F 327 12.64 -2.28 -1.31
C VAL F 327 13.54 -1.05 -1.33
N LYS F 328 13.27 -0.11 -0.41
CA LYS F 328 14.05 1.13 -0.31
C LYS F 328 15.51 0.81 0.02
N GLU F 329 15.69 0.07 1.10
CA GLU F 329 17.02 -0.32 1.58
C GLU F 329 17.81 -1.04 0.47
N ALA F 330 17.19 -2.07 -0.09
CA ALA F 330 17.78 -2.86 -1.15
C ALA F 330 18.27 -1.95 -2.26
N GLN F 331 17.44 -1.01 -2.70
CA GLN F 331 17.85 -0.09 -3.76
C GLN F 331 19.20 0.55 -3.42
N THR F 332 19.25 1.19 -2.26
CA THR F 332 20.47 1.86 -1.79
C THR F 332 21.67 0.91 -1.82
N LEU F 333 21.45 -0.26 -1.23
CA LEU F 333 22.48 -1.29 -1.14
C LEU F 333 23.08 -1.58 -2.52
N ARG F 334 22.24 -2.07 -3.44
CA ARG F 334 22.71 -2.40 -4.79
C ARG F 334 23.39 -1.20 -5.43
N ALA F 335 22.82 -0.03 -5.25
CA ALA F 335 23.37 1.20 -5.83
C ALA F 335 24.82 1.46 -5.45
N SER F 336 25.22 0.92 -4.30
CA SER F 336 26.59 1.10 -3.79
C SER F 336 27.71 0.36 -4.52
N PHE F 337 27.34 -0.68 -5.28
CA PHE F 337 28.31 -1.43 -6.07
C PHE F 337 28.35 -0.69 -7.40
N ARG F 338 29.51 -0.14 -7.72
CA ARG F 338 29.69 0.60 -8.97
C ARG F 338 29.88 -0.30 -10.21
N SER F 339 30.42 -1.50 -10.02
CA SER F 339 30.63 -2.39 -11.14
C SER F 339 29.63 -3.56 -11.10
N LEU F 340 29.12 -3.87 -12.30
CA LEU F 340 28.13 -4.93 -12.46
C LEU F 340 28.45 -6.01 -13.52
N VAL F 341 27.97 -7.23 -13.27
CA VAL F 341 28.12 -8.33 -14.20
C VAL F 341 26.81 -9.07 -14.30
N VAL F 342 26.27 -9.16 -15.51
CA VAL F 342 25.00 -9.83 -15.74
C VAL F 342 25.23 -11.22 -16.38
N LEU F 343 24.91 -12.26 -15.61
CA LEU F 343 25.12 -13.65 -16.07
C LEU F 343 23.99 -14.32 -16.82
N GLY F 344 22.86 -13.65 -16.96
CA GLY F 344 21.75 -14.27 -17.67
C GLY F 344 20.89 -15.10 -16.75
N GLY F 345 19.56 -14.97 -16.87
CA GLY F 345 18.64 -15.70 -16.01
C GLY F 345 17.47 -16.43 -16.66
N SER F 346 16.52 -16.85 -15.83
CA SER F 346 15.34 -17.61 -16.25
C SER F 346 14.31 -16.77 -17.00
N ARG F 347 13.61 -17.41 -17.93
CA ARG F 347 12.57 -16.71 -18.67
C ARG F 347 11.37 -16.57 -17.74
N THR F 348 11.36 -17.36 -16.66
CA THR F 348 10.27 -17.29 -15.69
C THR F 348 10.33 -16.03 -14.83
N ASP F 349 11.42 -15.28 -14.91
CA ASP F 349 11.51 -14.06 -14.11
C ASP F 349 11.72 -12.79 -14.94
N PRO F 350 10.69 -12.40 -15.70
CA PRO F 350 10.75 -11.21 -16.57
C PRO F 350 11.04 -9.90 -15.83
N LYS F 351 10.63 -9.81 -14.55
CA LYS F 351 10.87 -8.59 -13.80
C LYS F 351 12.35 -8.32 -13.63
N THR F 352 13.09 -9.31 -13.12
CA THR F 352 14.52 -9.12 -12.92
C THR F 352 15.18 -8.78 -14.26
N ASN F 353 14.88 -9.58 -15.28
CA ASN F 353 15.46 -9.40 -16.61
C ASN F 353 15.30 -7.97 -17.11
N GLU F 354 14.15 -7.39 -16.80
CA GLU F 354 13.87 -6.02 -17.19
C GLU F 354 14.79 -5.08 -16.41
N ASP F 355 14.99 -5.39 -15.14
CA ASP F 355 15.84 -4.60 -14.27
C ASP F 355 17.24 -4.56 -14.81
N MET F 356 17.77 -5.74 -15.10
CA MET F 356 19.12 -5.87 -15.62
C MET F 356 19.29 -5.20 -16.99
N SER F 357 18.28 -5.34 -17.83
CA SER F 357 18.29 -4.73 -19.16
C SER F 357 18.38 -3.21 -19.01
N LEU F 358 17.68 -2.71 -18.01
CA LEU F 358 17.63 -1.28 -17.72
C LEU F 358 18.94 -0.79 -17.12
N SER F 359 19.50 -1.60 -16.24
CA SER F 359 20.75 -1.26 -15.60
C SER F 359 21.85 -1.15 -16.64
N LEU F 360 21.85 -2.07 -17.62
CA LEU F 360 22.85 -2.05 -18.69
C LEU F 360 22.74 -0.72 -19.39
N GLY F 361 21.49 -0.24 -19.51
CA GLY F 361 21.23 1.06 -20.11
C GLY F 361 20.80 1.07 -21.56
N GLU F 362 20.37 2.24 -22.02
CA GLU F 362 19.93 2.45 -23.39
C GLU F 362 20.98 3.31 -24.05
N HIS F 363 20.81 3.57 -25.32
CA HIS F 363 21.73 4.40 -26.07
C HIS F 363 20.89 5.15 -27.10
N GLU F 364 21.45 6.21 -27.66
CA GLU F 364 20.72 6.95 -28.69
C GLU F 364 21.59 6.94 -29.94
N VAL F 365 21.02 6.38 -30.99
CA VAL F 365 21.73 6.21 -32.23
C VAL F 365 21.07 6.90 -33.42
N GLU F 366 21.79 6.94 -34.54
CA GLU F 366 21.33 7.52 -35.79
C GLU F 366 21.46 6.39 -36.85
N ARG F 367 20.35 6.05 -37.51
CA ARG F 367 20.34 4.97 -38.49
C ARG F 367 20.25 5.45 -39.94
N ASP F 368 19.89 4.53 -40.85
CA ASP F 368 19.81 4.82 -42.29
C ASP F 368 19.10 6.13 -42.63
N GLU F 385 16.03 6.70 -38.52
CA GLU F 385 16.84 7.92 -38.31
C GLU F 385 17.47 7.95 -36.90
N ARG F 386 16.85 8.62 -35.93
CA ARG F 386 17.43 8.62 -34.58
C ARG F 386 16.54 7.81 -33.63
N VAL F 387 17.14 6.84 -32.96
CA VAL F 387 16.40 5.97 -32.08
C VAL F 387 17.06 5.81 -30.73
N ARG F 388 16.23 5.62 -29.71
CA ARG F 388 16.73 5.38 -28.36
C ARG F 388 16.31 3.96 -28.10
N GLU F 389 17.25 3.12 -27.67
CA GLU F 389 16.92 1.73 -27.42
C GLU F 389 17.86 1.05 -26.44
N ARG F 390 17.36 -0.02 -25.82
CA ARG F 390 18.16 -0.76 -24.87
C ARG F 390 19.34 -1.41 -25.58
N VAL F 391 20.51 -1.25 -24.97
CA VAL F 391 21.70 -1.85 -25.52
C VAL F 391 21.50 -3.36 -25.48
N VAL F 392 21.01 -3.85 -24.35
CA VAL F 392 20.74 -5.28 -24.20
C VAL F 392 19.28 -5.46 -23.83
N MET F 393 18.60 -6.33 -24.58
CA MET F 393 17.20 -6.62 -24.34
C MET F 393 17.01 -7.58 -23.16
N PRO F 394 15.85 -7.52 -22.51
CA PRO F 394 15.63 -8.42 -21.38
C PRO F 394 15.66 -9.83 -21.93
N ALA F 395 15.16 -9.97 -23.15
CA ALA F 395 15.12 -11.25 -23.83
C ALA F 395 16.53 -11.81 -24.00
N GLU F 396 17.45 -10.96 -24.47
CA GLU F 396 18.84 -11.35 -24.70
C GLU F 396 19.44 -11.90 -23.42
N ILE F 397 19.06 -11.30 -22.30
CA ILE F 397 19.56 -11.72 -21.01
C ILE F 397 18.93 -13.06 -20.62
N ALA F 398 17.68 -13.28 -21.01
CA ALA F 398 17.01 -14.53 -20.69
C ALA F 398 17.50 -15.68 -21.57
N ASN F 399 17.90 -15.35 -22.81
CA ASN F 399 18.39 -16.36 -23.75
C ASN F 399 19.90 -16.58 -23.73
N LEU F 400 20.57 -16.06 -22.70
CA LEU F 400 22.01 -16.24 -22.61
C LEU F 400 22.37 -17.68 -22.29
N PRO F 401 23.49 -18.14 -22.86
CA PRO F 401 23.96 -19.51 -22.63
C PRO F 401 24.84 -19.43 -21.39
N ASP F 402 25.09 -20.57 -20.74
CA ASP F 402 25.92 -20.57 -19.54
C ASP F 402 27.30 -20.00 -19.86
N LEU F 403 28.03 -19.67 -18.80
CA LEU F 403 29.37 -19.14 -18.93
C LEU F 403 29.50 -18.00 -19.93
N THR F 404 28.48 -17.15 -19.97
CA THR F 404 28.46 -15.98 -20.84
C THR F 404 27.90 -14.86 -20.00
N ALA F 405 28.56 -13.71 -20.03
CA ALA F 405 28.13 -12.57 -19.22
C ALA F 405 28.51 -11.19 -19.75
N TYR F 406 27.63 -10.23 -19.49
CA TYR F 406 27.87 -8.87 -19.90
C TYR F 406 28.65 -8.22 -18.77
N VAL F 407 29.69 -7.47 -19.13
CA VAL F 407 30.50 -6.81 -18.10
C VAL F 407 30.50 -5.28 -18.23
N GLY F 408 30.01 -4.63 -17.17
CA GLY F 408 29.93 -3.19 -17.14
C GLY F 408 30.64 -2.65 -15.94
N PHE F 409 31.92 -2.37 -16.13
CA PHE F 409 32.75 -1.82 -15.06
C PHE F 409 32.28 -0.42 -14.71
N ALA F 410 32.53 -0.04 -13.45
CA ALA F 410 32.18 1.27 -12.93
C ALA F 410 32.78 2.40 -13.78
N GLY F 411 32.20 3.59 -13.67
CA GLY F 411 32.68 4.74 -14.42
C GLY F 411 32.29 4.80 -15.89
N ASN F 412 33.02 5.64 -16.61
CA ASN F 412 32.78 5.82 -18.03
C ASN F 412 33.46 4.75 -18.88
N ARG F 413 32.82 3.60 -19.00
CA ARG F 413 33.39 2.50 -19.77
C ARG F 413 32.32 1.77 -20.54
N PRO F 414 32.65 1.28 -21.74
CA PRO F 414 31.62 0.56 -22.48
C PRO F 414 31.42 -0.79 -21.77
N ILE F 415 30.46 -1.54 -22.27
CA ILE F 415 30.17 -2.85 -21.72
C ILE F 415 30.51 -3.83 -22.83
N ALA F 416 30.59 -5.10 -22.46
CA ALA F 416 30.92 -6.13 -23.43
C ALA F 416 30.43 -7.50 -23.00
N LYS F 417 30.05 -8.31 -23.98
CA LYS F 417 29.59 -9.66 -23.73
C LYS F 417 30.84 -10.55 -23.85
N VAL F 418 31.23 -11.17 -22.75
CA VAL F 418 32.41 -12.03 -22.73
C VAL F 418 32.10 -13.45 -22.25
N PRO F 419 32.89 -14.44 -22.72
CA PRO F 419 32.69 -15.83 -22.32
C PRO F 419 33.48 -16.15 -21.05
N LEU F 420 32.85 -16.89 -20.15
CA LEU F 420 33.47 -17.28 -18.90
C LEU F 420 34.08 -18.65 -19.14
N GLU F 421 35.38 -18.81 -18.87
CA GLU F 421 36.02 -20.10 -19.08
C GLU F 421 36.25 -20.86 -17.76
N ILE F 422 36.04 -22.17 -17.79
CA ILE F 422 36.20 -22.99 -16.60
C ILE F 422 37.65 -23.44 -16.38
N LYS F 423 38.45 -22.61 -15.73
CA LYS F 423 39.82 -23.01 -15.47
C LYS F 423 39.75 -24.05 -14.35
N GLN F 424 40.66 -25.02 -14.37
CA GLN F 424 40.69 -26.07 -13.36
C GLN F 424 41.63 -25.78 -12.19
N PHE F 425 41.15 -26.09 -10.98
CA PHE F 425 41.93 -25.86 -9.77
C PHE F 425 42.09 -27.14 -8.94
N ALA F 426 43.33 -27.46 -8.58
CA ALA F 426 43.63 -28.65 -7.80
C ALA F 426 43.30 -28.37 -6.32
N ASN F 427 42.86 -29.41 -5.62
CA ASN F 427 42.49 -29.27 -4.21
C ASN F 427 43.68 -29.37 -3.26
N ARG F 428 44.14 -28.22 -2.78
CA ARG F 428 45.26 -28.21 -1.86
C ARG F 428 44.86 -28.23 -0.39
N GLN F 429 43.75 -28.93 -0.09
CA GLN F 429 43.23 -29.08 1.27
C GLN F 429 41.80 -29.64 1.25
N PRO F 430 41.41 -30.32 2.33
CA PRO F 430 40.08 -30.91 2.46
C PRO F 430 39.07 -29.80 2.79
N ALA F 431 37.96 -29.77 2.07
CA ALA F 431 36.97 -28.73 2.32
C ALA F 431 36.45 -28.76 3.75
N PHE F 432 36.23 -29.97 4.28
CA PHE F 432 35.71 -30.10 5.65
C PHE F 432 36.50 -31.13 6.44
N VAL F 433 36.62 -30.87 7.74
CA VAL F 433 37.34 -31.78 8.63
C VAL F 433 36.49 -31.99 9.87
N GLU F 434 35.72 -33.06 9.83
CA GLU F 434 34.82 -33.43 10.92
C GLU F 434 35.40 -33.23 12.32
N GLY F 435 34.92 -32.20 13.02
CA GLY F 435 35.40 -31.97 14.37
C GLY F 435 34.40 -32.59 15.32
PG ANP G . -8.59 -32.37 -15.41
O1G ANP G . -9.01 -33.24 -14.26
O2G ANP G . -9.41 -31.09 -15.37
O3G ANP G . -8.76 -33.04 -16.73
PB ANP G . -5.88 -31.10 -16.02
O1B ANP G . -6.26 -29.70 -15.98
O2B ANP G . -4.47 -31.43 -15.63
N3B ANP G . -6.91 -32.04 -15.04
PA ANP G . -5.64 -32.98 -18.10
O1A ANP G . -4.19 -32.88 -18.29
O2A ANP G . -6.19 -34.14 -17.28
O3A ANP G . -6.18 -31.69 -17.47
O5' ANP G . -6.30 -33.00 -19.45
C5' ANP G . -7.71 -33.09 -19.51
C4' ANP G . -8.17 -33.21 -20.88
O4' ANP G . -7.64 -34.24 -21.64
C3' ANP G . -9.71 -33.38 -20.92
O3' ANP G . -10.36 -32.11 -21.14
C2' ANP G . -9.97 -34.38 -22.06
O2' ANP G . -10.38 -33.79 -23.26
C1' ANP G . -8.64 -35.08 -22.20
N9 ANP G . -8.65 -36.43 -21.55
C8 ANP G . -7.90 -36.79 -20.33
N7 ANP G . -8.12 -38.06 -20.02
C5 ANP G . -9.05 -38.55 -21.07
C6 ANP G . -9.65 -39.89 -21.25
N6 ANP G . -9.49 -41.08 -20.47
N1 ANP G . -10.48 -39.93 -22.38
C2 ANP G . -10.64 -38.79 -23.14
N3 ANP G . -10.16 -37.59 -23.05
C4 ANP G . -9.33 -37.54 -21.95
CL CL H . 25.09 20.69 38.38
PG ANP I . -34.02 -6.25 -13.56
O1G ANP I . -34.94 -6.54 -12.41
O2G ANP I . -33.32 -4.91 -13.31
O3G ANP I . -34.71 -6.23 -14.88
PB ANP I . -31.56 -7.83 -14.48
O1B ANP I . -30.57 -6.78 -14.32
O2B ANP I . -31.10 -9.24 -14.30
N3B ANP I . -32.87 -7.59 -13.43
PA ANP I . -33.09 -8.68 -16.75
O1A ANP I . -32.24 -9.79 -17.20
O2A ANP I . -34.34 -8.99 -15.94
O3A ANP I . -32.27 -7.65 -15.92
O5' ANP I . -33.47 -7.88 -17.96
C5' ANP I . -34.29 -6.74 -17.77
C4' ANP I . -34.67 -6.14 -19.05
O4' ANP I . -35.13 -6.99 -20.04
C3' ANP I . -35.76 -5.06 -18.84
O3' ANP I . -35.19 -3.75 -18.60
C2' ANP I . -36.57 -5.13 -20.15
O2' ANP I . -36.13 -4.24 -21.13
C1' ANP I . -36.39 -6.56 -20.54
N9 ANP I . -37.52 -7.43 -20.02
C8 ANP I . -37.40 -8.47 -18.98
N7 ANP I . -38.56 -9.04 -18.76
C5 ANP I . -39.50 -8.34 -19.68
C6 ANP I . -40.94 -8.55 -19.88
N6 ANP I . -41.83 -9.48 -19.25
N1 ANP I . -41.44 -7.67 -20.86
C2 ANP I . -40.58 -6.78 -21.47
N3 ANP I . -39.33 -6.54 -21.36
C4 ANP I . -38.82 -7.40 -20.40
PG ANP J . -23.81 27.75 -5.37
O1G ANP J . -24.41 28.10 -4.05
O2G ANP J . -22.29 27.77 -5.23
O3G ANP J . -24.24 28.65 -6.47
PB ANP J . -24.07 25.12 -6.96
O1B ANP J . -22.66 24.84 -7.07
O2B ANP J . -24.99 23.94 -6.91
N3B ANP J . -24.39 26.09 -5.60
PA ANP J . -25.92 26.35 -8.74
O1A ANP J . -26.41 25.15 -9.42
O2A ANP J . -26.75 26.97 -7.64
O3A ANP J . -24.51 26.11 -8.15
O5' ANP J . -25.63 27.40 -9.77
C5' ANP J . -25.13 28.66 -9.34
C4' ANP J . -24.83 29.52 -10.49
O4' ANP J . -25.81 29.62 -11.46
C3' ANP J . -24.54 30.97 -10.02
O3' ANP J . -23.13 31.17 -9.78
C2' ANP J . -25.09 31.84 -11.18
O2' ANP J . -24.16 32.20 -12.16
C1' ANP J . -26.18 30.97 -11.74
N9 ANP J . -27.52 31.28 -11.14
C8 ANP J . -28.35 30.33 -10.39
N7 ANP J . -29.48 30.90 -10.01
C5 ANP J . -29.39 32.29 -10.53
C6 ANP J . -30.34 33.41 -10.44
N6 ANP J . -31.63 33.43 -9.80
N1 ANP J . -29.86 34.55 -11.07
C2 ANP J . -28.63 34.51 -11.70
N3 ANP J . -27.73 33.60 -11.83
C4 ANP J . -28.20 32.46 -11.21
PG ANP K . 10.85 35.90 0.41
O1G ANP K . 11.02 36.19 1.86
O2G ANP K . 11.77 34.74 0.03
O3G ANP K . 11.14 37.07 -0.45
PB ANP K . 8.36 34.97 -1.10
O1B ANP K . 8.71 33.61 -1.49
O2B ANP K . 6.92 35.27 -0.91
N3B ANP K . 9.16 35.42 0.32
PA ANP K . 8.61 37.47 -2.40
O1A ANP K . 7.25 37.59 -2.91
O2A ANP K . 8.99 38.23 -1.14
O3A ANP K . 8.98 36.00 -2.16
O5' ANP K . 9.56 37.87 -3.50
C5' ANP K . 10.98 37.84 -3.30
C4' ANP K . 11.67 38.57 -4.38
O4' ANP K . 11.05 39.70 -4.88
C3' ANP K . 13.10 39.00 -3.97
O3' ANP K . 14.07 38.02 -4.35
C2' ANP K . 13.31 40.33 -4.70
O2' ANP K . 14.00 40.21 -5.92
C1' ANP K . 11.91 40.81 -4.88
N9 ANP K . 11.53 41.79 -3.80
C8 ANP K . 10.57 41.55 -2.71
N7 ANP K . 10.47 42.61 -1.95
C5 ANP K . 11.41 43.60 -2.56
C6 ANP K . 11.74 44.98 -2.15
N6 ANP K . 11.24 45.76 -1.04
N1 ANP K . 12.67 45.56 -3.01
C2 ANP K . 13.15 44.82 -4.07
N3 ANP K . 12.92 43.63 -4.50
C4 ANP K . 12.00 43.05 -3.66
PG ANP L . 35.88 9.40 -1.18
O1G ANP L . 36.44 9.27 0.20
O2G ANP L . 35.13 8.13 -1.53
O3G ANP L . 36.92 9.69 -2.21
PB ANP L . 33.85 11.39 -2.23
O1B ANP L . 32.89 10.40 -2.70
O2B ANP L . 33.31 12.70 -1.77
N3B ANP L . 34.77 10.75 -0.97
PA ANP L . 36.00 12.80 -3.49
O1A ANP L . 35.30 14.04 -3.81
O2A ANP L . 36.89 12.74 -2.27
O3A ANP L . 34.99 11.63 -3.35
O5' ANP L . 36.82 12.41 -4.70
C5' ANP L . 37.61 11.22 -4.67
C4' ANP L . 38.31 10.99 -5.94
O4' ANP L . 38.98 12.06 -6.53
C3' ANP L . 39.33 9.84 -5.82
O3' ANP L . 38.73 8.56 -6.06
C2' ANP L . 40.40 10.21 -6.86
O2' ANP L . 40.19 9.64 -8.12
C1' ANP L . 40.32 11.72 -6.86
N9 ANP L . 41.31 12.32 -5.91
C8 ANP L . 41.00 12.87 -4.59
N7 ANP L . 42.09 13.32 -4.02
C5 ANP L . 43.18 13.04 -5.00
C6 ANP L . 44.63 13.33 -4.92
N6 ANP L . 45.40 13.93 -3.86
N1 ANP L . 45.30 12.92 -6.07
C2 ANP L . 44.58 12.33 -7.09
N3 ANP L . 43.33 12.05 -7.24
C4 ANP L . 42.66 12.46 -6.11
PG ANP M . 26.33 -24.90 -9.20
O1G ANP M . 26.55 -25.79 -8.01
O2G ANP M . 24.87 -25.00 -9.63
O3G ANP M . 27.22 -25.22 -10.34
PB ANP M . 26.54 -21.92 -9.43
O1B ANP M . 25.14 -21.58 -9.63
O2B ANP M . 27.40 -20.88 -8.79
N3B ANP M . 26.65 -23.33 -8.52
PA ANP M . 28.67 -22.51 -11.26
O1A ANP M . 29.32 -21.20 -11.28
O2A ANP M . 29.26 -23.61 -10.39
O3A ANP M . 27.18 -22.38 -10.85
O5' ANP M . 28.57 -23.00 -12.69
C5' ANP M . 27.97 -24.26 -12.98
C4' ANP M . 28.23 -24.66 -14.38
O4' ANP M . 29.53 -24.55 -14.85
C3' ANP M . 27.80 -26.13 -14.64
O3' ANP M . 26.43 -26.21 -15.11
C2' ANP M . 28.81 -26.63 -15.68
O2' ANP M . 28.36 -26.55 -17.00
C1' ANP M . 30.00 -25.76 -15.40
N9 ANP M . 30.98 -26.44 -14.48
C8 ANP M . 31.24 -26.07 -13.09
N7 ANP M . 32.14 -26.87 -12.55
C5 ANP M . 32.50 -27.82 -13.66
C6 ANP M . 33.46 -28.94 -13.67
N6 ANP M . 34.31 -29.43 -12.62
N1 ANP M . 33.47 -29.56 -14.92
C2 ANP M . 32.65 -29.10 -15.93
N3 ANP M . 31.80 -28.13 -16.01
C4 ANP M . 31.77 -27.51 -14.77
#